data_1CSZ
# 
_entry.id   1CSZ 
# 
_audit_conform.dict_name       mmcif_pdbx.dic 
_audit_conform.dict_version    5.398 
_audit_conform.dict_location   http://mmcif.pdb.org/dictionaries/ascii/mmcif_pdbx.dic 
# 
loop_
_database_2.database_id 
_database_2.database_code 
_database_2.pdbx_database_accession 
_database_2.pdbx_DOI 
PDB   1CSZ         pdb_00001csz 10.2210/pdb1csz/pdb 
WWPDB D_1000172512 ?            ?                   
# 
loop_
_pdbx_audit_revision_history.ordinal 
_pdbx_audit_revision_history.data_content_type 
_pdbx_audit_revision_history.major_revision 
_pdbx_audit_revision_history.minor_revision 
_pdbx_audit_revision_history.revision_date 
1 'Structure model' 1 0 1996-11-08 
2 'Structure model' 1 1 2008-03-24 
3 'Structure model' 1 2 2011-07-13 
4 'Structure model' 1 3 2012-02-22 
5 'Structure model' 1 4 2024-06-05 
6 'Structure model' 1 5 2024-10-30 
# 
_pdbx_audit_revision_details.ordinal             1 
_pdbx_audit_revision_details.revision_ordinal    1 
_pdbx_audit_revision_details.data_content_type   'Structure model' 
_pdbx_audit_revision_details.provider            repository 
_pdbx_audit_revision_details.type                'Initial release' 
_pdbx_audit_revision_details.description         ? 
_pdbx_audit_revision_details.details             ? 
# 
loop_
_pdbx_audit_revision_group.ordinal 
_pdbx_audit_revision_group.revision_ordinal 
_pdbx_audit_revision_group.data_content_type 
_pdbx_audit_revision_group.group 
1 2 'Structure model' 'Version format compliance' 
2 3 'Structure model' 'Version format compliance' 
3 4 'Structure model' 'Database references'       
4 4 'Structure model' 'Derived calculations'      
5 5 'Structure model' 'Data collection'           
6 5 'Structure model' 'Database references'       
7 5 'Structure model' 'Derived calculations'      
8 5 'Structure model' Other                       
9 6 'Structure model' 'Structure summary'         
# 
loop_
_pdbx_audit_revision_category.ordinal 
_pdbx_audit_revision_category.revision_ordinal 
_pdbx_audit_revision_category.data_content_type 
_pdbx_audit_revision_category.category 
1 5 'Structure model' chem_comp_atom            
2 5 'Structure model' chem_comp_bond            
3 5 'Structure model' database_2                
4 5 'Structure model' pdbx_database_status      
5 5 'Structure model' struct_conn               
6 5 'Structure model' struct_site               
7 6 'Structure model' pdbx_entry_details        
8 6 'Structure model' pdbx_modification_feature 
# 
loop_
_pdbx_audit_revision_item.ordinal 
_pdbx_audit_revision_item.revision_ordinal 
_pdbx_audit_revision_item.data_content_type 
_pdbx_audit_revision_item.item 
1  5 'Structure model' '_database_2.pdbx_DOI'                
2  5 'Structure model' '_database_2.pdbx_database_accession' 
3  5 'Structure model' '_pdbx_database_status.process_site'  
4  5 'Structure model' '_struct_conn.pdbx_leaving_atom_flag' 
5  5 'Structure model' '_struct_conn.ptnr1_auth_comp_id'     
6  5 'Structure model' '_struct_conn.ptnr1_auth_seq_id'      
7  5 'Structure model' '_struct_conn.ptnr1_label_atom_id'    
8  5 'Structure model' '_struct_conn.ptnr1_label_comp_id'    
9  5 'Structure model' '_struct_conn.ptnr1_label_seq_id'     
10 5 'Structure model' '_struct_conn.ptnr2_auth_comp_id'     
11 5 'Structure model' '_struct_conn.ptnr2_auth_seq_id'      
12 5 'Structure model' '_struct_conn.ptnr2_label_atom_id'    
13 5 'Structure model' '_struct_conn.ptnr2_label_comp_id'    
14 5 'Structure model' '_struct_conn.ptnr2_label_seq_id'     
15 5 'Structure model' '_struct_site.pdbx_auth_asym_id'      
16 5 'Structure model' '_struct_site.pdbx_auth_comp_id'      
17 5 'Structure model' '_struct_site.pdbx_auth_seq_id'       
# 
_pdbx_database_status.status_code                     REL 
_pdbx_database_status.entry_id                        1CSZ 
_pdbx_database_status.recvd_initial_deposition_date   1995-10-03 
_pdbx_database_status.deposit_site                    ? 
_pdbx_database_status.process_site                    BNL 
_pdbx_database_status.SG_entry                        . 
_pdbx_database_status.status_code_sf                  ? 
_pdbx_database_status.status_code_mr                  ? 
_pdbx_database_status.status_code_cs                  ? 
_pdbx_database_status.methods_development_category    ? 
_pdbx_database_status.pdb_format_compatible           Y 
_pdbx_database_status.status_code_nmr_data            ? 
# 
_pdbx_database_related.db_name        PDB 
_pdbx_database_related.db_id          1CSY 
_pdbx_database_related.details        . 
_pdbx_database_related.content_type   ensemble 
# 
loop_
_audit_author.name 
_audit_author.pdbx_ordinal 
'Narula, S.S.'   1  
'Yuan, R.W.'     2  
'Adams, S.E.'    3  
'Green, O.M.'    4  
'Green, J.'      5  
'Phillips, T.B.' 6  
'Zydowsky, L.D.' 7  
'Botfield, M.C.' 8  
'Hatada, M.H.'   9  
'Laird, E.R.'    10 
'Zoller, M.J.'   11 
'Karas, J.L.'    12 
'Dalgarno, D.C.' 13 
# 
_citation.id                        primary 
_citation.title                     
'Solution structure of the C-terminal SH2 domain of the human tyrosine kinase Syk complexed with a phosphotyrosine pentapeptide.' 
_citation.journal_abbrev            Structure 
_citation.journal_volume            3 
_citation.page_first                1061 
_citation.page_last                 1073 
_citation.year                      1995 
_citation.journal_id_ASTM           STRUE6 
_citation.country                   UK 
_citation.journal_id_ISSN           0969-2126 
_citation.journal_id_CSD            2005 
_citation.book_publisher            ? 
_citation.pdbx_database_id_PubMed   8590001 
_citation.pdbx_database_id_DOI      '10.1016/S0969-2126(01)00242-8' 
# 
loop_
_citation_author.citation_id 
_citation_author.name 
_citation_author.ordinal 
_citation_author.identifier_ORCID 
primary 'Narula, S.S.'   1  ? 
primary 'Yuan, R.W.'     2  ? 
primary 'Adams, S.E.'    3  ? 
primary 'Green, O.M.'    4  ? 
primary 'Green, J.'      5  ? 
primary 'Philips, T.B.'  6  ? 
primary 'Zydowsky, L.D.' 7  ? 
primary 'Botfield, M.C.' 8  ? 
primary 'Hatada, M.'     9  ? 
primary 'Laird, E.R.'    10 ? 
primary 'Zoller, M.J.'   11 ? 
primary 'Karas, J.L.'    12 ? 
primary 'Dalgarno, D.C.' 13 ? 
# 
loop_
_entity.id 
_entity.type 
_entity.src_method 
_entity.pdbx_description 
_entity.formula_weight 
_entity.pdbx_number_of_molecules 
_entity.pdbx_ec 
_entity.pdbx_mutation 
_entity.pdbx_fragment 
_entity.details 
1 polymer man 'SYK PROTEIN TYROSINE KINASE'  12734.667 1 2.7.1.112 ? 'C-TERMINAL SH2 DOMAIN' ? 
2 polymer man ACETYL-THR-PTR-GLU-THR-LEU-NH2 729.693   1 ?         ? ?                       
'THE LIGAND IS A PHOSPHOTYROSINE CONTAINING PEPTIDE DERIVED FROM THE HIGH-AFFINITY IGE RECEPTOR' 
# 
loop_
_entity_poly.entity_id 
_entity_poly.type 
_entity_poly.nstd_linkage 
_entity_poly.nstd_monomer 
_entity_poly.pdbx_seq_one_letter_code 
_entity_poly.pdbx_seq_one_letter_code_can 
_entity_poly.pdbx_strand_id 
_entity_poly.pdbx_target_identifier 
1 'polypeptide(L)' no no  
;GSRRASVGSHEKMPWFHGKISREESEQIVLIGSKTNGKFLIRARDNNGSYALCLLHEGKVLHYRIDKDKTGKLSIPEGKK
FDTLWQLVEHYSYKADGLLRVLTVPCQKIGTQ
;
;GSRRASVGSHEKMPWFHGKISREESEQIVLIGSKTNGKFLIRARDNNGSYALCLLHEGKVLHYRIDKDKTGKLSIPEGKK
FDTLWQLVEHYSYKADGLLRVLTVPCQKIGTQ
;
A ? 
2 'polypeptide(L)' no yes '(ACE)T(PTR)ETL(NH2)' XTYETLX B ? 
# 
loop_
_entity_poly_seq.entity_id 
_entity_poly_seq.num 
_entity_poly_seq.mon_id 
_entity_poly_seq.hetero 
1 1   GLY n 
1 2   SER n 
1 3   ARG n 
1 4   ARG n 
1 5   ALA n 
1 6   SER n 
1 7   VAL n 
1 8   GLY n 
1 9   SER n 
1 10  HIS n 
1 11  GLU n 
1 12  LYS n 
1 13  MET n 
1 14  PRO n 
1 15  TRP n 
1 16  PHE n 
1 17  HIS n 
1 18  GLY n 
1 19  LYS n 
1 20  ILE n 
1 21  SER n 
1 22  ARG n 
1 23  GLU n 
1 24  GLU n 
1 25  SER n 
1 26  GLU n 
1 27  GLN n 
1 28  ILE n 
1 29  VAL n 
1 30  LEU n 
1 31  ILE n 
1 32  GLY n 
1 33  SER n 
1 34  LYS n 
1 35  THR n 
1 36  ASN n 
1 37  GLY n 
1 38  LYS n 
1 39  PHE n 
1 40  LEU n 
1 41  ILE n 
1 42  ARG n 
1 43  ALA n 
1 44  ARG n 
1 45  ASP n 
1 46  ASN n 
1 47  ASN n 
1 48  GLY n 
1 49  SER n 
1 50  TYR n 
1 51  ALA n 
1 52  LEU n 
1 53  CYS n 
1 54  LEU n 
1 55  LEU n 
1 56  HIS n 
1 57  GLU n 
1 58  GLY n 
1 59  LYS n 
1 60  VAL n 
1 61  LEU n 
1 62  HIS n 
1 63  TYR n 
1 64  ARG n 
1 65  ILE n 
1 66  ASP n 
1 67  LYS n 
1 68  ASP n 
1 69  LYS n 
1 70  THR n 
1 71  GLY n 
1 72  LYS n 
1 73  LEU n 
1 74  SER n 
1 75  ILE n 
1 76  PRO n 
1 77  GLU n 
1 78  GLY n 
1 79  LYS n 
1 80  LYS n 
1 81  PHE n 
1 82  ASP n 
1 83  THR n 
1 84  LEU n 
1 85  TRP n 
1 86  GLN n 
1 87  LEU n 
1 88  VAL n 
1 89  GLU n 
1 90  HIS n 
1 91  TYR n 
1 92  SER n 
1 93  TYR n 
1 94  LYS n 
1 95  ALA n 
1 96  ASP n 
1 97  GLY n 
1 98  LEU n 
1 99  LEU n 
1 100 ARG n 
1 101 VAL n 
1 102 LEU n 
1 103 THR n 
1 104 VAL n 
1 105 PRO n 
1 106 CYS n 
1 107 GLN n 
1 108 LYS n 
1 109 ILE n 
1 110 GLY n 
1 111 THR n 
1 112 GLN n 
2 1   ACE n 
2 2   THR n 
2 3   PTR n 
2 4   GLU n 
2 5   THR n 
2 6   LEU n 
2 7   NH2 n 
# 
loop_
_entity_src_gen.entity_id 
_entity_src_gen.pdbx_src_id 
_entity_src_gen.pdbx_alt_source_flag 
_entity_src_gen.pdbx_seq_type 
_entity_src_gen.pdbx_beg_seq_num 
_entity_src_gen.pdbx_end_seq_num 
_entity_src_gen.gene_src_common_name 
_entity_src_gen.gene_src_genus 
_entity_src_gen.pdbx_gene_src_gene 
_entity_src_gen.gene_src_species 
_entity_src_gen.gene_src_strain 
_entity_src_gen.gene_src_tissue 
_entity_src_gen.gene_src_tissue_fraction 
_entity_src_gen.gene_src_details 
_entity_src_gen.pdbx_gene_src_fragment 
_entity_src_gen.pdbx_gene_src_scientific_name 
_entity_src_gen.pdbx_gene_src_ncbi_taxonomy_id 
_entity_src_gen.pdbx_gene_src_variant 
_entity_src_gen.pdbx_gene_src_cell_line 
_entity_src_gen.pdbx_gene_src_atcc 
_entity_src_gen.pdbx_gene_src_organ 
_entity_src_gen.pdbx_gene_src_organelle 
_entity_src_gen.pdbx_gene_src_cell 
_entity_src_gen.pdbx_gene_src_cellular_location 
_entity_src_gen.host_org_common_name 
_entity_src_gen.pdbx_host_org_scientific_name 
_entity_src_gen.pdbx_host_org_ncbi_taxonomy_id 
_entity_src_gen.host_org_genus 
_entity_src_gen.pdbx_host_org_gene 
_entity_src_gen.pdbx_host_org_organ 
_entity_src_gen.host_org_species 
_entity_src_gen.pdbx_host_org_tissue 
_entity_src_gen.pdbx_host_org_tissue_fraction 
_entity_src_gen.pdbx_host_org_strain 
_entity_src_gen.pdbx_host_org_variant 
_entity_src_gen.pdbx_host_org_cell_line 
_entity_src_gen.pdbx_host_org_atcc 
_entity_src_gen.pdbx_host_org_culture_collection 
_entity_src_gen.pdbx_host_org_cell 
_entity_src_gen.pdbx_host_org_organelle 
_entity_src_gen.pdbx_host_org_cellular_location 
_entity_src_gen.pdbx_host_org_vector_type 
_entity_src_gen.pdbx_host_org_vector 
_entity_src_gen.host_org_details 
_entity_src_gen.expression_system_id 
_entity_src_gen.plasmid_name 
_entity_src_gen.plasmid_details 
_entity_src_gen.pdbx_description 
1 1 sample ? ? ? human Homo ? ? ? ? ? ? ? 'Homo sapiens' 9606 ? BL21 ? ? ? ? ? ? 'Escherichia coli BL21(DE3)' 469008 Escherichia ? 
? 'Escherichia coli' ? ? 'BL21 (DE3)' ? ? ? ? ? ? ? ? ? ? ? BL21 ? ?                                               
2 1 sample ? ? ? human Homo ? ? ? ? ? ? ? 'Homo sapiens' 9606 ? ?    ? ? ? ? ? ? 'Escherichia coli BL21(DE3)' 469008 Escherichia ? 
? 'Escherichia coli' ? ? 'BL21 (DE3)' ? ? ? ? ? ? ? ? ? ? ? ?    ? 'RECOMBINANT CONSTRUCT ADDED TO PROTEIN DOMAIN' 
# 
loop_
_chem_comp.id 
_chem_comp.type 
_chem_comp.mon_nstd_flag 
_chem_comp.name 
_chem_comp.pdbx_synonyms 
_chem_comp.formula 
_chem_comp.formula_weight 
ACE non-polymer         . 'ACETYL GROUP'    ?                 'C2 H4 O'        44.053  
ALA 'L-peptide linking' y ALANINE           ?                 'C3 H7 N O2'     89.093  
ARG 'L-peptide linking' y ARGININE          ?                 'C6 H15 N4 O2 1' 175.209 
ASN 'L-peptide linking' y ASPARAGINE        ?                 'C4 H8 N2 O3'    132.118 
ASP 'L-peptide linking' y 'ASPARTIC ACID'   ?                 'C4 H7 N O4'     133.103 
CYS 'L-peptide linking' y CYSTEINE          ?                 'C3 H7 N O2 S'   121.158 
GLN 'L-peptide linking' y GLUTAMINE         ?                 'C5 H10 N2 O3'   146.144 
GLU 'L-peptide linking' y 'GLUTAMIC ACID'   ?                 'C5 H9 N O4'     147.129 
GLY 'peptide linking'   y GLYCINE           ?                 'C2 H5 N O2'     75.067  
HIS 'L-peptide linking' y HISTIDINE         ?                 'C6 H10 N3 O2 1' 156.162 
ILE 'L-peptide linking' y ISOLEUCINE        ?                 'C6 H13 N O2'    131.173 
LEU 'L-peptide linking' y LEUCINE           ?                 'C6 H13 N O2'    131.173 
LYS 'L-peptide linking' y LYSINE            ?                 'C6 H15 N2 O2 1' 147.195 
MET 'L-peptide linking' y METHIONINE        ?                 'C5 H11 N O2 S'  149.211 
NH2 non-polymer         . 'AMINO GROUP'     ?                 'H2 N'           16.023  
PHE 'L-peptide linking' y PHENYLALANINE     ?                 'C9 H11 N O2'    165.189 
PRO 'L-peptide linking' y PROLINE           ?                 'C5 H9 N O2'     115.130 
PTR 'L-peptide linking' n O-PHOSPHOTYROSINE PHOSPHONOTYROSINE 'C9 H12 N O6 P'  261.168 
SER 'L-peptide linking' y SERINE            ?                 'C3 H7 N O3'     105.093 
THR 'L-peptide linking' y THREONINE         ?                 'C4 H9 N O3'     119.119 
TRP 'L-peptide linking' y TRYPTOPHAN        ?                 'C11 H12 N2 O2'  204.225 
TYR 'L-peptide linking' y TYROSINE          ?                 'C9 H11 N O3'    181.189 
VAL 'L-peptide linking' y VALINE            ?                 'C5 H11 N O2'    117.146 
# 
loop_
_pdbx_poly_seq_scheme.asym_id 
_pdbx_poly_seq_scheme.entity_id 
_pdbx_poly_seq_scheme.seq_id 
_pdbx_poly_seq_scheme.mon_id 
_pdbx_poly_seq_scheme.ndb_seq_num 
_pdbx_poly_seq_scheme.pdb_seq_num 
_pdbx_poly_seq_scheme.auth_seq_num 
_pdbx_poly_seq_scheme.pdb_mon_id 
_pdbx_poly_seq_scheme.auth_mon_id 
_pdbx_poly_seq_scheme.pdb_strand_id 
_pdbx_poly_seq_scheme.pdb_ins_code 
_pdbx_poly_seq_scheme.hetero 
A 1 1   GLY 1   1   1   GLY GLY A . n 
A 1 2   SER 2   2   2   SER SER A . n 
A 1 3   ARG 3   3   3   ARG ARG A . n 
A 1 4   ARG 4   4   4   ARG ARG A . n 
A 1 5   ALA 5   5   5   ALA ALA A . n 
A 1 6   SER 6   6   6   SER SER A . n 
A 1 7   VAL 7   7   7   VAL VAL A . n 
A 1 8   GLY 8   8   8   GLY GLY A . n 
A 1 9   SER 9   9   9   SER SER A . n 
A 1 10  HIS 10  10  10  HIS HIS A . n 
A 1 11  GLU 11  11  11  GLU GLU A . n 
A 1 12  LYS 12  12  12  LYS LYS A . n 
A 1 13  MET 13  13  13  MET MET A . n 
A 1 14  PRO 14  14  14  PRO PRO A . n 
A 1 15  TRP 15  15  15  TRP TRP A . n 
A 1 16  PHE 16  16  16  PHE PHE A . n 
A 1 17  HIS 17  17  17  HIS HIS A . n 
A 1 18  GLY 18  18  18  GLY GLY A . n 
A 1 19  LYS 19  19  19  LYS LYS A . n 
A 1 20  ILE 20  20  20  ILE ILE A . n 
A 1 21  SER 21  21  21  SER SER A . n 
A 1 22  ARG 22  22  22  ARG ARG A . n 
A 1 23  GLU 23  23  23  GLU GLU A . n 
A 1 24  GLU 24  24  24  GLU GLU A . n 
A 1 25  SER 25  25  25  SER SER A . n 
A 1 26  GLU 26  26  26  GLU GLU A . n 
A 1 27  GLN 27  27  27  GLN GLN A . n 
A 1 28  ILE 28  28  28  ILE ILE A . n 
A 1 29  VAL 29  29  29  VAL VAL A . n 
A 1 30  LEU 30  30  30  LEU LEU A . n 
A 1 31  ILE 31  31  31  ILE ILE A . n 
A 1 32  GLY 32  32  32  GLY GLY A . n 
A 1 33  SER 33  33  33  SER SER A . n 
A 1 34  LYS 34  34  34  LYS LYS A . n 
A 1 35  THR 35  35  35  THR THR A . n 
A 1 36  ASN 36  36  36  ASN ASN A . n 
A 1 37  GLY 37  37  37  GLY GLY A . n 
A 1 38  LYS 38  38  38  LYS LYS A . n 
A 1 39  PHE 39  39  39  PHE PHE A . n 
A 1 40  LEU 40  40  40  LEU LEU A . n 
A 1 41  ILE 41  41  41  ILE ILE A . n 
A 1 42  ARG 42  42  42  ARG ARG A . n 
A 1 43  ALA 43  43  43  ALA ALA A . n 
A 1 44  ARG 44  44  44  ARG ARG A . n 
A 1 45  ASP 45  45  45  ASP ASP A . n 
A 1 46  ASN 46  46  46  ASN ASN A . n 
A 1 47  ASN 47  47  47  ASN ASN A . n 
A 1 48  GLY 48  48  48  GLY GLY A . n 
A 1 49  SER 49  49  49  SER SER A . n 
A 1 50  TYR 50  50  50  TYR TYR A . n 
A 1 51  ALA 51  51  51  ALA ALA A . n 
A 1 52  LEU 52  52  52  LEU LEU A . n 
A 1 53  CYS 53  53  53  CYS CYS A . n 
A 1 54  LEU 54  54  54  LEU LEU A . n 
A 1 55  LEU 55  55  55  LEU LEU A . n 
A 1 56  HIS 56  56  56  HIS HIS A . n 
A 1 57  GLU 57  57  57  GLU GLU A . n 
A 1 58  GLY 58  58  58  GLY GLY A . n 
A 1 59  LYS 59  59  59  LYS LYS A . n 
A 1 60  VAL 60  60  60  VAL VAL A . n 
A 1 61  LEU 61  61  61  LEU LEU A . n 
A 1 62  HIS 62  62  62  HIS HIS A . n 
A 1 63  TYR 63  63  63  TYR TYR A . n 
A 1 64  ARG 64  64  64  ARG ARG A . n 
A 1 65  ILE 65  65  65  ILE ILE A . n 
A 1 66  ASP 66  66  66  ASP ASP A . n 
A 1 67  LYS 67  67  67  LYS LYS A . n 
A 1 68  ASP 68  68  68  ASP ASP A . n 
A 1 69  LYS 69  69  69  LYS LYS A . n 
A 1 70  THR 70  70  70  THR THR A . n 
A 1 71  GLY 71  71  71  GLY GLY A . n 
A 1 72  LYS 72  72  72  LYS LYS A . n 
A 1 73  LEU 73  73  73  LEU LEU A . n 
A 1 74  SER 74  74  74  SER SER A . n 
A 1 75  ILE 75  75  75  ILE ILE A . n 
A 1 76  PRO 76  76  76  PRO PRO A . n 
A 1 77  GLU 77  77  77  GLU GLU A . n 
A 1 78  GLY 78  78  78  GLY GLY A . n 
A 1 79  LYS 79  79  79  LYS LYS A . n 
A 1 80  LYS 80  80  80  LYS LYS A . n 
A 1 81  PHE 81  81  81  PHE PHE A . n 
A 1 82  ASP 82  82  82  ASP ASP A . n 
A 1 83  THR 83  83  83  THR THR A . n 
A 1 84  LEU 84  84  84  LEU LEU A . n 
A 1 85  TRP 85  85  85  TRP TRP A . n 
A 1 86  GLN 86  86  86  GLN GLN A . n 
A 1 87  LEU 87  87  87  LEU LEU A . n 
A 1 88  VAL 88  88  88  VAL VAL A . n 
A 1 89  GLU 89  89  89  GLU GLU A . n 
A 1 90  HIS 90  90  90  HIS HIS A . n 
A 1 91  TYR 91  91  91  TYR TYR A . n 
A 1 92  SER 92  92  92  SER SER A . n 
A 1 93  TYR 93  93  93  TYR TYR A . n 
A 1 94  LYS 94  94  94  LYS LYS A . n 
A 1 95  ALA 95  95  95  ALA ALA A . n 
A 1 96  ASP 96  96  96  ASP ASP A . n 
A 1 97  GLY 97  97  97  GLY GLY A . n 
A 1 98  LEU 98  98  98  LEU LEU A . n 
A 1 99  LEU 99  99  99  LEU LEU A . n 
A 1 100 ARG 100 100 100 ARG ARG A . n 
A 1 101 VAL 101 101 101 VAL VAL A . n 
A 1 102 LEU 102 102 102 LEU LEU A . n 
A 1 103 THR 103 103 103 THR THR A . n 
A 1 104 VAL 104 104 104 VAL VAL A . n 
A 1 105 PRO 105 105 105 PRO PRO A . n 
A 1 106 CYS 106 106 106 CYS CYS A . n 
A 1 107 GLN 107 107 107 GLN GLN A . n 
A 1 108 LYS 108 108 108 LYS LYS A . n 
A 1 109 ILE 109 109 109 ILE ILE A . n 
A 1 110 GLY 110 110 110 GLY GLY A . n 
A 1 111 THR 111 111 111 THR THR A . n 
A 1 112 GLN 112 112 112 GLN GLN A . n 
B 2 1   ACE 1   0   0   ACE ACE B . n 
B 2 2   THR 2   1   1   THR THR B . n 
B 2 3   PTR 3   2   2   PTR PTR B . n 
B 2 4   GLU 4   3   3   GLU GLU B . n 
B 2 5   THR 5   4   4   THR THR B . n 
B 2 6   LEU 6   5   5   LEU LEU B . n 
B 2 7   NH2 7   6   6   NH2 NH2 B . n 
# 
loop_
_software.name 
_software.classification 
_software.version 
_software.citation_id 
_software.pdbx_ordinal 
X-PLOR 'model building' . ? 1 
X-PLOR refinement       . ? 2 
X-PLOR phasing          . ? 3 
# 
_cell.entry_id           1CSZ 
_cell.length_a           1.000 
_cell.length_b           1.000 
_cell.length_c           1.000 
_cell.angle_alpha        90.00 
_cell.angle_beta         90.00 
_cell.angle_gamma        90.00 
_cell.Z_PDB              1 
_cell.pdbx_unique_axis   ? 
# 
_symmetry.entry_id                         1CSZ 
_symmetry.space_group_name_H-M             'P 1' 
_symmetry.pdbx_full_space_group_name_H-M   ? 
_symmetry.cell_setting                     ? 
_symmetry.Int_Tables_number                1 
# 
_exptl.entry_id          1CSZ 
_exptl.method            'SOLUTION NMR' 
_exptl.crystals_number   ? 
# 
_struct.entry_id                  1CSZ 
_struct.title                     
;SYK TYROSINE KINASE C-TERMINAL SH2 DOMAIN COMPLEXED WITH A PHOSPHOPEPTIDEFROM THE GAMMA CHAIN OF THE HIGH AFFINITY IMMUNOGLOBIN G RECEPTOR, NMR
;
_struct.pdbx_model_details        ? 
_struct.pdbx_CASP_flag            ? 
_struct.pdbx_model_type_details   ? 
# 
_struct_keywords.entry_id        1CSZ 
_struct_keywords.pdbx_keywords   'COMPLEX (PHOSPHOTRANSFERASE/PEPTIDE)' 
_struct_keywords.text            
'PROTEIN-TYROSINE KINASE SH2 DOMAIN, COMPLEX (PHOSPHOTRANSFERASE-PEPTIDE), COMPLEX (PHOSPHOTRANSFERASE-PEPTIDE) complex' 
# 
loop_
_struct_asym.id 
_struct_asym.pdbx_blank_PDB_chainid_flag 
_struct_asym.pdbx_modified 
_struct_asym.entity_id 
_struct_asym.details 
A N N 1 ? 
B N N 2 ? 
# 
loop_
_struct_ref.id 
_struct_ref.db_name 
_struct_ref.db_code 
_struct_ref.entity_id 
_struct_ref.pdbx_db_accession 
_struct_ref.pdbx_align_begin 
_struct_ref.pdbx_seq_one_letter_code 
_struct_ref.pdbx_db_isoform 
1 UNP KSYK_HUMAN 1 P43405 1 
;MASSGMADSANHLPFFFGNITREEAEDYLVQGGMSDGLYLLRQSRNYLGGFALSVAHGRKAHHYTIERELNGTYAIAGGR
THASPADLCHYHSQESDGLVCLLKKPFNRPQGVQPKTGPFEDLKENLIREYVKQTWNLQGQALEQAIISQKPQLEKLIAT
TAHEKMPWFHGKISREESEQIVLIGSKTNGKFLIRARDNNGSYALCLLHEGKVLHYRIDKDKTGKLSIPEGKKFDTLWQL
VEHYSYKADGLLRVLTVPCQKIGTQGNVNFGGRPQLPGSHPATWSAGGIISRIKSYSFPKPGHRKSSPAQGNRQESTVSF
NPYEPELAPWAADKGPQREALPMDTEVYESPYADPEEIRPKEVYLDRKLLTLEDKELGSGNFGTVKKGYYQMKKVVKTVA
VKILKNEANDPALKDELLAEANVMQQLDNPYIVRMIGICEAESWMLVMEMAELGPLNKYLQQNRHVKDKNIIELVHQVSM
GMKYLEESNFVHRDLAARNVLLVTQHYAKISDFGLSKALRADENYYKAQTHGKWPVKWYAPECINYYKFSSKSDVWSFGV
LMWEAFSYGQKPYRGMKGSEVTAMLEKGERMGCPAGCPREMYDLMNLCWTYDVENRPGFAAVELRLRNYYYDVVN
;
? 
2 PDB 1CSZ       2 1CSZ   ? ? ? 
# 
loop_
_struct_ref_seq.align_id 
_struct_ref_seq.ref_id 
_struct_ref_seq.pdbx_PDB_id_code 
_struct_ref_seq.pdbx_strand_id 
_struct_ref_seq.seq_align_beg 
_struct_ref_seq.pdbx_seq_align_beg_ins_code 
_struct_ref_seq.seq_align_end 
_struct_ref_seq.pdbx_seq_align_end_ins_code 
_struct_ref_seq.pdbx_db_accession 
_struct_ref_seq.db_align_beg 
_struct_ref_seq.pdbx_db_align_beg_ins_code 
_struct_ref_seq.db_align_end 
_struct_ref_seq.pdbx_db_align_end_ins_code 
_struct_ref_seq.pdbx_auth_seq_align_beg 
_struct_ref_seq.pdbx_auth_seq_align_end 
1 1 1CSZ A 10 ? 112 ? P43405 163 ? 265 ? 10 112 
2 2 1CSZ B 1  ? 7   ? 1CSZ   0   ? 6   ? 0  6   
# 
_pdbx_struct_assembly.id                   1 
_pdbx_struct_assembly.details              author_defined_assembly 
_pdbx_struct_assembly.method_details       ? 
_pdbx_struct_assembly.oligomeric_details   dimeric 
_pdbx_struct_assembly.oligomeric_count     2 
# 
_pdbx_struct_assembly_gen.assembly_id       1 
_pdbx_struct_assembly_gen.oper_expression   1 
_pdbx_struct_assembly_gen.asym_id_list      A,B 
# 
_pdbx_struct_oper_list.id                   1 
_pdbx_struct_oper_list.type                 'identity operation' 
_pdbx_struct_oper_list.name                 1_555 
_pdbx_struct_oper_list.symmetry_operation   x,y,z 
_pdbx_struct_oper_list.matrix[1][1]         1.0000000000 
_pdbx_struct_oper_list.matrix[1][2]         0.0000000000 
_pdbx_struct_oper_list.matrix[1][3]         0.0000000000 
_pdbx_struct_oper_list.vector[1]            0.0000000000 
_pdbx_struct_oper_list.matrix[2][1]         0.0000000000 
_pdbx_struct_oper_list.matrix[2][2]         1.0000000000 
_pdbx_struct_oper_list.matrix[2][3]         0.0000000000 
_pdbx_struct_oper_list.vector[2]            0.0000000000 
_pdbx_struct_oper_list.matrix[3][1]         0.0000000000 
_pdbx_struct_oper_list.matrix[3][2]         0.0000000000 
_pdbx_struct_oper_list.matrix[3][3]         1.0000000000 
_pdbx_struct_oper_list.vector[3]            0.0000000000 
# 
_struct_biol.id        1 
_struct_biol.details   ? 
# 
loop_
_struct_conf.conf_type_id 
_struct_conf.id 
_struct_conf.pdbx_PDB_helix_id 
_struct_conf.beg_label_comp_id 
_struct_conf.beg_label_asym_id 
_struct_conf.beg_label_seq_id 
_struct_conf.pdbx_beg_PDB_ins_code 
_struct_conf.end_label_comp_id 
_struct_conf.end_label_asym_id 
_struct_conf.end_label_seq_id 
_struct_conf.pdbx_end_PDB_ins_code 
_struct_conf.beg_auth_comp_id 
_struct_conf.beg_auth_asym_id 
_struct_conf.beg_auth_seq_id 
_struct_conf.end_auth_comp_id 
_struct_conf.end_auth_asym_id 
_struct_conf.end_auth_seq_id 
_struct_conf.pdbx_PDB_helix_class 
_struct_conf.details 
_struct_conf.pdbx_PDB_helix_length 
HELX_P HELX_P1 1 GLU A 23 ? ILE A 31 ? GLU A 23 ILE A 31 1 ? 9  
HELX_P HELX_P2 2 LEU A 84 ? TYR A 93 ? LEU A 84 TYR A 93 1 ? 10 
# 
_struct_conf_type.id          HELX_P 
_struct_conf_type.criteria    ? 
_struct_conf_type.reference   ? 
# 
loop_
_struct_conn.id 
_struct_conn.conn_type_id 
_struct_conn.pdbx_leaving_atom_flag 
_struct_conn.pdbx_PDB_id 
_struct_conn.ptnr1_label_asym_id 
_struct_conn.ptnr1_label_comp_id 
_struct_conn.ptnr1_label_seq_id 
_struct_conn.ptnr1_label_atom_id 
_struct_conn.pdbx_ptnr1_label_alt_id 
_struct_conn.pdbx_ptnr1_PDB_ins_code 
_struct_conn.pdbx_ptnr1_standard_comp_id 
_struct_conn.ptnr1_symmetry 
_struct_conn.ptnr2_label_asym_id 
_struct_conn.ptnr2_label_comp_id 
_struct_conn.ptnr2_label_seq_id 
_struct_conn.ptnr2_label_atom_id 
_struct_conn.pdbx_ptnr2_label_alt_id 
_struct_conn.pdbx_ptnr2_PDB_ins_code 
_struct_conn.ptnr1_auth_asym_id 
_struct_conn.ptnr1_auth_comp_id 
_struct_conn.ptnr1_auth_seq_id 
_struct_conn.ptnr2_auth_asym_id 
_struct_conn.ptnr2_auth_comp_id 
_struct_conn.ptnr2_auth_seq_id 
_struct_conn.ptnr2_symmetry 
_struct_conn.pdbx_ptnr3_label_atom_id 
_struct_conn.pdbx_ptnr3_label_seq_id 
_struct_conn.pdbx_ptnr3_label_comp_id 
_struct_conn.pdbx_ptnr3_label_asym_id 
_struct_conn.pdbx_ptnr3_label_alt_id 
_struct_conn.pdbx_ptnr3_PDB_ins_code 
_struct_conn.details 
_struct_conn.pdbx_dist_value 
_struct_conn.pdbx_value_order 
_struct_conn.pdbx_role 
covale1 covale both ? B ACE 1 C ? ? ? 1_555 B THR 2 N ? ? B ACE 0 B THR 1 1_555 ? ? ? ? ? ? ? 1.341 ? ? 
covale2 covale both ? B THR 2 C ? ? ? 1_555 B PTR 3 N ? ? B THR 1 B PTR 2 1_555 ? ? ? ? ? ? ? 1.336 ? ? 
covale3 covale both ? B PTR 3 C ? ? ? 1_555 B GLU 4 N ? ? B PTR 2 B GLU 3 1_555 ? ? ? ? ? ? ? 1.334 ? ? 
covale4 covale both ? B LEU 6 C ? ? ? 1_555 B NH2 7 N ? ? B LEU 5 B NH2 6 1_555 ? ? ? ? ? ? ? 1.345 ? ? 
# 
_struct_conn_type.id          covale 
_struct_conn_type.criteria    ? 
_struct_conn_type.reference   ? 
# 
loop_
_pdbx_modification_feature.ordinal 
_pdbx_modification_feature.label_comp_id 
_pdbx_modification_feature.label_asym_id 
_pdbx_modification_feature.label_seq_id 
_pdbx_modification_feature.label_alt_id 
_pdbx_modification_feature.modified_residue_label_comp_id 
_pdbx_modification_feature.modified_residue_label_asym_id 
_pdbx_modification_feature.modified_residue_label_seq_id 
_pdbx_modification_feature.modified_residue_label_alt_id 
_pdbx_modification_feature.auth_comp_id 
_pdbx_modification_feature.auth_asym_id 
_pdbx_modification_feature.auth_seq_id 
_pdbx_modification_feature.PDB_ins_code 
_pdbx_modification_feature.symmetry 
_pdbx_modification_feature.modified_residue_auth_comp_id 
_pdbx_modification_feature.modified_residue_auth_asym_id 
_pdbx_modification_feature.modified_residue_auth_seq_id 
_pdbx_modification_feature.modified_residue_PDB_ins_code 
_pdbx_modification_feature.modified_residue_symmetry 
_pdbx_modification_feature.comp_id_linking_atom 
_pdbx_modification_feature.modified_residue_id_linking_atom 
_pdbx_modification_feature.modified_residue_id 
_pdbx_modification_feature.ref_pcm_id 
_pdbx_modification_feature.ref_comp_id 
_pdbx_modification_feature.type 
_pdbx_modification_feature.category 
1 PTR B 3 ? .   . . . PTR B 2 ? 1_555 .   . . . .     . . TYR 1  PTR Phosphorylation 'Named protein modification' 
2 ACE B 1 ? THR B 2 ? ACE B 0 ? 1_555 THR B 1 ? 1_555 . . THR 7  ACE None            'Terminal acetylation'       
3 NH2 B 7 ? LEU B 6 ? NH2 B 6 ? 1_555 LEU B 5 ? 1_555 . . LEU 14 NH2 None            'Terminal amidation'         
# 
_struct_sheet.id               A 
_struct_sheet.type             ? 
_struct_sheet.number_strands   3 
_struct_sheet.details          ? 
# 
loop_
_struct_sheet_order.sheet_id 
_struct_sheet_order.range_id_1 
_struct_sheet_order.range_id_2 
_struct_sheet_order.offset 
_struct_sheet_order.sense 
A 1 2 ? anti-parallel 
A 2 3 ? anti-parallel 
# 
loop_
_struct_sheet_range.sheet_id 
_struct_sheet_range.id 
_struct_sheet_range.beg_label_comp_id 
_struct_sheet_range.beg_label_asym_id 
_struct_sheet_range.beg_label_seq_id 
_struct_sheet_range.pdbx_beg_PDB_ins_code 
_struct_sheet_range.end_label_comp_id 
_struct_sheet_range.end_label_asym_id 
_struct_sheet_range.end_label_seq_id 
_struct_sheet_range.pdbx_end_PDB_ins_code 
_struct_sheet_range.beg_auth_comp_id 
_struct_sheet_range.beg_auth_asym_id 
_struct_sheet_range.beg_auth_seq_id 
_struct_sheet_range.end_auth_comp_id 
_struct_sheet_range.end_auth_asym_id 
_struct_sheet_range.end_auth_seq_id 
A 1 PHE A 39 ? ALA A 43 ? PHE A 39 ALA A 43 
A 2 TYR A 50 ? LEU A 55 ? TYR A 50 LEU A 55 
A 3 LYS A 59 ? ILE A 65 ? LYS A 59 ILE A 65 
# 
loop_
_pdbx_struct_sheet_hbond.sheet_id 
_pdbx_struct_sheet_hbond.range_id_1 
_pdbx_struct_sheet_hbond.range_id_2 
_pdbx_struct_sheet_hbond.range_1_label_atom_id 
_pdbx_struct_sheet_hbond.range_1_label_comp_id 
_pdbx_struct_sheet_hbond.range_1_label_asym_id 
_pdbx_struct_sheet_hbond.range_1_label_seq_id 
_pdbx_struct_sheet_hbond.range_1_PDB_ins_code 
_pdbx_struct_sheet_hbond.range_1_auth_atom_id 
_pdbx_struct_sheet_hbond.range_1_auth_comp_id 
_pdbx_struct_sheet_hbond.range_1_auth_asym_id 
_pdbx_struct_sheet_hbond.range_1_auth_seq_id 
_pdbx_struct_sheet_hbond.range_2_label_atom_id 
_pdbx_struct_sheet_hbond.range_2_label_comp_id 
_pdbx_struct_sheet_hbond.range_2_label_asym_id 
_pdbx_struct_sheet_hbond.range_2_label_seq_id 
_pdbx_struct_sheet_hbond.range_2_PDB_ins_code 
_pdbx_struct_sheet_hbond.range_2_auth_atom_id 
_pdbx_struct_sheet_hbond.range_2_auth_comp_id 
_pdbx_struct_sheet_hbond.range_2_auth_asym_id 
_pdbx_struct_sheet_hbond.range_2_auth_seq_id 
A 1 2 O LEU A 40 ? O LEU A 40 N CYS A 53 ? N CYS A 53 
A 2 3 O TYR A 50 ? O TYR A 50 N ILE A 65 ? N ILE A 65 
# 
_struct_site.id                   AC2 
_struct_site.pdbx_evidence_code   Software 
_struct_site.pdbx_auth_asym_id    B 
_struct_site.pdbx_auth_comp_id    NH2 
_struct_site.pdbx_auth_seq_id     6 
_struct_site.pdbx_auth_ins_code   ? 
_struct_site.pdbx_num_residues    3 
_struct_site.details              'BINDING SITE FOR RESIDUE NH2 B 6' 
# 
loop_
_struct_site_gen.id 
_struct_site_gen.site_id 
_struct_site_gen.pdbx_num_res 
_struct_site_gen.label_comp_id 
_struct_site_gen.label_asym_id 
_struct_site_gen.label_seq_id 
_struct_site_gen.pdbx_auth_ins_code 
_struct_site_gen.auth_comp_id 
_struct_site_gen.auth_asym_id 
_struct_site_gen.auth_seq_id 
_struct_site_gen.label_atom_id 
_struct_site_gen.label_alt_id 
_struct_site_gen.symmetry 
_struct_site_gen.details 
1 AC2 3 GLY A 97 ? GLY A 97 . ? 1_555 ? 
2 AC2 3 THR B 5  ? THR B 4  . ? 1_555 ? 
3 AC2 3 LEU B 6  ? LEU B 5  . ? 1_555 ? 
# 
_pdbx_entry_details.entry_id                   1CSZ 
_pdbx_entry_details.compound_details           ? 
_pdbx_entry_details.source_details             ? 
_pdbx_entry_details.nonpolymer_details         ? 
_pdbx_entry_details.sequence_details           ? 
_pdbx_entry_details.has_ligand_of_interest     ? 
_pdbx_entry_details.has_protein_modification   Y 
# 
loop_
_pdbx_validate_torsion.id 
_pdbx_validate_torsion.PDB_model_num 
_pdbx_validate_torsion.auth_comp_id 
_pdbx_validate_torsion.auth_asym_id 
_pdbx_validate_torsion.auth_seq_id 
_pdbx_validate_torsion.PDB_ins_code 
_pdbx_validate_torsion.label_alt_id 
_pdbx_validate_torsion.phi 
_pdbx_validate_torsion.psi 
1  1 SER A 2   ? ? 49.24   88.66   
2  1 ARG A 3   ? ? -169.04 35.02   
3  1 ARG A 4   ? ? 52.79   166.85  
4  1 ALA A 5   ? ? -85.95  -90.53  
5  1 SER A 9   ? ? 46.03   73.49   
6  1 HIS A 10  ? ? -69.91  81.58   
7  1 LYS A 12  ? ? -36.31  106.45  
8  1 MET A 13  ? ? 153.13  158.31  
9  1 TRP A 15  ? ? -67.69  9.08    
10 1 LYS A 19  ? ? -124.16 -53.37  
11 1 ILE A 20  ? ? -41.93  164.52  
12 1 SER A 21  ? ? -90.23  -73.66  
13 1 ARG A 22  ? ? -178.47 -40.28  
14 1 SER A 33  ? ? 139.50  -127.46 
15 1 LYS A 34  ? ? 82.12   -57.53  
16 1 THR A 35  ? ? -60.15  3.22    
17 1 ASN A 36  ? ? 52.76   99.25   
18 1 ARG A 44  ? ? -83.82  -155.34 
19 1 ASP A 45  ? ? -161.01 84.99   
20 1 ASN A 46  ? ? -172.27 -53.94  
21 1 ASN A 47  ? ? 177.94  132.22  
22 1 ALA A 51  ? ? -170.32 130.46  
23 1 HIS A 56  ? ? -79.48  -98.71  
24 1 LYS A 67  ? ? -90.61  -152.55 
25 1 ASP A 68  ? ? -144.67 50.65   
26 1 LYS A 69  ? ? 47.34   29.44   
27 1 SER A 74  ? ? -170.31 -169.54 
28 1 LYS A 79  ? ? -137.01 -140.15 
29 1 ASP A 96  ? ? 72.48   -10.29  
30 1 LEU A 98  ? ? -49.06  179.86  
31 1 VAL A 101 ? ? -52.23  177.05  
32 1 THR A 103 ? ? -151.02 -37.27  
33 1 CYS A 106 ? ? -91.03  -64.10  
34 1 GLN A 107 ? ? -33.26  161.88  
35 1 LYS A 108 ? ? -57.19  -177.74 
36 1 ILE A 109 ? ? -95.73  -122.08 
37 1 THR A 111 ? ? -88.55  -83.52  
# 
_pdbx_struct_mod_residue.id               1 
_pdbx_struct_mod_residue.label_asym_id    B 
_pdbx_struct_mod_residue.label_comp_id    PTR 
_pdbx_struct_mod_residue.label_seq_id     3 
_pdbx_struct_mod_residue.auth_asym_id     B 
_pdbx_struct_mod_residue.auth_comp_id     PTR 
_pdbx_struct_mod_residue.auth_seq_id      2 
_pdbx_struct_mod_residue.PDB_ins_code     ? 
_pdbx_struct_mod_residue.parent_comp_id   TYR 
_pdbx_struct_mod_residue.details          O-PHOSPHOTYROSINE 
# 
_pdbx_nmr_ensemble.entry_id                                      1CSZ 
_pdbx_nmr_ensemble.conformers_calculated_total_number            1 
_pdbx_nmr_ensemble.conformers_submitted_total_number             1 
_pdbx_nmr_ensemble.conformer_selection_criteria                  ? 
_pdbx_nmr_ensemble.average_constraints_per_residue               ? 
_pdbx_nmr_ensemble.average_constraint_violations_per_residue     ? 
_pdbx_nmr_ensemble.maximum_distance_constraint_violation         ? 
_pdbx_nmr_ensemble.average_distance_constraint_violation         ? 
_pdbx_nmr_ensemble.maximum_upper_distance_constraint_violation   ? 
_pdbx_nmr_ensemble.maximum_lower_distance_constraint_violation   ? 
_pdbx_nmr_ensemble.distance_constraint_violation_method          ? 
_pdbx_nmr_ensemble.maximum_torsion_angle_constraint_violation    ? 
_pdbx_nmr_ensemble.average_torsion_angle_constraint_violation    ? 
_pdbx_nmr_ensemble.torsion_angle_constraint_violation_method     ? 
# 
_pdbx_nmr_software.classification   refinement 
_pdbx_nmr_software.name             X-PLOR 
_pdbx_nmr_software.version          ? 
_pdbx_nmr_software.authors          BRUNGER 
_pdbx_nmr_software.ordinal          1 
# 
loop_
_chem_comp_atom.comp_id 
_chem_comp_atom.atom_id 
_chem_comp_atom.type_symbol 
_chem_comp_atom.pdbx_aromatic_flag 
_chem_comp_atom.pdbx_stereo_config 
_chem_comp_atom.pdbx_ordinal 
ACE C    C N N 1   
ACE O    O N N 2   
ACE CH3  C N N 3   
ACE H    H N N 4   
ACE H1   H N N 5   
ACE H2   H N N 6   
ACE H3   H N N 7   
ALA N    N N N 8   
ALA CA   C N S 9   
ALA C    C N N 10  
ALA O    O N N 11  
ALA CB   C N N 12  
ALA OXT  O N N 13  
ALA H    H N N 14  
ALA H2   H N N 15  
ALA HA   H N N 16  
ALA HB1  H N N 17  
ALA HB2  H N N 18  
ALA HB3  H N N 19  
ALA HXT  H N N 20  
ARG N    N N N 21  
ARG CA   C N S 22  
ARG C    C N N 23  
ARG O    O N N 24  
ARG CB   C N N 25  
ARG CG   C N N 26  
ARG CD   C N N 27  
ARG NE   N N N 28  
ARG CZ   C N N 29  
ARG NH1  N N N 30  
ARG NH2  N N N 31  
ARG OXT  O N N 32  
ARG H    H N N 33  
ARG H2   H N N 34  
ARG HA   H N N 35  
ARG HB2  H N N 36  
ARG HB3  H N N 37  
ARG HG2  H N N 38  
ARG HG3  H N N 39  
ARG HD2  H N N 40  
ARG HD3  H N N 41  
ARG HE   H N N 42  
ARG HH11 H N N 43  
ARG HH12 H N N 44  
ARG HH21 H N N 45  
ARG HH22 H N N 46  
ARG HXT  H N N 47  
ASN N    N N N 48  
ASN CA   C N S 49  
ASN C    C N N 50  
ASN O    O N N 51  
ASN CB   C N N 52  
ASN CG   C N N 53  
ASN OD1  O N N 54  
ASN ND2  N N N 55  
ASN OXT  O N N 56  
ASN H    H N N 57  
ASN H2   H N N 58  
ASN HA   H N N 59  
ASN HB2  H N N 60  
ASN HB3  H N N 61  
ASN HD21 H N N 62  
ASN HD22 H N N 63  
ASN HXT  H N N 64  
ASP N    N N N 65  
ASP CA   C N S 66  
ASP C    C N N 67  
ASP O    O N N 68  
ASP CB   C N N 69  
ASP CG   C N N 70  
ASP OD1  O N N 71  
ASP OD2  O N N 72  
ASP OXT  O N N 73  
ASP H    H N N 74  
ASP H2   H N N 75  
ASP HA   H N N 76  
ASP HB2  H N N 77  
ASP HB3  H N N 78  
ASP HD2  H N N 79  
ASP HXT  H N N 80  
CYS N    N N N 81  
CYS CA   C N R 82  
CYS C    C N N 83  
CYS O    O N N 84  
CYS CB   C N N 85  
CYS SG   S N N 86  
CYS OXT  O N N 87  
CYS H    H N N 88  
CYS H2   H N N 89  
CYS HA   H N N 90  
CYS HB2  H N N 91  
CYS HB3  H N N 92  
CYS HG   H N N 93  
CYS HXT  H N N 94  
GLN N    N N N 95  
GLN CA   C N S 96  
GLN C    C N N 97  
GLN O    O N N 98  
GLN CB   C N N 99  
GLN CG   C N N 100 
GLN CD   C N N 101 
GLN OE1  O N N 102 
GLN NE2  N N N 103 
GLN OXT  O N N 104 
GLN H    H N N 105 
GLN H2   H N N 106 
GLN HA   H N N 107 
GLN HB2  H N N 108 
GLN HB3  H N N 109 
GLN HG2  H N N 110 
GLN HG3  H N N 111 
GLN HE21 H N N 112 
GLN HE22 H N N 113 
GLN HXT  H N N 114 
GLU N    N N N 115 
GLU CA   C N S 116 
GLU C    C N N 117 
GLU O    O N N 118 
GLU CB   C N N 119 
GLU CG   C N N 120 
GLU CD   C N N 121 
GLU OE1  O N N 122 
GLU OE2  O N N 123 
GLU OXT  O N N 124 
GLU H    H N N 125 
GLU H2   H N N 126 
GLU HA   H N N 127 
GLU HB2  H N N 128 
GLU HB3  H N N 129 
GLU HG2  H N N 130 
GLU HG3  H N N 131 
GLU HE2  H N N 132 
GLU HXT  H N N 133 
GLY N    N N N 134 
GLY CA   C N N 135 
GLY C    C N N 136 
GLY O    O N N 137 
GLY OXT  O N N 138 
GLY H    H N N 139 
GLY H2   H N N 140 
GLY HA2  H N N 141 
GLY HA3  H N N 142 
GLY HXT  H N N 143 
HIS N    N N N 144 
HIS CA   C N S 145 
HIS C    C N N 146 
HIS O    O N N 147 
HIS CB   C N N 148 
HIS CG   C Y N 149 
HIS ND1  N Y N 150 
HIS CD2  C Y N 151 
HIS CE1  C Y N 152 
HIS NE2  N Y N 153 
HIS OXT  O N N 154 
HIS H    H N N 155 
HIS H2   H N N 156 
HIS HA   H N N 157 
HIS HB2  H N N 158 
HIS HB3  H N N 159 
HIS HD1  H N N 160 
HIS HD2  H N N 161 
HIS HE1  H N N 162 
HIS HE2  H N N 163 
HIS HXT  H N N 164 
ILE N    N N N 165 
ILE CA   C N S 166 
ILE C    C N N 167 
ILE O    O N N 168 
ILE CB   C N S 169 
ILE CG1  C N N 170 
ILE CG2  C N N 171 
ILE CD1  C N N 172 
ILE OXT  O N N 173 
ILE H    H N N 174 
ILE H2   H N N 175 
ILE HA   H N N 176 
ILE HB   H N N 177 
ILE HG12 H N N 178 
ILE HG13 H N N 179 
ILE HG21 H N N 180 
ILE HG22 H N N 181 
ILE HG23 H N N 182 
ILE HD11 H N N 183 
ILE HD12 H N N 184 
ILE HD13 H N N 185 
ILE HXT  H N N 186 
LEU N    N N N 187 
LEU CA   C N S 188 
LEU C    C N N 189 
LEU O    O N N 190 
LEU CB   C N N 191 
LEU CG   C N N 192 
LEU CD1  C N N 193 
LEU CD2  C N N 194 
LEU OXT  O N N 195 
LEU H    H N N 196 
LEU H2   H N N 197 
LEU HA   H N N 198 
LEU HB2  H N N 199 
LEU HB3  H N N 200 
LEU HG   H N N 201 
LEU HD11 H N N 202 
LEU HD12 H N N 203 
LEU HD13 H N N 204 
LEU HD21 H N N 205 
LEU HD22 H N N 206 
LEU HD23 H N N 207 
LEU HXT  H N N 208 
LYS N    N N N 209 
LYS CA   C N S 210 
LYS C    C N N 211 
LYS O    O N N 212 
LYS CB   C N N 213 
LYS CG   C N N 214 
LYS CD   C N N 215 
LYS CE   C N N 216 
LYS NZ   N N N 217 
LYS OXT  O N N 218 
LYS H    H N N 219 
LYS H2   H N N 220 
LYS HA   H N N 221 
LYS HB2  H N N 222 
LYS HB3  H N N 223 
LYS HG2  H N N 224 
LYS HG3  H N N 225 
LYS HD2  H N N 226 
LYS HD3  H N N 227 
LYS HE2  H N N 228 
LYS HE3  H N N 229 
LYS HZ1  H N N 230 
LYS HZ2  H N N 231 
LYS HZ3  H N N 232 
LYS HXT  H N N 233 
MET N    N N N 234 
MET CA   C N S 235 
MET C    C N N 236 
MET O    O N N 237 
MET CB   C N N 238 
MET CG   C N N 239 
MET SD   S N N 240 
MET CE   C N N 241 
MET OXT  O N N 242 
MET H    H N N 243 
MET H2   H N N 244 
MET HA   H N N 245 
MET HB2  H N N 246 
MET HB3  H N N 247 
MET HG2  H N N 248 
MET HG3  H N N 249 
MET HE1  H N N 250 
MET HE2  H N N 251 
MET HE3  H N N 252 
MET HXT  H N N 253 
NH2 N    N N N 254 
NH2 HN1  H N N 255 
NH2 HN2  H N N 256 
PHE N    N N N 257 
PHE CA   C N S 258 
PHE C    C N N 259 
PHE O    O N N 260 
PHE CB   C N N 261 
PHE CG   C Y N 262 
PHE CD1  C Y N 263 
PHE CD2  C Y N 264 
PHE CE1  C Y N 265 
PHE CE2  C Y N 266 
PHE CZ   C Y N 267 
PHE OXT  O N N 268 
PHE H    H N N 269 
PHE H2   H N N 270 
PHE HA   H N N 271 
PHE HB2  H N N 272 
PHE HB3  H N N 273 
PHE HD1  H N N 274 
PHE HD2  H N N 275 
PHE HE1  H N N 276 
PHE HE2  H N N 277 
PHE HZ   H N N 278 
PHE HXT  H N N 279 
PRO N    N N N 280 
PRO CA   C N S 281 
PRO C    C N N 282 
PRO O    O N N 283 
PRO CB   C N N 284 
PRO CG   C N N 285 
PRO CD   C N N 286 
PRO OXT  O N N 287 
PRO H    H N N 288 
PRO HA   H N N 289 
PRO HB2  H N N 290 
PRO HB3  H N N 291 
PRO HG2  H N N 292 
PRO HG3  H N N 293 
PRO HD2  H N N 294 
PRO HD3  H N N 295 
PRO HXT  H N N 296 
PTR N    N N N 297 
PTR CA   C N S 298 
PTR C    C N N 299 
PTR O    O N N 300 
PTR OXT  O N N 301 
PTR CB   C N N 302 
PTR CG   C Y N 303 
PTR CD1  C Y N 304 
PTR CD2  C Y N 305 
PTR CE1  C Y N 306 
PTR CE2  C Y N 307 
PTR CZ   C Y N 308 
PTR OH   O N N 309 
PTR P    P N N 310 
PTR O1P  O N N 311 
PTR O2P  O N N 312 
PTR O3P  O N N 313 
PTR H    H N N 314 
PTR H2   H N N 315 
PTR HA   H N N 316 
PTR HXT  H N N 317 
PTR HB2  H N N 318 
PTR HB3  H N N 319 
PTR HD1  H N N 320 
PTR HD2  H N N 321 
PTR HE1  H N N 322 
PTR HE2  H N N 323 
PTR HO2P H N N 324 
PTR HO3P H N N 325 
SER N    N N N 326 
SER CA   C N S 327 
SER C    C N N 328 
SER O    O N N 329 
SER CB   C N N 330 
SER OG   O N N 331 
SER OXT  O N N 332 
SER H    H N N 333 
SER H2   H N N 334 
SER HA   H N N 335 
SER HB2  H N N 336 
SER HB3  H N N 337 
SER HG   H N N 338 
SER HXT  H N N 339 
THR N    N N N 340 
THR CA   C N S 341 
THR C    C N N 342 
THR O    O N N 343 
THR CB   C N R 344 
THR OG1  O N N 345 
THR CG2  C N N 346 
THR OXT  O N N 347 
THR H    H N N 348 
THR H2   H N N 349 
THR HA   H N N 350 
THR HB   H N N 351 
THR HG1  H N N 352 
THR HG21 H N N 353 
THR HG22 H N N 354 
THR HG23 H N N 355 
THR HXT  H N N 356 
TRP N    N N N 357 
TRP CA   C N S 358 
TRP C    C N N 359 
TRP O    O N N 360 
TRP CB   C N N 361 
TRP CG   C Y N 362 
TRP CD1  C Y N 363 
TRP CD2  C Y N 364 
TRP NE1  N Y N 365 
TRP CE2  C Y N 366 
TRP CE3  C Y N 367 
TRP CZ2  C Y N 368 
TRP CZ3  C Y N 369 
TRP CH2  C Y N 370 
TRP OXT  O N N 371 
TRP H    H N N 372 
TRP H2   H N N 373 
TRP HA   H N N 374 
TRP HB2  H N N 375 
TRP HB3  H N N 376 
TRP HD1  H N N 377 
TRP HE1  H N N 378 
TRP HE3  H N N 379 
TRP HZ2  H N N 380 
TRP HZ3  H N N 381 
TRP HH2  H N N 382 
TRP HXT  H N N 383 
TYR N    N N N 384 
TYR CA   C N S 385 
TYR C    C N N 386 
TYR O    O N N 387 
TYR CB   C N N 388 
TYR CG   C Y N 389 
TYR CD1  C Y N 390 
TYR CD2  C Y N 391 
TYR CE1  C Y N 392 
TYR CE2  C Y N 393 
TYR CZ   C Y N 394 
TYR OH   O N N 395 
TYR OXT  O N N 396 
TYR H    H N N 397 
TYR H2   H N N 398 
TYR HA   H N N 399 
TYR HB2  H N N 400 
TYR HB3  H N N 401 
TYR HD1  H N N 402 
TYR HD2  H N N 403 
TYR HE1  H N N 404 
TYR HE2  H N N 405 
TYR HH   H N N 406 
TYR HXT  H N N 407 
VAL N    N N N 408 
VAL CA   C N S 409 
VAL C    C N N 410 
VAL O    O N N 411 
VAL CB   C N N 412 
VAL CG1  C N N 413 
VAL CG2  C N N 414 
VAL OXT  O N N 415 
VAL H    H N N 416 
VAL H2   H N N 417 
VAL HA   H N N 418 
VAL HB   H N N 419 
VAL HG11 H N N 420 
VAL HG12 H N N 421 
VAL HG13 H N N 422 
VAL HG21 H N N 423 
VAL HG22 H N N 424 
VAL HG23 H N N 425 
VAL HXT  H N N 426 
# 
loop_
_chem_comp_bond.comp_id 
_chem_comp_bond.atom_id_1 
_chem_comp_bond.atom_id_2 
_chem_comp_bond.value_order 
_chem_comp_bond.pdbx_aromatic_flag 
_chem_comp_bond.pdbx_stereo_config 
_chem_comp_bond.pdbx_ordinal 
ACE C   O    doub N N 1   
ACE C   CH3  sing N N 2   
ACE C   H    sing N N 3   
ACE CH3 H1   sing N N 4   
ACE CH3 H2   sing N N 5   
ACE CH3 H3   sing N N 6   
ALA N   CA   sing N N 7   
ALA N   H    sing N N 8   
ALA N   H2   sing N N 9   
ALA CA  C    sing N N 10  
ALA CA  CB   sing N N 11  
ALA CA  HA   sing N N 12  
ALA C   O    doub N N 13  
ALA C   OXT  sing N N 14  
ALA CB  HB1  sing N N 15  
ALA CB  HB2  sing N N 16  
ALA CB  HB3  sing N N 17  
ALA OXT HXT  sing N N 18  
ARG N   CA   sing N N 19  
ARG N   H    sing N N 20  
ARG N   H2   sing N N 21  
ARG CA  C    sing N N 22  
ARG CA  CB   sing N N 23  
ARG CA  HA   sing N N 24  
ARG C   O    doub N N 25  
ARG C   OXT  sing N N 26  
ARG CB  CG   sing N N 27  
ARG CB  HB2  sing N N 28  
ARG CB  HB3  sing N N 29  
ARG CG  CD   sing N N 30  
ARG CG  HG2  sing N N 31  
ARG CG  HG3  sing N N 32  
ARG CD  NE   sing N N 33  
ARG CD  HD2  sing N N 34  
ARG CD  HD3  sing N N 35  
ARG NE  CZ   sing N N 36  
ARG NE  HE   sing N N 37  
ARG CZ  NH1  sing N N 38  
ARG CZ  NH2  doub N N 39  
ARG NH1 HH11 sing N N 40  
ARG NH1 HH12 sing N N 41  
ARG NH2 HH21 sing N N 42  
ARG NH2 HH22 sing N N 43  
ARG OXT HXT  sing N N 44  
ASN N   CA   sing N N 45  
ASN N   H    sing N N 46  
ASN N   H2   sing N N 47  
ASN CA  C    sing N N 48  
ASN CA  CB   sing N N 49  
ASN CA  HA   sing N N 50  
ASN C   O    doub N N 51  
ASN C   OXT  sing N N 52  
ASN CB  CG   sing N N 53  
ASN CB  HB2  sing N N 54  
ASN CB  HB3  sing N N 55  
ASN CG  OD1  doub N N 56  
ASN CG  ND2  sing N N 57  
ASN ND2 HD21 sing N N 58  
ASN ND2 HD22 sing N N 59  
ASN OXT HXT  sing N N 60  
ASP N   CA   sing N N 61  
ASP N   H    sing N N 62  
ASP N   H2   sing N N 63  
ASP CA  C    sing N N 64  
ASP CA  CB   sing N N 65  
ASP CA  HA   sing N N 66  
ASP C   O    doub N N 67  
ASP C   OXT  sing N N 68  
ASP CB  CG   sing N N 69  
ASP CB  HB2  sing N N 70  
ASP CB  HB3  sing N N 71  
ASP CG  OD1  doub N N 72  
ASP CG  OD2  sing N N 73  
ASP OD2 HD2  sing N N 74  
ASP OXT HXT  sing N N 75  
CYS N   CA   sing N N 76  
CYS N   H    sing N N 77  
CYS N   H2   sing N N 78  
CYS CA  C    sing N N 79  
CYS CA  CB   sing N N 80  
CYS CA  HA   sing N N 81  
CYS C   O    doub N N 82  
CYS C   OXT  sing N N 83  
CYS CB  SG   sing N N 84  
CYS CB  HB2  sing N N 85  
CYS CB  HB3  sing N N 86  
CYS SG  HG   sing N N 87  
CYS OXT HXT  sing N N 88  
GLN N   CA   sing N N 89  
GLN N   H    sing N N 90  
GLN N   H2   sing N N 91  
GLN CA  C    sing N N 92  
GLN CA  CB   sing N N 93  
GLN CA  HA   sing N N 94  
GLN C   O    doub N N 95  
GLN C   OXT  sing N N 96  
GLN CB  CG   sing N N 97  
GLN CB  HB2  sing N N 98  
GLN CB  HB3  sing N N 99  
GLN CG  CD   sing N N 100 
GLN CG  HG2  sing N N 101 
GLN CG  HG3  sing N N 102 
GLN CD  OE1  doub N N 103 
GLN CD  NE2  sing N N 104 
GLN NE2 HE21 sing N N 105 
GLN NE2 HE22 sing N N 106 
GLN OXT HXT  sing N N 107 
GLU N   CA   sing N N 108 
GLU N   H    sing N N 109 
GLU N   H2   sing N N 110 
GLU CA  C    sing N N 111 
GLU CA  CB   sing N N 112 
GLU CA  HA   sing N N 113 
GLU C   O    doub N N 114 
GLU C   OXT  sing N N 115 
GLU CB  CG   sing N N 116 
GLU CB  HB2  sing N N 117 
GLU CB  HB3  sing N N 118 
GLU CG  CD   sing N N 119 
GLU CG  HG2  sing N N 120 
GLU CG  HG3  sing N N 121 
GLU CD  OE1  doub N N 122 
GLU CD  OE2  sing N N 123 
GLU OE2 HE2  sing N N 124 
GLU OXT HXT  sing N N 125 
GLY N   CA   sing N N 126 
GLY N   H    sing N N 127 
GLY N   H2   sing N N 128 
GLY CA  C    sing N N 129 
GLY CA  HA2  sing N N 130 
GLY CA  HA3  sing N N 131 
GLY C   O    doub N N 132 
GLY C   OXT  sing N N 133 
GLY OXT HXT  sing N N 134 
HIS N   CA   sing N N 135 
HIS N   H    sing N N 136 
HIS N   H2   sing N N 137 
HIS CA  C    sing N N 138 
HIS CA  CB   sing N N 139 
HIS CA  HA   sing N N 140 
HIS C   O    doub N N 141 
HIS C   OXT  sing N N 142 
HIS CB  CG   sing N N 143 
HIS CB  HB2  sing N N 144 
HIS CB  HB3  sing N N 145 
HIS CG  ND1  sing Y N 146 
HIS CG  CD2  doub Y N 147 
HIS ND1 CE1  doub Y N 148 
HIS ND1 HD1  sing N N 149 
HIS CD2 NE2  sing Y N 150 
HIS CD2 HD2  sing N N 151 
HIS CE1 NE2  sing Y N 152 
HIS CE1 HE1  sing N N 153 
HIS NE2 HE2  sing N N 154 
HIS OXT HXT  sing N N 155 
ILE N   CA   sing N N 156 
ILE N   H    sing N N 157 
ILE N   H2   sing N N 158 
ILE CA  C    sing N N 159 
ILE CA  CB   sing N N 160 
ILE CA  HA   sing N N 161 
ILE C   O    doub N N 162 
ILE C   OXT  sing N N 163 
ILE CB  CG1  sing N N 164 
ILE CB  CG2  sing N N 165 
ILE CB  HB   sing N N 166 
ILE CG1 CD1  sing N N 167 
ILE CG1 HG12 sing N N 168 
ILE CG1 HG13 sing N N 169 
ILE CG2 HG21 sing N N 170 
ILE CG2 HG22 sing N N 171 
ILE CG2 HG23 sing N N 172 
ILE CD1 HD11 sing N N 173 
ILE CD1 HD12 sing N N 174 
ILE CD1 HD13 sing N N 175 
ILE OXT HXT  sing N N 176 
LEU N   CA   sing N N 177 
LEU N   H    sing N N 178 
LEU N   H2   sing N N 179 
LEU CA  C    sing N N 180 
LEU CA  CB   sing N N 181 
LEU CA  HA   sing N N 182 
LEU C   O    doub N N 183 
LEU C   OXT  sing N N 184 
LEU CB  CG   sing N N 185 
LEU CB  HB2  sing N N 186 
LEU CB  HB3  sing N N 187 
LEU CG  CD1  sing N N 188 
LEU CG  CD2  sing N N 189 
LEU CG  HG   sing N N 190 
LEU CD1 HD11 sing N N 191 
LEU CD1 HD12 sing N N 192 
LEU CD1 HD13 sing N N 193 
LEU CD2 HD21 sing N N 194 
LEU CD2 HD22 sing N N 195 
LEU CD2 HD23 sing N N 196 
LEU OXT HXT  sing N N 197 
LYS N   CA   sing N N 198 
LYS N   H    sing N N 199 
LYS N   H2   sing N N 200 
LYS CA  C    sing N N 201 
LYS CA  CB   sing N N 202 
LYS CA  HA   sing N N 203 
LYS C   O    doub N N 204 
LYS C   OXT  sing N N 205 
LYS CB  CG   sing N N 206 
LYS CB  HB2  sing N N 207 
LYS CB  HB3  sing N N 208 
LYS CG  CD   sing N N 209 
LYS CG  HG2  sing N N 210 
LYS CG  HG3  sing N N 211 
LYS CD  CE   sing N N 212 
LYS CD  HD2  sing N N 213 
LYS CD  HD3  sing N N 214 
LYS CE  NZ   sing N N 215 
LYS CE  HE2  sing N N 216 
LYS CE  HE3  sing N N 217 
LYS NZ  HZ1  sing N N 218 
LYS NZ  HZ2  sing N N 219 
LYS NZ  HZ3  sing N N 220 
LYS OXT HXT  sing N N 221 
MET N   CA   sing N N 222 
MET N   H    sing N N 223 
MET N   H2   sing N N 224 
MET CA  C    sing N N 225 
MET CA  CB   sing N N 226 
MET CA  HA   sing N N 227 
MET C   O    doub N N 228 
MET C   OXT  sing N N 229 
MET CB  CG   sing N N 230 
MET CB  HB2  sing N N 231 
MET CB  HB3  sing N N 232 
MET CG  SD   sing N N 233 
MET CG  HG2  sing N N 234 
MET CG  HG3  sing N N 235 
MET SD  CE   sing N N 236 
MET CE  HE1  sing N N 237 
MET CE  HE2  sing N N 238 
MET CE  HE3  sing N N 239 
MET OXT HXT  sing N N 240 
NH2 N   HN1  sing N N 241 
NH2 N   HN2  sing N N 242 
PHE N   CA   sing N N 243 
PHE N   H    sing N N 244 
PHE N   H2   sing N N 245 
PHE CA  C    sing N N 246 
PHE CA  CB   sing N N 247 
PHE CA  HA   sing N N 248 
PHE C   O    doub N N 249 
PHE C   OXT  sing N N 250 
PHE CB  CG   sing N N 251 
PHE CB  HB2  sing N N 252 
PHE CB  HB3  sing N N 253 
PHE CG  CD1  doub Y N 254 
PHE CG  CD2  sing Y N 255 
PHE CD1 CE1  sing Y N 256 
PHE CD1 HD1  sing N N 257 
PHE CD2 CE2  doub Y N 258 
PHE CD2 HD2  sing N N 259 
PHE CE1 CZ   doub Y N 260 
PHE CE1 HE1  sing N N 261 
PHE CE2 CZ   sing Y N 262 
PHE CE2 HE2  sing N N 263 
PHE CZ  HZ   sing N N 264 
PHE OXT HXT  sing N N 265 
PRO N   CA   sing N N 266 
PRO N   CD   sing N N 267 
PRO N   H    sing N N 268 
PRO CA  C    sing N N 269 
PRO CA  CB   sing N N 270 
PRO CA  HA   sing N N 271 
PRO C   O    doub N N 272 
PRO C   OXT  sing N N 273 
PRO CB  CG   sing N N 274 
PRO CB  HB2  sing N N 275 
PRO CB  HB3  sing N N 276 
PRO CG  CD   sing N N 277 
PRO CG  HG2  sing N N 278 
PRO CG  HG3  sing N N 279 
PRO CD  HD2  sing N N 280 
PRO CD  HD3  sing N N 281 
PRO OXT HXT  sing N N 282 
PTR N   CA   sing N N 283 
PTR N   H    sing N N 284 
PTR N   H2   sing N N 285 
PTR CA  C    sing N N 286 
PTR CA  CB   sing N N 287 
PTR CA  HA   sing N N 288 
PTR C   O    doub N N 289 
PTR C   OXT  sing N N 290 
PTR OXT HXT  sing N N 291 
PTR CB  CG   sing N N 292 
PTR CB  HB2  sing N N 293 
PTR CB  HB3  sing N N 294 
PTR CG  CD1  doub Y N 295 
PTR CG  CD2  sing Y N 296 
PTR CD1 CE1  sing Y N 297 
PTR CD1 HD1  sing N N 298 
PTR CD2 CE2  doub Y N 299 
PTR CD2 HD2  sing N N 300 
PTR CE1 CZ   doub Y N 301 
PTR CE1 HE1  sing N N 302 
PTR CE2 CZ   sing Y N 303 
PTR CE2 HE2  sing N N 304 
PTR CZ  OH   sing N N 305 
PTR OH  P    sing N N 306 
PTR P   O1P  doub N N 307 
PTR P   O2P  sing N N 308 
PTR P   O3P  sing N N 309 
PTR O2P HO2P sing N N 310 
PTR O3P HO3P sing N N 311 
SER N   CA   sing N N 312 
SER N   H    sing N N 313 
SER N   H2   sing N N 314 
SER CA  C    sing N N 315 
SER CA  CB   sing N N 316 
SER CA  HA   sing N N 317 
SER C   O    doub N N 318 
SER C   OXT  sing N N 319 
SER CB  OG   sing N N 320 
SER CB  HB2  sing N N 321 
SER CB  HB3  sing N N 322 
SER OG  HG   sing N N 323 
SER OXT HXT  sing N N 324 
THR N   CA   sing N N 325 
THR N   H    sing N N 326 
THR N   H2   sing N N 327 
THR CA  C    sing N N 328 
THR CA  CB   sing N N 329 
THR CA  HA   sing N N 330 
THR C   O    doub N N 331 
THR C   OXT  sing N N 332 
THR CB  OG1  sing N N 333 
THR CB  CG2  sing N N 334 
THR CB  HB   sing N N 335 
THR OG1 HG1  sing N N 336 
THR CG2 HG21 sing N N 337 
THR CG2 HG22 sing N N 338 
THR CG2 HG23 sing N N 339 
THR OXT HXT  sing N N 340 
TRP N   CA   sing N N 341 
TRP N   H    sing N N 342 
TRP N   H2   sing N N 343 
TRP CA  C    sing N N 344 
TRP CA  CB   sing N N 345 
TRP CA  HA   sing N N 346 
TRP C   O    doub N N 347 
TRP C   OXT  sing N N 348 
TRP CB  CG   sing N N 349 
TRP CB  HB2  sing N N 350 
TRP CB  HB3  sing N N 351 
TRP CG  CD1  doub Y N 352 
TRP CG  CD2  sing Y N 353 
TRP CD1 NE1  sing Y N 354 
TRP CD1 HD1  sing N N 355 
TRP CD2 CE2  doub Y N 356 
TRP CD2 CE3  sing Y N 357 
TRP NE1 CE2  sing Y N 358 
TRP NE1 HE1  sing N N 359 
TRP CE2 CZ2  sing Y N 360 
TRP CE3 CZ3  doub Y N 361 
TRP CE3 HE3  sing N N 362 
TRP CZ2 CH2  doub Y N 363 
TRP CZ2 HZ2  sing N N 364 
TRP CZ3 CH2  sing Y N 365 
TRP CZ3 HZ3  sing N N 366 
TRP CH2 HH2  sing N N 367 
TRP OXT HXT  sing N N 368 
TYR N   CA   sing N N 369 
TYR N   H    sing N N 370 
TYR N   H2   sing N N 371 
TYR CA  C    sing N N 372 
TYR CA  CB   sing N N 373 
TYR CA  HA   sing N N 374 
TYR C   O    doub N N 375 
TYR C   OXT  sing N N 376 
TYR CB  CG   sing N N 377 
TYR CB  HB2  sing N N 378 
TYR CB  HB3  sing N N 379 
TYR CG  CD1  doub Y N 380 
TYR CG  CD2  sing Y N 381 
TYR CD1 CE1  sing Y N 382 
TYR CD1 HD1  sing N N 383 
TYR CD2 CE2  doub Y N 384 
TYR CD2 HD2  sing N N 385 
TYR CE1 CZ   doub Y N 386 
TYR CE1 HE1  sing N N 387 
TYR CE2 CZ   sing Y N 388 
TYR CE2 HE2  sing N N 389 
TYR CZ  OH   sing N N 390 
TYR OH  HH   sing N N 391 
TYR OXT HXT  sing N N 392 
VAL N   CA   sing N N 393 
VAL N   H    sing N N 394 
VAL N   H2   sing N N 395 
VAL CA  C    sing N N 396 
VAL CA  CB   sing N N 397 
VAL CA  HA   sing N N 398 
VAL C   O    doub N N 399 
VAL C   OXT  sing N N 400 
VAL CB  CG1  sing N N 401 
VAL CB  CG2  sing N N 402 
VAL CB  HB   sing N N 403 
VAL CG1 HG11 sing N N 404 
VAL CG1 HG12 sing N N 405 
VAL CG1 HG13 sing N N 406 
VAL CG2 HG21 sing N N 407 
VAL CG2 HG22 sing N N 408 
VAL CG2 HG23 sing N N 409 
VAL OXT HXT  sing N N 410 
# 
_atom_sites.entry_id                    1CSZ 
_atom_sites.fract_transf_matrix[1][1]   1.000000 
_atom_sites.fract_transf_matrix[1][2]   0.000000 
_atom_sites.fract_transf_matrix[1][3]   0.000000 
_atom_sites.fract_transf_matrix[2][1]   0.000000 
_atom_sites.fract_transf_matrix[2][2]   1.000000 
_atom_sites.fract_transf_matrix[2][3]   0.000000 
_atom_sites.fract_transf_matrix[3][1]   0.000000 
_atom_sites.fract_transf_matrix[3][2]   0.000000 
_atom_sites.fract_transf_matrix[3][3]   1.000000 
_atom_sites.fract_transf_vector[1]      0.00000 
_atom_sites.fract_transf_vector[2]      0.00000 
_atom_sites.fract_transf_vector[3]      0.00000 
# 
loop_
_atom_type.symbol 
C 
H 
N 
O 
P 
S 
# 
loop_
_atom_site.group_PDB 
_atom_site.id 
_atom_site.type_symbol 
_atom_site.label_atom_id 
_atom_site.label_alt_id 
_atom_site.label_comp_id 
_atom_site.label_asym_id 
_atom_site.label_entity_id 
_atom_site.label_seq_id 
_atom_site.pdbx_PDB_ins_code 
_atom_site.Cartn_x 
_atom_site.Cartn_y 
_atom_site.Cartn_z 
_atom_site.occupancy 
_atom_site.B_iso_or_equiv 
_atom_site.pdbx_formal_charge 
_atom_site.auth_seq_id 
_atom_site.auth_comp_id 
_atom_site.auth_asym_id 
_atom_site.auth_atom_id 
_atom_site.pdbx_PDB_model_num 
ATOM   1    N N    . GLY A 1 1   ? 27.963  -4.232  3.311   1.00 0.00 ? 1   GLY A N    1 
ATOM   2    C CA   . GLY A 1 1   ? 26.544  -4.004  3.553   1.00 0.00 ? 1   GLY A CA   1 
ATOM   3    C C    . GLY A 1 1   ? 25.719  -5.284  3.399   1.00 0.00 ? 1   GLY A C    1 
ATOM   4    O O    . GLY A 1 1   ? 25.021  -5.718  4.307   1.00 0.00 ? 1   GLY A O    1 
ATOM   5    H H1   . GLY A 1 1   ? 28.098  -4.590  2.345   1.00 0.00 ? 1   GLY A H1   1 
ATOM   6    H H2   . GLY A 1 1   ? 28.482  -3.337  3.424   1.00 0.00 ? 1   GLY A H2   1 
ATOM   7    H H3   . GLY A 1 1   ? 28.324  -4.929  3.993   1.00 0.00 ? 1   GLY A H3   1 
ATOM   8    H HA2  . GLY A 1 1   ? 26.424  -3.611  4.562   1.00 0.00 ? 1   GLY A HA2  1 
ATOM   9    H HA3  . GLY A 1 1   ? 26.189  -3.254  2.846   1.00 0.00 ? 1   GLY A HA3  1 
ATOM   10   N N    . SER A 1 2   ? 25.852  -5.852  2.187   1.00 0.00 ? 2   SER A N    1 
ATOM   11   C CA   . SER A 1 2   ? 25.121  -7.076  1.908   1.00 0.00 ? 2   SER A CA   1 
ATOM   12   C C    . SER A 1 2   ? 23.658  -6.899  2.310   1.00 0.00 ? 2   SER A C    1 
ATOM   13   O O    . SER A 1 2   ? 23.253  -7.197  3.428   1.00 0.00 ? 2   SER A O    1 
ATOM   14   C CB   . SER A 1 2   ? 25.753  -8.231  2.681   1.00 0.00 ? 2   SER A CB   1 
ATOM   15   O OG   . SER A 1 2   ? 25.677  -8.003  4.064   1.00 0.00 ? 2   SER A OG   1 
ATOM   16   H H    . SER A 1 2   ? 26.442  -5.440  1.493   1.00 0.00 ? 2   SER A H    1 
ATOM   17   H HA   . SER A 1 2   ? 25.178  -7.251  0.831   1.00 0.00 ? 2   SER A HA   1 
ATOM   18   H HB2  . SER A 1 2   ? 25.241  -9.170  2.462   1.00 0.00 ? 2   SER A HB2  1 
ATOM   19   H HB3  . SER A 1 2   ? 26.802  -8.351  2.413   1.00 0.00 ? 2   SER A HB3  1 
ATOM   20   H HG   . SER A 1 2   ? 25.102  -8.667  4.419   1.00 0.00 ? 2   SER A HG   1 
ATOM   21   N N    . ARG A 1 3   ? 22.898  -6.396  1.322   1.00 0.00 ? 3   ARG A N    1 
ATOM   22   C CA   . ARG A 1 3   ? 21.480  -6.180  1.575   1.00 0.00 ? 3   ARG A CA   1 
ATOM   23   C C    . ARG A 1 3   ? 20.748  -5.867  0.264   1.00 0.00 ? 3   ARG A C    1 
ATOM   24   O O    . ARG A 1 3   ? 19.805  -5.086  0.227   1.00 0.00 ? 3   ARG A O    1 
ATOM   25   C CB   . ARG A 1 3   ? 21.314  -5.033  2.562   1.00 0.00 ? 3   ARG A CB   1 
ATOM   26   C CG   . ARG A 1 3   ? 22.204  -3.847  2.198   1.00 0.00 ? 3   ARG A CG   1 
ATOM   27   C CD   . ARG A 1 3   ? 22.110  -2.737  3.240   1.00 0.00 ? 3   ARG A CD   1 
ATOM   28   N NE   . ARG A 1 3   ? 20.826  -2.062  3.145   1.00 0.00 ? 3   ARG A NE   1 
ATOM   29   C CZ   . ARG A 1 3   ? 19.786  -2.538  3.857   1.00 0.00 ? 3   ARG A CZ   1 
ATOM   30   N NH1  . ARG A 1 3   ? 19.937  -3.605  4.638   1.00 0.00 ? 3   ARG A NH1  1 
ATOM   31   N NH2  . ARG A 1 3   ? 18.601  -1.937  3.781   1.00 0.00 ? 3   ARG A NH2  1 
ATOM   32   H H    . ARG A 1 3   ? 23.298  -6.175  0.432   1.00 0.00 ? 3   ARG A H    1 
ATOM   33   H HA   . ARG A 1 3   ? 21.080  -7.106  1.994   1.00 0.00 ? 3   ARG A HA   1 
ATOM   34   H HB2  . ARG A 1 3   ? 20.272  -4.716  2.583   1.00 0.00 ? 3   ARG A HB2  1 
ATOM   35   H HB3  . ARG A 1 3   ? 21.559  -5.378  3.567   1.00 0.00 ? 3   ARG A HB3  1 
ATOM   36   H HG2  . ARG A 1 3   ? 23.238  -4.181  2.111   1.00 0.00 ? 3   ARG A HG2  1 
ATOM   37   H HG3  . ARG A 1 3   ? 21.917  -3.459  1.221   1.00 0.00 ? 3   ARG A HG3  1 
ATOM   38   H HD2  . ARG A 1 3   ? 22.197  -3.125  4.252   1.00 0.00 ? 3   ARG A HD2  1 
ATOM   39   H HD3  . ARG A 1 3   ? 22.884  -1.984  3.089   1.00 0.00 ? 3   ARG A HD3  1 
ATOM   40   H HE   . ARG A 1 3   ? 20.714  -1.260  2.560   1.00 0.00 ? 3   ARG A HE   1 
ATOM   41   H HH11 . ARG A 1 3   ? 20.827  -4.058  4.697   1.00 0.00 ? 3   ARG A HH11 1 
ATOM   42   H HH12 . ARG A 1 3   ? 19.162  -3.954  5.164   1.00 0.00 ? 3   ARG A HH12 1 
ATOM   43   H HH21 . ARG A 1 3   ? 18.485  -1.135  3.196   1.00 0.00 ? 3   ARG A HH21 1 
ATOM   44   H HH22 . ARG A 1 3   ? 17.827  -2.289  4.307   1.00 0.00 ? 3   ARG A HH22 1 
ATOM   45   N N    . ARG A 1 4   ? 21.240  -6.533  -0.800  1.00 0.00 ? 4   ARG A N    1 
ATOM   46   C CA   . ARG A 1 4   ? 20.628  -6.319  -2.100  1.00 0.00 ? 4   ARG A CA   1 
ATOM   47   C C    . ARG A 1 4   ? 20.579  -4.822  -2.403  1.00 0.00 ? 4   ARG A C    1 
ATOM   48   O O    . ARG A 1 4   ? 20.794  -3.978  -1.541  1.00 0.00 ? 4   ARG A O    1 
ATOM   49   C CB   . ARG A 1 4   ? 19.223  -6.918  -2.103  1.00 0.00 ? 4   ARG A CB   1 
ATOM   50   C CG   . ARG A 1 4   ? 18.530  -6.715  -3.451  1.00 0.00 ? 4   ARG A CG   1 
ATOM   51   C CD   . ARG A 1 4   ? 17.324  -7.641  -3.611  1.00 0.00 ? 4   ARG A CD   1 
ATOM   52   N NE   . ARG A 1 4   ? 16.687  -7.412  -4.896  1.00 0.00 ? 4   ARG A NE   1 
ATOM   53   C CZ   . ARG A 1 4   ? 15.943  -8.396  -5.435  1.00 0.00 ? 4   ARG A CZ   1 
ATOM   54   N NH1  . ARG A 1 4   ? 15.795  -9.553  -4.793  1.00 0.00 ? 4   ARG A NH1  1 
ATOM   55   N NH2  . ARG A 1 4   ? 15.354  -8.211  -6.613  1.00 0.00 ? 4   ARG A NH2  1 
ATOM   56   H H    . ARG A 1 4   ? 22.011  -7.161  -0.695  1.00 0.00 ? 4   ARG A H    1 
ATOM   57   H HA   . ARG A 1 4   ? 21.261  -6.813  -2.842  1.00 0.00 ? 4   ARG A HA   1 
ATOM   58   H HB2  . ARG A 1 4   ? 19.279  -7.982  -1.878  1.00 0.00 ? 4   ARG A HB2  1 
ATOM   59   H HB3  . ARG A 1 4   ? 18.628  -6.460  -1.313  1.00 0.00 ? 4   ARG A HB3  1 
ATOM   60   H HG2  . ARG A 1 4   ? 18.211  -5.678  -3.547  1.00 0.00 ? 4   ARG A HG2  1 
ATOM   61   H HG3  . ARG A 1 4   ? 19.240  -6.902  -4.257  1.00 0.00 ? 4   ARG A HG3  1 
ATOM   62   H HD2  . ARG A 1 4   ? 17.614  -8.689  -3.579  1.00 0.00 ? 4   ARG A HD2  1 
ATOM   63   H HD3  . ARG A 1 4   ? 16.575  -7.461  -2.837  1.00 0.00 ? 4   ARG A HD3  1 
ATOM   64   H HE   . ARG A 1 4   ? 16.800  -6.541  -5.372  1.00 0.00 ? 4   ARG A HE   1 
ATOM   65   H HH11 . ARG A 1 4   ? 16.237  -9.693  -3.908  1.00 0.00 ? 4   ARG A HH11 1 
ATOM   66   H HH12 . ARG A 1 4   ? 15.242  -10.282 -5.197  1.00 0.00 ? 4   ARG A HH12 1 
ATOM   67   H HH21 . ARG A 1 4   ? 15.463  -7.342  -7.096  1.00 0.00 ? 4   ARG A HH21 1 
ATOM   68   H HH22 . ARG A 1 4   ? 14.801  -8.941  -7.016  1.00 0.00 ? 4   ARG A HH22 1 
ATOM   69   N N    . ALA A 1 5   ? 20.290  -4.554  -3.689  1.00 0.00 ? 5   ALA A N    1 
ATOM   70   C CA   . ALA A 1 5   ? 20.210  -3.166  -4.110  1.00 0.00 ? 5   ALA A CA   1 
ATOM   71   C C    . ALA A 1 5   ? 18.801  -2.633  -3.844  1.00 0.00 ? 5   ALA A C    1 
ATOM   72   O O    . ALA A 1 5   ? 18.499  -2.110  -2.778  1.00 0.00 ? 5   ALA A O    1 
ATOM   73   C CB   . ALA A 1 5   ? 20.561  -3.064  -5.593  1.00 0.00 ? 5   ALA A CB   1 
ATOM   74   H H    . ALA A 1 5   ? 20.137  -5.294  -4.342  1.00 0.00 ? 5   ALA A H    1 
ATOM   75   H HA   . ALA A 1 5   ? 20.924  -2.604  -3.503  1.00 0.00 ? 5   ALA A HA   1 
ATOM   76   H HB1  . ALA A 1 5   ? 21.565  -3.444  -5.783  1.00 0.00 ? 5   ALA A HB1  1 
ATOM   77   H HB2  . ALA A 1 5   ? 19.862  -3.639  -6.200  1.00 0.00 ? 5   ALA A HB2  1 
ATOM   78   H HB3  . ALA A 1 5   ? 20.525  -2.027  -5.930  1.00 0.00 ? 5   ALA A HB3  1 
ATOM   79   N N    . SER A 1 6   ? 17.966  -2.800  -4.885  1.00 0.00 ? 6   SER A N    1 
ATOM   80   C CA   . SER A 1 6   ? 16.595  -2.333  -4.758  1.00 0.00 ? 6   SER A CA   1 
ATOM   81   C C    . SER A 1 6   ? 15.839  -3.232  -3.781  1.00 0.00 ? 6   SER A C    1 
ATOM   82   O O    . SER A 1 6   ? 16.172  -4.393  -3.579  1.00 0.00 ? 6   SER A O    1 
ATOM   83   C CB   . SER A 1 6   ? 15.924  -2.346  -6.129  1.00 0.00 ? 6   SER A CB   1 
ATOM   84   O OG   . SER A 1 6   ? 15.840  -3.657  -6.628  1.00 0.00 ? 6   SER A OG   1 
ATOM   85   H H    . SER A 1 6   ? 18.281  -3.237  -5.726  1.00 0.00 ? 6   SER A H    1 
ATOM   86   H HA   . SER A 1 6   ? 16.634  -1.318  -4.354  1.00 0.00 ? 6   SER A HA   1 
ATOM   87   H HB2  . SER A 1 6   ? 14.914  -1.940  -6.070  1.00 0.00 ? 6   SER A HB2  1 
ATOM   88   H HB3  . SER A 1 6   ? 16.486  -1.745  -6.844  1.00 0.00 ? 6   SER A HB3  1 
ATOM   89   H HG   . SER A 1 6   ? 15.025  -3.714  -7.109  1.00 0.00 ? 6   SER A HG   1 
ATOM   90   N N    . VAL A 1 7   ? 14.799  -2.611  -3.194  1.00 0.00 ? 7   VAL A N    1 
ATOM   91   C CA   . VAL A 1 7   ? 13.992  -3.353  -2.240  1.00 0.00 ? 7   VAL A CA   1 
ATOM   92   C C    . VAL A 1 7   ? 13.715  -4.756  -2.782  1.00 0.00 ? 7   VAL A C    1 
ATOM   93   O O    . VAL A 1 7   ? 13.104  -4.937  -3.827  1.00 0.00 ? 7   VAL A O    1 
ATOM   94   C CB   . VAL A 1 7   ? 12.684  -2.607  -1.995  1.00 0.00 ? 7   VAL A CB   1 
ATOM   95   C CG1  . VAL A 1 7   ? 11.960  -2.348  -3.315  1.00 0.00 ? 7   VAL A CG1  1 
ATOM   96   C CG2  . VAL A 1 7   ? 11.786  -3.405  -1.047  1.00 0.00 ? 7   VAL A CG2  1 
ATOM   97   H H    . VAL A 1 7   ? 14.588  -1.659  -3.410  1.00 0.00 ? 7   VAL A H    1 
ATOM   98   H HA   . VAL A 1 7   ? 14.572  -3.434  -1.316  1.00 0.00 ? 7   VAL A HA   1 
ATOM   99   H HB   . VAL A 1 7   ? 12.915  -1.646  -1.533  1.00 0.00 ? 7   VAL A HB   1 
ATOM   100  H HG11 . VAL A 1 7   ? 12.576  -1.751  -3.987  1.00 0.00 ? 7   VAL A HG11 1 
ATOM   101  H HG12 . VAL A 1 7   ? 11.722  -3.284  -3.820  1.00 0.00 ? 7   VAL A HG12 1 
ATOM   102  H HG13 . VAL A 1 7   ? 11.026  -1.810  -3.148  1.00 0.00 ? 7   VAL A HG13 1 
ATOM   103  H HG21 . VAL A 1 7   ? 11.589  -4.400  -1.445  1.00 0.00 ? 7   VAL A HG21 1 
ATOM   104  H HG22 . VAL A 1 7   ? 12.256  -3.519  -0.069  1.00 0.00 ? 7   VAL A HG22 1 
ATOM   105  H HG23 . VAL A 1 7   ? 10.829  -2.903  -0.904  1.00 0.00 ? 7   VAL A HG23 1 
ATOM   106  N N    . GLY A 1 8   ? 14.210  -5.728  -1.996  1.00 0.00 ? 8   GLY A N    1 
ATOM   107  C CA   . GLY A 1 8   ? 14.014  -7.108  -2.394  1.00 0.00 ? 8   GLY A CA   1 
ATOM   108  C C    . GLY A 1 8   ? 12.641  -7.615  -1.953  1.00 0.00 ? 8   GLY A C    1 
ATOM   109  O O    . GLY A 1 8   ? 12.506  -8.654  -1.317  1.00 0.00 ? 8   GLY A O    1 
ATOM   110  H H    . GLY A 1 8   ? 14.699  -5.504  -1.154  1.00 0.00 ? 8   GLY A H    1 
ATOM   111  H HA2  . GLY A 1 8   ? 14.111  -7.157  -3.478  1.00 0.00 ? 8   GLY A HA2  1 
ATOM   112  H HA3  . GLY A 1 8   ? 14.807  -7.701  -1.935  1.00 0.00 ? 8   GLY A HA3  1 
ATOM   113  N N    . SER A 1 9   ? 11.636  -6.806  -2.333  1.00 0.00 ? 9   SER A N    1 
ATOM   114  C CA   . SER A 1 9   ? 10.278  -7.172  -1.976  1.00 0.00 ? 9   SER A CA   1 
ATOM   115  C C    . SER A 1 9   ? 10.236  -7.590  -0.508  1.00 0.00 ? 9   SER A C    1 
ATOM   116  O O    . SER A 1 9   ? 10.109  -8.762  -0.172  1.00 0.00 ? 9   SER A O    1 
ATOM   117  C CB   . SER A 1 9   ? 9.807   -8.312  -2.873  1.00 0.00 ? 9   SER A CB   1 
ATOM   118  O OG   . SER A 1 9   ? 10.596  -9.457  -2.675  1.00 0.00 ? 9   SER A OG   1 
ATOM   119  H H    . SER A 1 9   ? 11.821  -5.972  -2.854  1.00 0.00 ? 9   SER A H    1 
ATOM   120  H HA   . SER A 1 9   ? 9.653   -6.284  -2.114  1.00 0.00 ? 9   SER A HA   1 
ATOM   121  H HB2  . SER A 1 9   ? 8.770   -8.572  -2.661  1.00 0.00 ? 9   SER A HB2  1 
ATOM   122  H HB3  . SER A 1 9   ? 9.874   -8.030  -3.923  1.00 0.00 ? 9   SER A HB3  1 
ATOM   123  H HG   . SER A 1 9   ? 10.823  -9.783  -3.535  1.00 0.00 ? 9   SER A HG   1 
ATOM   124  N N    . HIS A 1 10  ? 10.347  -6.550  0.337   1.00 0.00 ? 10  HIS A N    1 
ATOM   125  C CA   . HIS A 1 10  ? 10.327  -6.810  1.765   1.00 0.00 ? 10  HIS A CA   1 
ATOM   126  C C    . HIS A 1 10  ? 8.925   -7.246  2.184   1.00 0.00 ? 10  HIS A C    1 
ATOM   127  O O    . HIS A 1 10  ? 8.127   -6.463  2.684   1.00 0.00 ? 10  HIS A O    1 
ATOM   128  C CB   . HIS A 1 10  ? 10.742  -5.549  2.519   1.00 0.00 ? 10  HIS A CB   1 
ATOM   129  C CG   . HIS A 1 10  ? 12.205  -5.265  2.266   1.00 0.00 ? 10  HIS A CG   1 
ATOM   130  N ND1  . HIS A 1 10  ? 12.971  -4.502  3.075   1.00 0.00 ? 10  HIS A ND1  1 
ATOM   131  C CD2  . HIS A 1 10  ? 13.006  -5.712  1.198   1.00 0.00 ? 10  HIS A CD2  1 
ATOM   132  C CE1  . HIS A 1 10  ? 14.198  -4.481  2.527   1.00 0.00 ? 10  HIS A CE1  1 
ATOM   133  N NE2  . HIS A 1 10  ? 14.244  -5.204  1.394   1.00 0.00 ? 10  HIS A NE2  1 
ATOM   134  H H    . HIS A 1 10  ? 10.442  -5.618  -0.012  1.00 0.00 ? 10  HIS A H    1 
ATOM   135  H HA   . HIS A 1 10  ? 11.029  -7.627  1.958   1.00 0.00 ? 10  HIS A HA   1 
ATOM   136  H HB2  . HIS A 1 10  ? 10.147  -4.696  2.192   1.00 0.00 ? 10  HIS A HB2  1 
ATOM   137  H HB3  . HIS A 1 10  ? 10.580  -5.674  3.589   1.00 0.00 ? 10  HIS A HB3  1 
ATOM   138  H HD1  . HIS A 1 10  ? 12.690  -4.053  3.900   1.00 0.00 ? 10  HIS A HD1  1 
ATOM   139  H HD2  . HIS A 1 10  ? 12.694  -6.342  0.380   1.00 0.00 ? 10  HIS A HD2  1 
ATOM   140  H HE1  . HIS A 1 10  ? 15.041  -3.949  2.945   1.00 0.00 ? 10  HIS A HE1  1 
ATOM   141  N N    . GLU A 1 11  ? 8.686   -8.549  1.948   1.00 0.00 ? 11  GLU A N    1 
ATOM   142  C CA   . GLU A 1 11  ? 7.401   -9.097  2.300   1.00 0.00 ? 11  GLU A CA   1 
ATOM   143  C C    . GLU A 1 11  ? 7.137   -8.860  3.781   1.00 0.00 ? 11  GLU A C    1 
ATOM   144  O O    . GLU A 1 11  ? 6.127   -8.295  4.182   1.00 0.00 ? 11  GLU A O    1 
ATOM   145  C CB   . GLU A 1 11  ? 7.428   -10.585 1.996   1.00 0.00 ? 11  GLU A CB   1 
ATOM   146  C CG   . GLU A 1 11  ? 6.172   -11.024 1.253   1.00 0.00 ? 11  GLU A CG   1 
ATOM   147  C CD   . GLU A 1 11  ? 6.209   -12.534 1.010   1.00 0.00 ? 11  GLU A CD   1 
ATOM   148  O OE1  . GLU A 1 11  ? 5.921   -13.286 1.941   1.00 0.00 ? 11  GLU A OE1  1 
ATOM   149  O OE2  . GLU A 1 11  ? 6.523   -12.941 -0.107  1.00 0.00 ? 11  GLU A OE2  1 
ATOM   150  H H    . GLU A 1 11  ? 9.381   -9.136  1.544   1.00 0.00 ? 11  GLU A H    1 
ATOM   151  H HA   . GLU A 1 11  ? 6.647   -8.582  1.703   1.00 0.00 ? 11  GLU A HA   1 
ATOM   152  H HB2  . GLU A 1 11  ? 8.308   -10.817 1.398   1.00 0.00 ? 11  GLU A HB2  1 
ATOM   153  H HB3  . GLU A 1 11  ? 7.529   -11.141 2.922   1.00 0.00 ? 11  GLU A HB3  1 
ATOM   154  H HG2  . GLU A 1 11  ? 5.284   -10.778 1.831   1.00 0.00 ? 11  GLU A HG2  1 
ATOM   155  H HG3  . GLU A 1 11  ? 6.100   -10.511 0.294   1.00 0.00 ? 11  GLU A HG3  1 
ATOM   156  N N    . LYS A 1 12  ? 8.124   -9.342  4.552   1.00 0.00 ? 12  LYS A N    1 
ATOM   157  C CA   . LYS A 1 12  ? 8.035   -9.197  5.999   1.00 0.00 ? 12  LYS A CA   1 
ATOM   158  C C    . LYS A 1 12  ? 7.390   -7.857  6.353   1.00 0.00 ? 12  LYS A C    1 
ATOM   159  O O    . LYS A 1 12  ? 7.992   -6.803  6.228   1.00 0.00 ? 12  LYS A O    1 
ATOM   160  C CB   . LYS A 1 12  ? 9.436   -9.288  6.600   1.00 0.00 ? 12  LYS A CB   1 
ATOM   161  C CG   . LYS A 1 12  ? 10.141  -10.581 6.191   1.00 0.00 ? 12  LYS A CG   1 
ATOM   162  C CD   . LYS A 1 12  ? 11.625  -10.553 6.560   1.00 0.00 ? 12  LYS A CD   1 
ATOM   163  C CE   . LYS A 1 12  ? 11.827  -10.332 8.059   1.00 0.00 ? 12  LYS A CE   1 
ATOM   164  N NZ   . LYS A 1 12  ? 13.237  -10.235 8.420   1.00 0.00 ? 12  LYS A NZ   1 
ATOM   165  H H    . LYS A 1 12  ? 8.906   -9.805  4.132   1.00 0.00 ? 12  LYS A H    1 
ATOM   166  H HA   . LYS A 1 12  ? 7.401   -10.009 6.369   1.00 0.00 ? 12  LYS A HA   1 
ATOM   167  H HB2  . LYS A 1 12  ? 10.028  -8.432  6.275   1.00 0.00 ? 12  LYS A HB2  1 
ATOM   168  H HB3  . LYS A 1 12  ? 9.373   -9.233  7.687   1.00 0.00 ? 12  LYS A HB3  1 
ATOM   169  H HG2  . LYS A 1 12  ? 9.659   -11.431 6.675   1.00 0.00 ? 12  LYS A HG2  1 
ATOM   170  H HG3  . LYS A 1 12  ? 10.035  -10.731 5.116   1.00 0.00 ? 12  LYS A HG3  1 
ATOM   171  H HD2  . LYS A 1 12  ? 12.094  -11.489 6.261   1.00 0.00 ? 12  LYS A HD2  1 
ATOM   172  H HD3  . LYS A 1 12  ? 12.124  -9.759  6.002   1.00 0.00 ? 12  LYS A HD3  1 
ATOM   173  H HE2  . LYS A 1 12  ? 11.340  -9.412  8.381   1.00 0.00 ? 12  LYS A HE2  1 
ATOM   174  H HE3  . LYS A 1 12  ? 11.395  -11.154 8.630   1.00 0.00 ? 12  LYS A HE3  1 
ATOM   175  H HZ1  . LYS A 1 12  ? 13.670  -9.437  7.913   1.00 0.00 ? 12  LYS A HZ1  1 
ATOM   176  H HZ2  . LYS A 1 12  ? 13.322  -10.083 9.445   1.00 0.00 ? 12  LYS A HZ2  1 
ATOM   177  H HZ3  . LYS A 1 12  ? 13.723  -11.117 8.158   1.00 0.00 ? 12  LYS A HZ3  1 
ATOM   178  N N    . MET A 1 13  ? 6.126   -7.995  6.801   1.00 0.00 ? 13  MET A N    1 
ATOM   179  C CA   . MET A 1 13  ? 5.350   -6.818  7.188   1.00 0.00 ? 13  MET A CA   1 
ATOM   180  C C    . MET A 1 13  ? 3.868   -7.156  6.992   1.00 0.00 ? 13  MET A C    1 
ATOM   181  O O    . MET A 1 13  ? 3.513   -8.056  6.242   1.00 0.00 ? 13  MET A O    1 
ATOM   182  C CB   . MET A 1 13  ? 5.737   -5.603  6.335   1.00 0.00 ? 13  MET A CB   1 
ATOM   183  C CG   . MET A 1 13  ? 6.649   -4.615  7.085   1.00 0.00 ? 13  MET A CG   1 
ATOM   184  S SD   . MET A 1 13  ? 6.128   -4.388  8.793   1.00 0.00 ? 13  MET A SD   1 
ATOM   185  C CE   . MET A 1 13  ? 7.414   -5.372  9.580   1.00 0.00 ? 13  MET A CE   1 
ATOM   186  H H    . MET A 1 13  ? 5.719   -8.905  6.869   1.00 0.00 ? 13  MET A H    1 
ATOM   187  H HA   . MET A 1 13  ? 5.543   -6.636  8.246   1.00 0.00 ? 13  MET A HA   1 
ATOM   188  H HB2  . MET A 1 13  ? 6.229   -5.937  5.423   1.00 0.00 ? 13  MET A HB2  1 
ATOM   189  H HB3  . MET A 1 13  ? 4.830   -5.085  6.023   1.00 0.00 ? 13  MET A HB3  1 
ATOM   190  H HG2  . MET A 1 13  ? 7.678   -4.961  7.079   1.00 0.00 ? 13  MET A HG2  1 
ATOM   191  H HG3  . MET A 1 13  ? 6.636   -3.647  6.585   1.00 0.00 ? 13  MET A HG3  1 
ATOM   192  H HE1  . MET A 1 13  ? 7.814   -6.103  8.877   1.00 0.00 ? 13  MET A HE1  1 
ATOM   193  H HE2  . MET A 1 13  ? 8.228   -4.732  9.918   1.00 0.00 ? 13  MET A HE2  1 
ATOM   194  H HE3  . MET A 1 13  ? 7.009   -5.905  10.441  1.00 0.00 ? 13  MET A HE3  1 
ATOM   195  N N    . PRO A 1 14  ? 3.017   -6.388  7.712   1.00 0.00 ? 14  PRO A N    1 
ATOM   196  C CA   . PRO A 1 14  ? 1.579   -6.559  7.664   1.00 0.00 ? 14  PRO A CA   1 
ATOM   197  C C    . PRO A 1 14  ? 0.996   -5.839  6.464   1.00 0.00 ? 14  PRO A C    1 
ATOM   198  O O    . PRO A 1 14  ? 0.501   -6.424  5.512   1.00 0.00 ? 14  PRO A O    1 
ATOM   199  C CB   . PRO A 1 14  ? 1.060   -5.863  8.920   1.00 0.00 ? 14  PRO A CB   1 
ATOM   200  C CG   . PRO A 1 14  ? 2.172   -4.896  9.351   1.00 0.00 ? 14  PRO A CG   1 
ATOM   201  C CD   . PRO A 1 14  ? 3.441   -5.333  8.611   1.00 0.00 ? 14  PRO A CD   1 
ATOM   202  H HA   . PRO A 1 14  ? 1.315   -7.613  7.635   1.00 0.00 ? 14  PRO A HA   1 
ATOM   203  H HB2  . PRO A 1 14  ? 0.135   -5.325  8.712   1.00 0.00 ? 14  PRO A HB2  1 
ATOM   204  H HB3  . PRO A 1 14  ? 0.856   -6.590  9.706   1.00 0.00 ? 14  PRO A HB3  1 
ATOM   205  H HG2  . PRO A 1 14  ? 1.911   -3.871  9.093   1.00 0.00 ? 14  PRO A HG2  1 
ATOM   206  H HG3  . PRO A 1 14  ? 2.317   -4.933  10.416  1.00 0.00 ? 14  PRO A HG3  1 
ATOM   207  H HD2  . PRO A 1 14  ? 3.870   -4.508  8.044   1.00 0.00 ? 14  PRO A HD2  1 
ATOM   208  H HD3  . PRO A 1 14  ? 4.188   -5.705  9.304   1.00 0.00 ? 14  PRO A HD3  1 
ATOM   209  N N    . TRP A 1 15  ? 1.125   -4.514  6.594   1.00 0.00 ? 15  TRP A N    1 
ATOM   210  C CA   . TRP A 1 15  ? 0.615   -3.641  5.542   1.00 0.00 ? 15  TRP A CA   1 
ATOM   211  C C    . TRP A 1 15  ? 1.427   -3.799  4.247   1.00 0.00 ? 15  TRP A C    1 
ATOM   212  O O    . TRP A 1 15  ? 1.261   -3.040  3.304   1.00 0.00 ? 15  TRP A O    1 
ATOM   213  C CB   . TRP A 1 15  ? 0.637   -2.171  6.003   1.00 0.00 ? 15  TRP A CB   1 
ATOM   214  C CG   . TRP A 1 15  ? 1.921   -1.841  6.757   1.00 0.00 ? 15  TRP A CG   1 
ATOM   215  C CD1  . TRP A 1 15  ? 3.131   -2.522  6.646   1.00 0.00 ? 15  TRP A CD1  1 
ATOM   216  C CD2  . TRP A 1 15  ? 2.118   -0.786  7.701   1.00 0.00 ? 15  TRP A CD2  1 
ATOM   217  N NE1  . TRP A 1 15  ? 4.059   -1.943  7.463   1.00 0.00 ? 15  TRP A NE1  1 
ATOM   218  C CE2  . TRP A 1 15  ? 3.478   -0.867  8.137   1.00 0.00 ? 15  TRP A CE2  1 
ATOM   219  C CE3  . TRP A 1 15  ? 1.277   0.196   8.203   1.00 0.00 ? 15  TRP A CE3  1 
ATOM   220  C CZ2  . TRP A 1 15  ? 3.974   0.038   9.067   1.00 0.00 ? 15  TRP A CZ2  1 
ATOM   221  C CZ3  . TRP A 1 15  ? 1.772   1.125   9.153   1.00 0.00 ? 15  TRP A CZ3  1 
ATOM   222  C CH2  . TRP A 1 15  ? 3.123   1.046   9.585   1.00 0.00 ? 15  TRP A CH2  1 
ATOM   223  H H    . TRP A 1 15  ? 1.570   -4.128  7.414   1.00 0.00 ? 15  TRP A H    1 
ATOM   224  H HA   . TRP A 1 15  ? -0.416  -3.954  5.341   1.00 0.00 ? 15  TRP A HA   1 
ATOM   225  H HB2  . TRP A 1 15  ? 0.563   -1.516  5.142   1.00 0.00 ? 15  TRP A HB2  1 
ATOM   226  H HB3  . TRP A 1 15  ? -0.220  -1.963  6.639   1.00 0.00 ? 15  TRP A HB3  1 
ATOM   227  H HD1  . TRP A 1 15  ? 3.291   -3.394  6.037   1.00 0.00 ? 15  TRP A HD1  1 
ATOM   228  H HE1  . TRP A 1 15  ? 4.987   -2.238  7.562   1.00 0.00 ? 15  TRP A HE1  1 
ATOM   229  H HE3  . TRP A 1 15  ? 0.250   0.253   7.872   1.00 0.00 ? 15  TRP A HE3  1 
ATOM   230  H HZ2  . TRP A 1 15  ? 5.002   -0.026  9.393   1.00 0.00 ? 15  TRP A HZ2  1 
ATOM   231  H HZ3  . TRP A 1 15  ? 1.123   1.891   9.549   1.00 0.00 ? 15  TRP A HZ3  1 
ATOM   232  H HH2  . TRP A 1 15  ? 3.500   1.753   10.309  1.00 0.00 ? 15  TRP A HH2  1 
ATOM   233  N N    . PHE A 1 16  ? 2.307   -4.819  4.250   1.00 0.00 ? 16  PHE A N    1 
ATOM   234  C CA   . PHE A 1 16  ? 3.089   -5.040  3.053   1.00 0.00 ? 16  PHE A CA   1 
ATOM   235  C C    . PHE A 1 16  ? 3.138   -6.524  2.718   1.00 0.00 ? 16  PHE A C    1 
ATOM   236  O O    . PHE A 1 16  ? 4.074   -7.235  3.059   1.00 0.00 ? 16  PHE A O    1 
ATOM   237  C CB   . PHE A 1 16  ? 4.494   -4.506  3.249   1.00 0.00 ? 16  PHE A CB   1 
ATOM   238  C CG   . PHE A 1 16  ? 5.230   -4.494  1.937   1.00 0.00 ? 16  PHE A CG   1 
ATOM   239  C CD1  . PHE A 1 16  ? 5.863   -5.673  1.468   1.00 0.00 ? 16  PHE A CD1  1 
ATOM   240  C CD2  . PHE A 1 16  ? 5.270   -3.323  1.137   1.00 0.00 ? 16  PHE A CD2  1 
ATOM   241  C CE1  . PHE A 1 16  ? 6.521   -5.685  0.218   1.00 0.00 ? 16  PHE A CE1  1 
ATOM   242  C CE2  . PHE A 1 16  ? 5.931   -3.339  -0.114  1.00 0.00 ? 16  PHE A CE2  1 
ATOM   243  C CZ   . PHE A 1 16  ? 6.556   -4.518  -0.571  1.00 0.00 ? 16  PHE A CZ   1 
ATOM   244  H H    . PHE A 1 16  ? 2.434   -5.390  5.056   1.00 0.00 ? 16  PHE A H    1 
ATOM   245  H HA   . PHE A 1 16  ? 2.587   -4.510  2.238   1.00 0.00 ? 16  PHE A HA   1 
ATOM   246  H HB2  . PHE A 1 16  ? 4.455   -3.502  3.661   1.00 0.00 ? 16  PHE A HB2  1 
ATOM   247  H HB3  . PHE A 1 16  ? 5.040   -5.129  3.958   1.00 0.00 ? 16  PHE A HB3  1 
ATOM   248  H HD1  . PHE A 1 16  ? 5.843   -6.566  2.069   1.00 0.00 ? 16  PHE A HD1  1 
ATOM   249  H HD2  . PHE A 1 16  ? 4.790   -2.418  1.480   1.00 0.00 ? 16  PHE A HD2  1 
ATOM   250  H HE1  . PHE A 1 16  ? 6.990   -6.593  -0.135  1.00 0.00 ? 16  PHE A HE1  1 
ATOM   251  H HE2  . PHE A 1 16  ? 5.955   -2.450  -0.722  1.00 0.00 ? 16  PHE A HE2  1 
ATOM   252  H HZ   . PHE A 1 16  ? 7.060   -4.528  -1.526  1.00 0.00 ? 16  PHE A HZ   1 
ATOM   253  N N    . HIS A 1 17  ? 2.063   -6.943  2.035   1.00 0.00 ? 17  HIS A N    1 
ATOM   254  C CA   . HIS A 1 17  ? 2.011   -8.326  1.627   1.00 0.00 ? 17  HIS A CA   1 
ATOM   255  C C    . HIS A 1 17  ? 2.089   -8.387  0.106   1.00 0.00 ? 17  HIS A C    1 
ATOM   256  O O    . HIS A 1 17  ? 1.194   -7.957  -0.611  1.00 0.00 ? 17  HIS A O    1 
ATOM   257  C CB   . HIS A 1 17  ? 0.730   -8.972  2.118   1.00 0.00 ? 17  HIS A CB   1 
ATOM   258  C CG   . HIS A 1 17  ? 0.928   -9.465  3.531   1.00 0.00 ? 17  HIS A CG   1 
ATOM   259  N ND1  . HIS A 1 17  ? 0.563   -10.692 3.960   1.00 0.00 ? 17  HIS A ND1  1 
ATOM   260  C CD2  . HIS A 1 17  ? 1.511   -8.780  4.611   1.00 0.00 ? 17  HIS A CD2  1 
ATOM   261  C CE1  . HIS A 1 17  ? 0.910   -10.761 5.256   1.00 0.00 ? 17  HIS A CE1  1 
ATOM   262  N NE2  . HIS A 1 17  ? 1.484   -9.618  5.673   1.00 0.00 ? 17  HIS A NE2  1 
ATOM   263  H H    . HIS A 1 17  ? 1.313   -6.320  1.825   1.00 0.00 ? 17  HIS A H    1 
ATOM   264  H HA   . HIS A 1 17  ? 2.887   -8.825  2.051   1.00 0.00 ? 17  HIS A HA   1 
ATOM   265  H HB2  . HIS A 1 17  ? -0.098  -8.263  2.090   1.00 0.00 ? 17  HIS A HB2  1 
ATOM   266  H HB3  . HIS A 1 17  ? 0.474   -9.808  1.478   1.00 0.00 ? 17  HIS A HB3  1 
ATOM   267  H HD1  . HIS A 1 17  ? 0.131   -11.395 3.430   1.00 0.00 ? 17  HIS A HD1  1 
ATOM   268  H HD2  . HIS A 1 17  ? 1.910   -7.776  4.595   1.00 0.00 ? 17  HIS A HD2  1 
ATOM   269  H HE1  . HIS A 1 17  ? 0.748   -11.625 5.884   1.00 0.00 ? 17  HIS A HE1  1 
ATOM   270  N N    . GLY A 1 18  ? 3.224   -8.950  -0.324  1.00 0.00 ? 18  GLY A N    1 
ATOM   271  C CA   . GLY A 1 18  ? 3.444   -9.067  -1.753  1.00 0.00 ? 18  GLY A CA   1 
ATOM   272  C C    . GLY A 1 18  ? 2.916   -10.406 -2.283  1.00 0.00 ? 18  GLY A C    1 
ATOM   273  O O    . GLY A 1 18  ? 3.470   -11.004 -3.197  1.00 0.00 ? 18  GLY A O    1 
ATOM   274  H H    . GLY A 1 18  ? 3.887   -9.304  0.328   1.00 0.00 ? 18  GLY A H    1 
ATOM   275  H HA2  . GLY A 1 18  ? 2.929   -8.237  -2.235  1.00 0.00 ? 18  GLY A HA2  1 
ATOM   276  H HA3  . GLY A 1 18  ? 4.517   -8.975  -1.928  1.00 0.00 ? 18  GLY A HA3  1 
ATOM   277  N N    . LYS A 1 19  ? 1.810   -10.828 -1.641  1.00 0.00 ? 19  LYS A N    1 
ATOM   278  C CA   . LYS A 1 19  ? 1.205   -12.086 -2.039  1.00 0.00 ? 19  LYS A CA   1 
ATOM   279  C C    . LYS A 1 19  ? -0.260  -11.856 -2.407  1.00 0.00 ? 19  LYS A C    1 
ATOM   280  O O    . LYS A 1 19  ? -0.722  -12.219 -3.483  1.00 0.00 ? 19  LYS A O    1 
ATOM   281  C CB   . LYS A 1 19  ? 1.314   -13.080 -0.884  1.00 0.00 ? 19  LYS A CB   1 
ATOM   282  C CG   . LYS A 1 19  ? 0.783   -14.460 -1.274  1.00 0.00 ? 19  LYS A CG   1 
ATOM   283  C CD   . LYS A 1 19  ? 0.792   -15.417 -0.082  1.00 0.00 ? 19  LYS A CD   1 
ATOM   284  C CE   . LYS A 1 19  ? 0.241   -16.792 -0.460  1.00 0.00 ? 19  LYS A CE   1 
ATOM   285  N NZ   . LYS A 1 19  ? 0.256   -17.722 0.662   1.00 0.00 ? 19  LYS A NZ   1 
ATOM   286  H H    . LYS A 1 19  ? 1.417   -10.283 -0.900  1.00 0.00 ? 19  LYS A H    1 
ATOM   287  H HA   . LYS A 1 19  ? 1.747   -12.446 -2.917  1.00 0.00 ? 19  LYS A HA   1 
ATOM   288  H HB2  . LYS A 1 19  ? 2.354   -13.163 -0.571  1.00 0.00 ? 19  LYS A HB2  1 
ATOM   289  H HB3  . LYS A 1 19  ? 0.757   -12.704 -0.026  1.00 0.00 ? 19  LYS A HB3  1 
ATOM   290  H HG2  . LYS A 1 19  ? -0.231  -14.366 -1.661  1.00 0.00 ? 19  LYS A HG2  1 
ATOM   291  H HG3  . LYS A 1 19  ? 1.391   -14.871 -2.080  1.00 0.00 ? 19  LYS A HG3  1 
ATOM   292  H HD2  . LYS A 1 19  ? 1.809   -15.522 0.295   1.00 0.00 ? 19  LYS A HD2  1 
ATOM   293  H HD3  . LYS A 1 19  ? 0.198   -14.996 0.730   1.00 0.00 ? 19  LYS A HD3  1 
ATOM   294  H HE2  . LYS A 1 19  ? -0.788  -16.710 -0.810  1.00 0.00 ? 19  LYS A HE2  1 
ATOM   295  H HE3  . LYS A 1 19  ? 0.831   -17.233 -1.264  1.00 0.00 ? 19  LYS A HE3  1 
ATOM   296  H HZ1  . LYS A 1 19  ? -0.312  -17.335 1.442   1.00 0.00 ? 19  LYS A HZ1  1 
ATOM   297  H HZ2  . LYS A 1 19  ? -0.144  -18.634 0.363   1.00 0.00 ? 19  LYS A HZ2  1 
ATOM   298  H HZ3  . LYS A 1 19  ? 1.236   -17.862 0.984   1.00 0.00 ? 19  LYS A HZ3  1 
ATOM   299  N N    . ILE A 1 20  ? -0.952  -11.228 -1.439  1.00 0.00 ? 20  ILE A N    1 
ATOM   300  C CA   . ILE A 1 20  ? -2.363  -10.947 -1.656  1.00 0.00 ? 20  ILE A CA   1 
ATOM   301  C C    . ILE A 1 20  ? -2.581  -10.454 -3.084  1.00 0.00 ? 20  ILE A C    1 
ATOM   302  O O    . ILE A 1 20  ? -1.656  -10.073 -3.790  1.00 0.00 ? 20  ILE A O    1 
ATOM   303  C CB   . ILE A 1 20  ? -2.845  -9.902  -0.652  1.00 0.00 ? 20  ILE A CB   1 
ATOM   304  C CG1  . ILE A 1 20  ? -1.734  -8.890  -0.355  1.00 0.00 ? 20  ILE A CG1  1 
ATOM   305  C CG2  . ILE A 1 20  ? -3.308  -10.580 0.635   1.00 0.00 ? 20  ILE A CG2  1 
ATOM   306  C CD1  . ILE A 1 20  ? -2.222  -7.770  0.564   1.00 0.00 ? 20  ILE A CD1  1 
ATOM   307  H H    . ILE A 1 20  ? -0.504  -10.960 -0.587  1.00 0.00 ? 20  ILE A H    1 
ATOM   308  H HA   . ILE A 1 20  ? -2.904  -11.887 -1.521  1.00 0.00 ? 20  ILE A HA   1 
ATOM   309  H HB   . ILE A 1 20  ? -3.694  -9.373  -1.086  1.00 0.00 ? 20  ILE A HB   1 
ATOM   310  H HG12 . ILE A 1 20  ? -0.890  -9.400  0.106   1.00 0.00 ? 20  ILE A HG12 1 
ATOM   311  H HG13 . ILE A 1 20  ? -1.370  -8.463  -1.289  1.00 0.00 ? 20  ILE A HG13 1 
ATOM   312  H HG21 . ILE A 1 20  ? -4.054  -11.347 0.423   1.00 0.00 ? 20  ILE A HG21 1 
ATOM   313  H HG22 . ILE A 1 20  ? -2.471  -11.059 1.145   1.00 0.00 ? 20  ILE A HG22 1 
ATOM   314  H HG23 . ILE A 1 20  ? -3.753  -9.859  1.318   1.00 0.00 ? 20  ILE A HG23 1 
ATOM   315  H HD11 . ILE A 1 20  ? -2.715  -8.176  1.447   1.00 0.00 ? 20  ILE A HD11 1 
ATOM   316  H HD12 . ILE A 1 20  ? -1.390  -7.150  0.897   1.00 0.00 ? 20  ILE A HD12 1 
ATOM   317  H HD13 . ILE A 1 20  ? -2.934  -7.127  0.047   1.00 0.00 ? 20  ILE A HD13 1 
ATOM   318  N N    . SER A 1 21  ? -3.873  -10.495 -3.450  1.00 0.00 ? 21  SER A N    1 
ATOM   319  C CA   . SER A 1 21  ? -4.233  -10.061 -4.788  1.00 0.00 ? 21  SER A CA   1 
ATOM   320  C C    . SER A 1 21  ? -4.546  -8.568  -4.782  1.00 0.00 ? 21  SER A C    1 
ATOM   321  O O    . SER A 1 21  ? -3.787  -7.730  -5.256  1.00 0.00 ? 21  SER A O    1 
ATOM   322  C CB   . SER A 1 21  ? -5.444  -10.855 -5.269  1.00 0.00 ? 21  SER A CB   1 
ATOM   323  O OG   . SER A 1 21  ? -5.810  -10.463 -6.567  1.00 0.00 ? 21  SER A OG   1 
ATOM   324  H H    . SER A 1 21  ? -4.573  -10.816 -2.812  1.00 0.00 ? 21  SER A H    1 
ATOM   325  H HA   . SER A 1 21  ? -3.382  -10.245 -5.426  1.00 0.00 ? 21  SER A HA   1 
ATOM   326  H HB2  . SER A 1 21  ? -5.227  -11.924 -5.284  1.00 0.00 ? 21  SER A HB2  1 
ATOM   327  H HB3  . SER A 1 21  ? -6.299  -10.695 -4.613  1.00 0.00 ? 21  SER A HB3  1 
ATOM   328  H HG   . SER A 1 21  ? -6.738  -10.636 -6.652  1.00 0.00 ? 21  SER A HG   1 
ATOM   329  N N    . ARG A 1 22  ? -5.722  -8.322  -4.208  1.00 0.00 ? 22  ARG A N    1 
ATOM   330  C CA   . ARG A 1 22  ? -6.223  -6.962  -4.110  1.00 0.00 ? 22  ARG A CA   1 
ATOM   331  C C    . ARG A 1 22  ? -7.560  -7.027  -3.373  1.00 0.00 ? 22  ARG A C    1 
ATOM   332  O O    . ARG A 1 22  ? -7.891  -6.205  -2.528  1.00 0.00 ? 22  ARG A O    1 
ATOM   333  C CB   . ARG A 1 22  ? -6.407  -6.375  -5.508  1.00 0.00 ? 22  ARG A CB   1 
ATOM   334  C CG   . ARG A 1 22  ? -6.782  -4.896  -5.450  1.00 0.00 ? 22  ARG A CG   1 
ATOM   335  C CD   . ARG A 1 22  ? -7.343  -4.399  -6.784  1.00 0.00 ? 22  ARG A CD   1 
ATOM   336  N NE   . ARG A 1 22  ? -8.720  -4.840  -6.950  1.00 0.00 ? 22  ARG A NE   1 
ATOM   337  C CZ   . ARG A 1 22  ? -8.977  -5.953  -7.670  1.00 0.00 ? 22  ARG A CZ   1 
ATOM   338  N NH1  . ARG A 1 22  ? -7.987  -6.645  -8.227  1.00 0.00 ? 22  ARG A NH1  1 
ATOM   339  N NH2  . ARG A 1 22  ? -10.234 -6.361  -7.823  1.00 0.00 ? 22  ARG A NH2  1 
ATOM   340  H H    . ARG A 1 22  ? -6.263  -9.078  -3.842  1.00 0.00 ? 22  ARG A H    1 
ATOM   341  H HA   . ARG A 1 22  ? -5.504  -6.384  -3.523  1.00 0.00 ? 22  ARG A HA   1 
ATOM   342  H HB2  . ARG A 1 22  ? -5.487  -6.498  -6.081  1.00 0.00 ? 22  ARG A HB2  1 
ATOM   343  H HB3  . ARG A 1 22  ? -7.182  -6.929  -6.034  1.00 0.00 ? 22  ARG A HB3  1 
ATOM   344  H HG2  . ARG A 1 22  ? -7.519  -4.737  -4.664  1.00 0.00 ? 22  ARG A HG2  1 
ATOM   345  H HG3  . ARG A 1 22  ? -5.904  -4.307  -5.181  1.00 0.00 ? 22  ARG A HG3  1 
ATOM   346  H HD2  . ARG A 1 22  ? -7.356  -3.311  -6.832  1.00 0.00 ? 22  ARG A HD2  1 
ATOM   347  H HD3  . ARG A 1 22  ? -6.767  -4.774  -7.629  1.00 0.00 ? 22  ARG A HD3  1 
ATOM   348  H HE   . ARG A 1 22  ? -9.469  -4.325  -6.536  1.00 0.00 ? 22  ARG A HE   1 
ATOM   349  H HH11 . ARG A 1 22  ? -7.041  -6.342  -8.114  1.00 0.00 ? 22  ARG A HH11 1 
ATOM   350  H HH12 . ARG A 1 22  ? -8.188  -7.469  -8.758  1.00 0.00 ? 22  ARG A HH12 1 
ATOM   351  H HH21 . ARG A 1 22  ? -10.982 -5.844  -7.407  1.00 0.00 ? 22  ARG A HH21 1 
ATOM   352  H HH22 . ARG A 1 22  ? -10.432 -7.185  -8.355  1.00 0.00 ? 22  ARG A HH22 1 
ATOM   353  N N    . GLU A 1 23  ? -8.290  -8.088  -3.768  1.00 0.00 ? 23  GLU A N    1 
ATOM   354  C CA   . GLU A 1 23  ? -9.564  -8.354  -3.164  1.00 0.00 ? 23  GLU A CA   1 
ATOM   355  C C    . GLU A 1 23  ? -9.314  -9.034  -1.828  1.00 0.00 ? 23  GLU A C    1 
ATOM   356  O O    . GLU A 1 23  ? -9.896  -8.718  -0.799  1.00 0.00 ? 23  GLU A O    1 
ATOM   357  C CB   . GLU A 1 23  ? -10.326 -9.276  -4.108  1.00 0.00 ? 23  GLU A CB   1 
ATOM   358  C CG   . GLU A 1 23  ? -10.113 -10.757 -3.807  1.00 0.00 ? 23  GLU A CG   1 
ATOM   359  C CD   . GLU A 1 23  ? -11.033 -11.604 -4.688  1.00 0.00 ? 23  GLU A CD   1 
ATOM   360  O OE1  . GLU A 1 23  ? -11.012 -11.423 -5.904  1.00 0.00 ? 23  GLU A OE1  1 
ATOM   361  O OE2  . GLU A 1 23  ? -11.760 -12.436 -4.146  1.00 0.00 ? 23  GLU A OE2  1 
ATOM   362  H H    . GLU A 1 23  ? -7.940  -8.708  -4.468  1.00 0.00 ? 23  GLU A H    1 
ATOM   363  H HA   . GLU A 1 23  ? -10.075 -7.402  -3.018  1.00 0.00 ? 23  GLU A HA   1 
ATOM   364  H HB2  . GLU A 1 23  ? -11.379 -9.048  -4.063  1.00 0.00 ? 23  GLU A HB2  1 
ATOM   365  H HB3  . GLU A 1 23  ? -9.995  -9.081  -5.119  1.00 0.00 ? 23  GLU A HB3  1 
ATOM   366  H HG2  . GLU A 1 23  ? -9.078  -11.043 -3.999  1.00 0.00 ? 23  GLU A HG2  1 
ATOM   367  H HG3  . GLU A 1 23  ? -10.326 -10.968 -2.768  1.00 0.00 ? 23  GLU A HG3  1 
ATOM   368  N N    . GLU A 1 24  ? -8.391  -9.994  -1.950  1.00 0.00 ? 24  GLU A N    1 
ATOM   369  C CA   . GLU A 1 24  ? -8.001  -10.764 -0.788  1.00 0.00 ? 24  GLU A CA   1 
ATOM   370  C C    . GLU A 1 24  ? -7.701  -9.828  0.388   1.00 0.00 ? 24  GLU A C    1 
ATOM   371  O O    . GLU A 1 24  ? -8.055  -10.095 1.529   1.00 0.00 ? 24  GLU A O    1 
ATOM   372  C CB   . GLU A 1 24  ? -6.776  -11.595 -1.143  1.00 0.00 ? 24  GLU A CB   1 
ATOM   373  C CG   . GLU A 1 24  ? -6.981  -12.351 -2.456  1.00 0.00 ? 24  GLU A CG   1 
ATOM   374  C CD   . GLU A 1 24  ? -8.020  -13.458 -2.260  1.00 0.00 ? 24  GLU A CD   1 
ATOM   375  O OE1  . GLU A 1 24  ? -8.579  -13.549 -1.169  1.00 0.00 ? 24  GLU A OE1  1 
ATOM   376  O OE2  . GLU A 1 24  ? -8.256  -14.213 -3.202  1.00 0.00 ? 24  GLU A OE2  1 
ATOM   377  H H    . GLU A 1 24  ? -7.995  -10.186 -2.863  1.00 0.00 ? 24  GLU A H    1 
ATOM   378  H HA   . GLU A 1 24  ? -8.846  -11.408 -0.527  1.00 0.00 ? 24  GLU A HA   1 
ATOM   379  H HB2  . GLU A 1 24  ? -5.904  -10.946 -1.228  1.00 0.00 ? 24  GLU A HB2  1 
ATOM   380  H HB3  . GLU A 1 24  ? -6.567  -12.299 -0.344  1.00 0.00 ? 24  GLU A HB3  1 
ATOM   381  H HG2  . GLU A 1 24  ? -7.329  -11.676 -3.238  1.00 0.00 ? 24  GLU A HG2  1 
ATOM   382  H HG3  . GLU A 1 24  ? -6.047  -12.798 -2.794  1.00 0.00 ? 24  GLU A HG3  1 
ATOM   383  N N    . SER A 1 25  ? -7.038  -8.715  0.027   1.00 0.00 ? 25  SER A N    1 
ATOM   384  C CA   . SER A 1 25  ? -6.680  -7.748  1.058   1.00 0.00 ? 25  SER A CA   1 
ATOM   385  C C    . SER A 1 25  ? -7.870  -6.837  1.402   1.00 0.00 ? 25  SER A C    1 
ATOM   386  O O    . SER A 1 25  ? -7.963  -6.291  2.494   1.00 0.00 ? 25  SER A O    1 
ATOM   387  C CB   . SER A 1 25  ? -5.498  -6.921  0.567   1.00 0.00 ? 25  SER A CB   1 
ATOM   388  O OG   . SER A 1 25  ? -5.941  -5.785  -0.132  1.00 0.00 ? 25  SER A OG   1 
ATOM   389  H H    . SER A 1 25  ? -6.796  -8.554  -0.929  1.00 0.00 ? 25  SER A H    1 
ATOM   390  H HA   . SER A 1 25  ? -6.403  -8.315  1.950   1.00 0.00 ? 25  SER A HA   1 
ATOM   391  H HB2  . SER A 1 25  ? -4.886  -6.589  1.403   1.00 0.00 ? 25  SER A HB2  1 
ATOM   392  H HB3  . SER A 1 25  ? -4.867  -7.508  -0.100  1.00 0.00 ? 25  SER A HB3  1 
ATOM   393  H HG   . SER A 1 25  ? -5.180  -5.234  -0.263  1.00 0.00 ? 25  SER A HG   1 
ATOM   394  N N    . GLU A 1 26  ? -8.765  -6.708  0.404   1.00 0.00 ? 26  GLU A N    1 
ATOM   395  C CA   . GLU A 1 26  ? -9.924  -5.872  0.600   1.00 0.00 ? 26  GLU A CA   1 
ATOM   396  C C    . GLU A 1 26  ? -10.967 -6.591  1.472   1.00 0.00 ? 26  GLU A C    1 
ATOM   397  O O    . GLU A 1 26  ? -11.818 -5.969  2.097   1.00 0.00 ? 26  GLU A O    1 
ATOM   398  C CB   . GLU A 1 26  ? -10.468 -5.528  -0.783  1.00 0.00 ? 26  GLU A CB   1 
ATOM   399  C CG   . GLU A 1 26  ? -11.977 -5.722  -0.875  1.00 0.00 ? 26  GLU A CG   1 
ATOM   400  C CD   . GLU A 1 26  ? -12.438 -5.549  -2.325  1.00 0.00 ? 26  GLU A CD   1 
ATOM   401  O OE1  . GLU A 1 26  ? -11.683 -4.990  -3.119  1.00 0.00 ? 26  GLU A OE1  1 
ATOM   402  O OE2  . GLU A 1 26  ? -13.545 -5.979  -2.643  1.00 0.00 ? 26  GLU A OE2  1 
ATOM   403  H H    . GLU A 1 26  ? -8.644  -7.184  -0.458  1.00 0.00 ? 26  GLU A H    1 
ATOM   404  H HA   . GLU A 1 26  ? -9.586  -4.975  1.124   1.00 0.00 ? 26  GLU A HA   1 
ATOM   405  H HB2  . GLU A 1 26  ? -10.205 -4.509  -1.027  1.00 0.00 ? 26  GLU A HB2  1 
ATOM   406  H HB3  . GLU A 1 26  ? -9.983  -6.157  -1.525  1.00 0.00 ? 26  GLU A HB3  1 
ATOM   407  H HG2  . GLU A 1 26  ? -12.239 -6.717  -0.540  1.00 0.00 ? 26  GLU A HG2  1 
ATOM   408  H HG3  . GLU A 1 26  ? -12.501 -5.006  -0.243  1.00 0.00 ? 26  GLU A HG3  1 
ATOM   409  N N    . GLN A 1 27  ? -10.842 -7.933  1.475   1.00 0.00 ? 27  GLN A N    1 
ATOM   410  C CA   . GLN A 1 27  ? -11.756 -8.710  2.298   1.00 0.00 ? 27  GLN A CA   1 
ATOM   411  C C    . GLN A 1 27  ? -11.179 -8.713  3.711   1.00 0.00 ? 27  GLN A C    1 
ATOM   412  O O    . GLN A 1 27  ? -11.878 -8.812  4.708   1.00 0.00 ? 27  GLN A O    1 
ATOM   413  C CB   . GLN A 1 27  ? -11.900 -10.130 1.753   1.00 0.00 ? 27  GLN A CB   1 
ATOM   414  C CG   . GLN A 1 27  ? -10.544 -10.781 1.497   1.00 0.00 ? 27  GLN A CG   1 
ATOM   415  C CD   . GLN A 1 27  ? -10.736 -12.249 1.113   1.00 0.00 ? 27  GLN A CD   1 
ATOM   416  O OE1  . GLN A 1 27  ? -10.410 -13.162 1.862   1.00 0.00 ? 27  GLN A OE1  1 
ATOM   417  N NE2  . GLN A 1 27  ? -11.288 -12.406 -0.103  1.00 0.00 ? 27  GLN A NE2  1 
ATOM   418  H H    . GLN A 1 27  ? -10.090 -8.375  0.989   1.00 0.00 ? 27  GLN A H    1 
ATOM   419  H HA   . GLN A 1 27  ? -12.718 -8.192  2.306   1.00 0.00 ? 27  GLN A HA   1 
ATOM   420  H HB2  . GLN A 1 27  ? -12.468 -10.735 2.460   1.00 0.00 ? 27  GLN A HB2  1 
ATOM   421  H HB3  . GLN A 1 27  ? -12.475 -10.108 0.828   1.00 0.00 ? 27  GLN A HB3  1 
ATOM   422  H HG2  . GLN A 1 27  ? -10.023 -10.271 0.689   1.00 0.00 ? 27  GLN A HG2  1 
ATOM   423  H HG3  . GLN A 1 27  ? -9.917  -10.726 2.388   1.00 0.00 ? 27  GLN A HG3  1 
ATOM   424  H HE21 . GLN A 1 27  ? -11.531 -11.612 -0.661  1.00 0.00 ? 27  GLN A HE21 1 
ATOM   425  H HE22 . GLN A 1 27  ? -11.467 -13.320 -0.469  1.00 0.00 ? 27  GLN A HE22 1 
ATOM   426  N N    . ILE A 1 28  ? -9.841  -8.590  3.716   1.00 0.00 ? 28  ILE A N    1 
ATOM   427  C CA   . ILE A 1 28  ? -9.162  -8.521  4.960   1.00 0.00 ? 28  ILE A CA   1 
ATOM   428  C C    . ILE A 1 28  ? -9.492  -7.189  5.618   1.00 0.00 ? 28  ILE A C    1 
ATOM   429  O O    . ILE A 1 28  ? -9.668  -7.076  6.825   1.00 0.00 ? 28  ILE A O    1 
ATOM   430  C CB   . ILE A 1 28  ? -7.691  -8.631  4.641   1.00 0.00 ? 28  ILE A CB   1 
ATOM   431  C CG1  . ILE A 1 28  ? -7.292  -10.079 4.424   1.00 0.00 ? 28  ILE A CG1  1 
ATOM   432  C CG2  . ILE A 1 28  ? -6.861  -8.018  5.747   1.00 0.00 ? 28  ILE A CG2  1 
ATOM   433  C CD1  . ILE A 1 28  ? -5.999  -10.174 3.620   1.00 0.00 ? 28  ILE A CD1  1 
ATOM   434  H H    . ILE A 1 28  ? -9.318  -8.537  2.862   1.00 0.00 ? 28  ILE A H    1 
ATOM   435  H HA   . ILE A 1 28  ? -9.531  -9.331  5.575   1.00 0.00 ? 28  ILE A HA   1 
ATOM   436  H HB   . ILE A 1 28  ? -7.513  -8.080  3.709   1.00 0.00 ? 28  ILE A HB   1 
ATOM   437  H HG12 . ILE A 1 28  ? -7.167  -10.569 5.387   1.00 0.00 ? 28  ILE A HG12 1 
ATOM   438  H HG13 . ILE A 1 28  ? -8.091  -10.602 3.902   1.00 0.00 ? 28  ILE A HG13 1 
ATOM   439  H HG21 . ILE A 1 28  ? -7.372  -8.105  6.703   1.00 0.00 ? 28  ILE A HG21 1 
ATOM   440  H HG22 . ILE A 1 28  ? -5.902  -8.524  5.827   1.00 0.00 ? 28  ILE A HG22 1 
ATOM   441  H HG23 . ILE A 1 28  ? -6.677  -6.964  5.551   1.00 0.00 ? 28  ILE A HG23 1 
ATOM   442  H HD11 . ILE A 1 28  ? -5.346  -9.327  3.837   1.00 0.00 ? 28  ILE A HD11 1 
ATOM   443  H HD12 . ILE A 1 28  ? -5.460  -11.087 3.859   1.00 0.00 ? 28  ILE A HD12 1 
ATOM   444  H HD13 . ILE A 1 28  ? -6.203  -10.173 2.551   1.00 0.00 ? 28  ILE A HD13 1 
ATOM   445  N N    . VAL A 1 29  ? -9.540  -6.187  4.733   1.00 0.00 ? 29  VAL A N    1 
ATOM   446  C CA   . VAL A 1 29  ? -9.903  -4.871  5.204   1.00 0.00 ? 29  VAL A CA   1 
ATOM   447  C C    . VAL A 1 29  ? -11.327 -4.916  5.736   1.00 0.00 ? 29  VAL A C    1 
ATOM   448  O O    . VAL A 1 29  ? -11.716 -4.162  6.619   1.00 0.00 ? 29  VAL A O    1 
ATOM   449  C CB   . VAL A 1 29  ? -9.798  -3.892  4.029   1.00 0.00 ? 29  VAL A CB   1 
ATOM   450  C CG1  . VAL A 1 29  ? -10.922 -2.857  4.058   1.00 0.00 ? 29  VAL A CG1  1 
ATOM   451  C CG2  . VAL A 1 29  ? -8.439  -3.191  4.008   1.00 0.00 ? 29  VAL A CG2  1 
ATOM   452  H H    . VAL A 1 29  ? -9.328  -6.352  3.765   1.00 0.00 ? 29  VAL A H    1 
ATOM   453  H HA   . VAL A 1 29  ? -9.238  -4.627  6.030   1.00 0.00 ? 29  VAL A HA   1 
ATOM   454  H HB   . VAL A 1 29  ? -9.902  -4.471  3.109   1.00 0.00 ? 29  VAL A HB   1 
ATOM   455  H HG11 . VAL A 1 29  ? -11.899 -3.340  4.077   1.00 0.00 ? 29  VAL A HG11 1 
ATOM   456  H HG12 . VAL A 1 29  ? -10.844 -2.221  4.941   1.00 0.00 ? 29  VAL A HG12 1 
ATOM   457  H HG13 . VAL A 1 29  ? -10.884 -2.224  3.177   1.00 0.00 ? 29  VAL A HG13 1 
ATOM   458  H HG21 . VAL A 1 29  ? -8.197  -2.780  4.989   1.00 0.00 ? 29  VAL A HG21 1 
ATOM   459  H HG22 . VAL A 1 29  ? -7.648  -3.883  3.723   1.00 0.00 ? 29  VAL A HG22 1 
ATOM   460  H HG23 . VAL A 1 29  ? -8.438  -2.369  3.291   1.00 0.00 ? 29  VAL A HG23 1 
ATOM   461  N N    . LEU A 1 30  ? -12.074 -5.844  5.134   1.00 0.00 ? 30  LEU A N    1 
ATOM   462  C CA   . LEU A 1 30  ? -13.421 -6.006  5.547   1.00 0.00 ? 30  LEU A CA   1 
ATOM   463  C C    . LEU A 1 30  ? -13.414 -6.338  7.036   1.00 0.00 ? 30  LEU A C    1 
ATOM   464  O O    . LEU A 1 30  ? -14.272 -5.926  7.808   1.00 0.00 ? 30  LEU A O    1 
ATOM   465  C CB   . LEU A 1 30  ? -13.976 -7.145  4.701   1.00 0.00 ? 30  LEU A CB   1 
ATOM   466  C CG   . LEU A 1 30  ? -14.217 -8.413  5.501   1.00 0.00 ? 30  LEU A CG   1 
ATOM   467  C CD1  . LEU A 1 30  ? -15.525 -8.325  6.267   1.00 0.00 ? 30  LEU A CD1  1 
ATOM   468  C CD2  . LEU A 1 30  ? -14.221 -9.624  4.593   1.00 0.00 ? 30  LEU A CD2  1 
ATOM   469  H H    . LEU A 1 30  ? -11.688 -6.472  4.455   1.00 0.00 ? 30  LEU A H    1 
ATOM   470  H HA   . LEU A 1 30  ? -13.942 -5.059  5.367   1.00 0.00 ? 30  LEU A HA   1 
ATOM   471  H HB2  . LEU A 1 30  ? -14.880 -6.827  4.211   1.00 0.00 ? 30  LEU A HB2  1 
ATOM   472  H HB3  . LEU A 1 30  ? -13.264 -7.369  3.918   1.00 0.00 ? 30  LEU A HB3  1 
ATOM   473  H HG   . LEU A 1 30  ? -13.402 -8.531  6.197   1.00 0.00 ? 30  LEU A HG   1 
ATOM   474  H HD11 . LEU A 1 30  ? -15.516 -7.480  6.952   1.00 0.00 ? 30  LEU A HD11 1 
ATOM   475  H HD12 . LEU A 1 30  ? -16.363 -8.197  5.582   1.00 0.00 ? 30  LEU A HD12 1 
ATOM   476  H HD13 . LEU A 1 30  ? -15.696 -9.231  6.846   1.00 0.00 ? 30  LEU A HD13 1 
ATOM   477  H HD21 . LEU A 1 30  ? -13.643 -9.429  3.692   1.00 0.00 ? 30  LEU A HD21 1 
ATOM   478  H HD22 . LEU A 1 30  ? -13.776 -10.479 5.103   1.00 0.00 ? 30  LEU A HD22 1 
ATOM   479  H HD23 . LEU A 1 30  ? -15.233 -9.885  4.304   1.00 0.00 ? 30  LEU A HD23 1 
ATOM   480  N N    . ILE A 1 31  ? -12.365 -7.117  7.367   1.00 0.00 ? 31  ILE A N    1 
ATOM   481  C CA   . ILE A 1 31  ? -12.200 -7.527  8.724   1.00 0.00 ? 31  ILE A CA   1 
ATOM   482  C C    . ILE A 1 31  ? -11.899 -6.321  9.571   1.00 0.00 ? 31  ILE A C    1 
ATOM   483  O O    . ILE A 1 31  ? -12.669 -5.889  10.420  1.00 0.00 ? 31  ILE A O    1 
ATOM   484  C CB   . ILE A 1 31  ? -11.011 -8.476  8.860   1.00 0.00 ? 31  ILE A CB   1 
ATOM   485  C CG1  . ILE A 1 31  ? -10.679 -9.231  7.585   1.00 0.00 ? 31  ILE A CG1  1 
ATOM   486  C CG2  . ILE A 1 31  ? -11.262 -9.425  9.989   1.00 0.00 ? 31  ILE A CG2  1 
ATOM   487  C CD1  . ILE A 1 31  ? -11.253 -10.650 7.589   1.00 0.00 ? 31  ILE A CD1  1 
ATOM   488  H H    . ILE A 1 31  ? -11.723 -7.438  6.656   1.00 0.00 ? 31  ILE A H    1 
ATOM   489  H HA   . ILE A 1 31  ? -13.133 -8.002  9.046   1.00 0.00 ? 31  ILE A HA   1 
ATOM   490  H HB   . ILE A 1 31  ? -10.134 -7.893  9.129   1.00 0.00 ? 31  ILE A HB   1 
ATOM   491  H HG12 . ILE A 1 31  ? -11.032 -8.693  6.719   1.00 0.00 ? 31  ILE A HG12 1 
ATOM   492  H HG13 . ILE A 1 31  ? -9.599  -9.265  7.496   1.00 0.00 ? 31  ILE A HG13 1 
ATOM   493  H HG21 . ILE A 1 31  ? -11.449 -8.871  10.908  1.00 0.00 ? 31  ILE A HG21 1 
ATOM   494  H HG22 . ILE A 1 31  ? -12.129 -10.043 9.777   1.00 0.00 ? 31  ILE A HG22 1 
ATOM   495  H HG23 . ILE A 1 31  ? -10.402 -10.067 10.143  1.00 0.00 ? 31  ILE A HG23 1 
ATOM   496  H HD11 . ILE A 1 31  ? -10.879 -11.217 8.442   1.00 0.00 ? 31  ILE A HD11 1 
ATOM   497  H HD12 . ILE A 1 31  ? -12.341 -10.629 7.649   1.00 0.00 ? 31  ILE A HD12 1 
ATOM   498  H HD13 . ILE A 1 31  ? -10.973 -11.184 6.682   1.00 0.00 ? 31  ILE A HD13 1 
ATOM   499  N N    . GLY A 1 32  ? -10.699 -5.823  9.258   1.00 0.00 ? 32  GLY A N    1 
ATOM   500  C CA   . GLY A 1 32  ? -10.203 -4.701  10.012  1.00 0.00 ? 32  GLY A CA   1 
ATOM   501  C C    . GLY A 1 32  ? -10.281 -3.382  9.241   1.00 0.00 ? 32  GLY A C    1 
ATOM   502  O O    . GLY A 1 32  ? -10.088 -3.327  8.034   1.00 0.00 ? 32  GLY A O    1 
ATOM   503  H H    . GLY A 1 32  ? -10.153 -6.250  8.510   1.00 0.00 ? 32  GLY A H    1 
ATOM   504  H HA2  . GLY A 1 32  ? -10.797 -4.647  10.921  1.00 0.00 ? 32  GLY A HA2  1 
ATOM   505  H HA3  . GLY A 1 32  ? -9.174  -4.935  10.278  1.00 0.00 ? 32  GLY A HA3  1 
ATOM   506  N N    . SER A 1 33  ? -10.577 -2.342  10.056  1.00 0.00 ? 33  SER A N    1 
ATOM   507  C CA   . SER A 1 33  ? -10.693 -0.982  9.528   1.00 0.00 ? 33  SER A CA   1 
ATOM   508  C C    . SER A 1 33  ? -11.882 -0.298  10.214  1.00 0.00 ? 33  SER A C    1 
ATOM   509  O O    . SER A 1 33  ? -11.971 -0.269  11.435  1.00 0.00 ? 33  SER A O    1 
ATOM   510  C CB   . SER A 1 33  ? -10.828 -0.986  8.003   1.00 0.00 ? 33  SER A CB   1 
ATOM   511  O OG   . SER A 1 33  ? -11.121 0.301   7.523   1.00 0.00 ? 33  SER A OG   1 
ATOM   512  H H    . SER A 1 33  ? -10.717 -2.505  11.032  1.00 0.00 ? 33  SER A H    1 
ATOM   513  H HA   . SER A 1 33  ? -9.788  -0.455  9.825   1.00 0.00 ? 33  SER A HA   1 
ATOM   514  H HB2  . SER A 1 33  ? -9.898  -1.308  7.533   1.00 0.00 ? 33  SER A HB2  1 
ATOM   515  H HB3  . SER A 1 33  ? -11.620 -1.660  7.682   1.00 0.00 ? 33  SER A HB3  1 
ATOM   516  H HG   . SER A 1 33  ? -11.655 0.188   6.747   1.00 0.00 ? 33  SER A HG   1 
ATOM   517  N N    . LYS A 1 34  ? -12.779 0.250   9.365   1.00 0.00 ? 34  LYS A N    1 
ATOM   518  C CA   . LYS A 1 34  ? -13.947 0.916   9.926   1.00 0.00 ? 34  LYS A CA   1 
ATOM   519  C C    . LYS A 1 34  ? -13.593 2.332   10.343  1.00 0.00 ? 34  LYS A C    1 
ATOM   520  O O    . LYS A 1 34  ? -14.174 3.318   9.909   1.00 0.00 ? 34  LYS A O    1 
ATOM   521  C CB   . LYS A 1 34  ? -14.399 0.156   11.166  1.00 0.00 ? 34  LYS A CB   1 
ATOM   522  C CG   . LYS A 1 34  ? -15.896 0.307   11.401  1.00 0.00 ? 34  LYS A CG   1 
ATOM   523  C CD   . LYS A 1 34  ? -16.663 -0.949  10.991  1.00 0.00 ? 34  LYS A CD   1 
ATOM   524  C CE   . LYS A 1 34  ? -16.306 -2.140  11.881  1.00 0.00 ? 34  LYS A CE   1 
ATOM   525  N NZ   . LYS A 1 34  ? -17.131 -3.309  11.601  1.00 0.00 ? 34  LYS A NZ   1 
ATOM   526  H H    . LYS A 1 34  ? -12.645 0.198   8.376   1.00 0.00 ? 34  LYS A H    1 
ATOM   527  H HA   . LYS A 1 34  ? -14.726 0.936   9.161   1.00 0.00 ? 34  LYS A HA   1 
ATOM   528  H HB2  . LYS A 1 34  ? -14.135 -0.890  11.069  1.00 0.00 ? 34  LYS A HB2  1 
ATOM   529  H HB3  . LYS A 1 34  ? -13.860 0.534   12.038  1.00 0.00 ? 34  LYS A HB3  1 
ATOM   530  H HG2  . LYS A 1 34  ? -16.073 0.520   12.454  1.00 0.00 ? 34  LYS A HG2  1 
ATOM   531  H HG3  . LYS A 1 34  ? -16.263 1.165   10.839  1.00 0.00 ? 34  LYS A HG3  1 
ATOM   532  H HD2  . LYS A 1 34  ? -17.735 -0.758  11.051  1.00 0.00 ? 34  LYS A HD2  1 
ATOM   533  H HD3  . LYS A 1 34  ? -16.446 -1.189  9.951   1.00 0.00 ? 34  LYS A HD3  1 
ATOM   534  H HE2  . LYS A 1 34  ? -15.264 -2.426  11.736  1.00 0.00 ? 34  LYS A HE2  1 
ATOM   535  H HE3  . LYS A 1 34  ? -16.438 -1.885  12.932  1.00 0.00 ? 34  LYS A HE3  1 
ATOM   536  H HZ1  . LYS A 1 34  ? -17.002 -3.595  10.610  1.00 0.00 ? 34  LYS A HZ1  1 
ATOM   537  H HZ2  . LYS A 1 34  ? -16.848 -4.090  12.228  1.00 0.00 ? 34  LYS A HZ2  1 
ATOM   538  H HZ3  . LYS A 1 34  ? -18.130 -3.074  11.769  1.00 0.00 ? 34  LYS A HZ3  1 
ATOM   539  N N    . THR A 1 35  ? -12.590 2.331   11.224  1.00 0.00 ? 35  THR A N    1 
ATOM   540  C CA   . THR A 1 35  ? -12.116 3.576   11.798  1.00 0.00 ? 35  THR A CA   1 
ATOM   541  C C    . THR A 1 35  ? -11.591 4.563   10.752  1.00 0.00 ? 35  THR A C    1 
ATOM   542  O O    . THR A 1 35  ? -11.099 5.639   11.071  1.00 0.00 ? 35  THR A O    1 
ATOM   543  C CB   . THR A 1 35  ? -11.014 3.229   12.784  1.00 0.00 ? 35  THR A CB   1 
ATOM   544  O OG1  . THR A 1 35  ? -11.010 1.842   13.036  1.00 0.00 ? 35  THR A OG1  1 
ATOM   545  C CG2  . THR A 1 35  ? -11.189 3.973   14.093  1.00 0.00 ? 35  THR A CG2  1 
ATOM   546  H H    . THR A 1 35  ? -12.166 1.471   11.494  1.00 0.00 ? 35  THR A H    1 
ATOM   547  H HA   . THR A 1 35  ? -12.960 4.032   12.303  1.00 0.00 ? 35  THR A HA   1 
ATOM   548  H HB   . THR A 1 35  ? -10.055 3.472   12.345  1.00 0.00 ? 35  THR A HB   1 
ATOM   549  H HG1  . THR A 1 35  ? -10.268 1.482   12.569  1.00 0.00 ? 35  THR A HG1  1 
ATOM   550  H HG21 . THR A 1 35  ? -11.181 5.049   13.929  1.00 0.00 ? 35  THR A HG21 1 
ATOM   551  H HG22 . THR A 1 35  ? -12.139 3.709   14.559  1.00 0.00 ? 35  THR A HG22 1 
ATOM   552  H HG23 . THR A 1 35  ? -10.390 3.726   14.788  1.00 0.00 ? 35  THR A HG23 1 
ATOM   553  N N    . ASN A 1 36  ? -11.726 4.131   9.505   1.00 0.00 ? 36  ASN A N    1 
ATOM   554  C CA   . ASN A 1 36  ? -11.273 4.977   8.419   1.00 0.00 ? 36  ASN A CA   1 
ATOM   555  C C    . ASN A 1 36  ? -9.829  5.386   8.678   1.00 0.00 ? 36  ASN A C    1 
ATOM   556  O O    . ASN A 1 36  ? -9.534  6.300   9.440   1.00 0.00 ? 36  ASN A O    1 
ATOM   557  C CB   . ASN A 1 36  ? -12.180 6.204   8.314   1.00 0.00 ? 36  ASN A CB   1 
ATOM   558  C CG   . ASN A 1 36  ? -11.683 7.153   7.216   1.00 0.00 ? 36  ASN A CG   1 
ATOM   559  O OD1  . ASN A 1 36  ? -11.945 8.349   7.234   1.00 0.00 ? 36  ASN A OD1  1 
ATOM   560  N ND2  . ASN A 1 36  ? -10.953 6.538   6.265   1.00 0.00 ? 36  ASN A ND2  1 
ATOM   561  H H    . ASN A 1 36  ? -12.129 3.241   9.337   1.00 0.00 ? 36  ASN A H    1 
ATOM   562  H HA   . ASN A 1 36  ? -11.312 4.381   7.506   1.00 0.00 ? 36  ASN A HA   1 
ATOM   563  H HB2  . ASN A 1 36  ? -13.202 5.904   8.082   1.00 0.00 ? 36  ASN A HB2  1 
ATOM   564  H HB3  . ASN A 1 36  ? -12.203 6.743   9.261   1.00 0.00 ? 36  ASN A HB3  1 
ATOM   565  H HD21 . ASN A 1 36  ? -10.778 5.555   6.313   1.00 0.00 ? 36  ASN A HD21 1 
ATOM   566  H HD22 . ASN A 1 36  ? -10.576 7.055   5.498   1.00 0.00 ? 36  ASN A HD22 1 
ATOM   567  N N    . GLY A 1 37  ? -8.960  4.638   7.986   1.00 0.00 ? 37  GLY A N    1 
ATOM   568  C CA   . GLY A 1 37  ? -7.540  4.896   8.129   1.00 0.00 ? 37  GLY A CA   1 
ATOM   569  C C    . GLY A 1 37  ? -6.710  3.612   7.992   1.00 0.00 ? 37  GLY A C    1 
ATOM   570  O O    . GLY A 1 37  ? -5.488  3.653   7.919   1.00 0.00 ? 37  GLY A O    1 
ATOM   571  H H    . GLY A 1 37  ? -9.288  3.917   7.376   1.00 0.00 ? 37  GLY A H    1 
ATOM   572  H HA2  . GLY A 1 37  ? -7.259  5.613   7.358   1.00 0.00 ? 37  GLY A HA2  1 
ATOM   573  H HA3  . GLY A 1 37  ? -7.378  5.344   9.109   1.00 0.00 ? 37  GLY A HA3  1 
ATOM   574  N N    . LYS A 1 38  ? -7.439  2.472   7.963   1.00 0.00 ? 38  LYS A N    1 
ATOM   575  C CA   . LYS A 1 38  ? -6.721  1.226   7.831   1.00 0.00 ? 38  LYS A CA   1 
ATOM   576  C C    . LYS A 1 38  ? -6.233  1.123   6.402   1.00 0.00 ? 38  LYS A C    1 
ATOM   577  O O    . LYS A 1 38  ? -6.874  1.583   5.465   1.00 0.00 ? 38  LYS A O    1 
ATOM   578  C CB   . LYS A 1 38  ? -7.638  0.059   8.167   1.00 0.00 ? 38  LYS A CB   1 
ATOM   579  C CG   . LYS A 1 38  ? -6.859  -1.183  8.609   1.00 0.00 ? 38  LYS A CG   1 
ATOM   580  C CD   . LYS A 1 38  ? -7.085  -1.499  10.088  1.00 0.00 ? 38  LYS A CD   1 
ATOM   581  C CE   . LYS A 1 38  ? -6.711  -2.943  10.421  1.00 0.00 ? 38  LYS A CE   1 
ATOM   582  N NZ   . LYS A 1 38  ? -7.030  -3.296  11.799  1.00 0.00 ? 38  LYS A NZ   1 
ATOM   583  H H    . LYS A 1 38  ? -8.445  2.489   8.003   1.00 0.00 ? 38  LYS A H    1 
ATOM   584  H HA   . LYS A 1 38  ? -5.862  1.272   8.509   1.00 0.00 ? 38  LYS A HA   1 
ATOM   585  H HB2  . LYS A 1 38  ? -8.326  0.358   8.952   1.00 0.00 ? 38  LYS A HB2  1 
ATOM   586  H HB3  . LYS A 1 38  ? -8.236  -0.185  7.295   1.00 0.00 ? 38  LYS A HB3  1 
ATOM   587  H HG2  . LYS A 1 38  ? -7.167  -2.036  8.005   1.00 0.00 ? 38  LYS A HG2  1 
ATOM   588  H HG3  . LYS A 1 38  ? -5.797  -1.035  8.422   1.00 0.00 ? 38  LYS A HG3  1 
ATOM   589  H HD2  . LYS A 1 38  ? -6.498  -0.819  10.701  1.00 0.00 ? 38  LYS A HD2  1 
ATOM   590  H HD3  . LYS A 1 38  ? -8.129  -1.329  10.343  1.00 0.00 ? 38  LYS A HD3  1 
ATOM   591  H HE2  . LYS A 1 38  ? -7.243  -3.636  9.769   1.00 0.00 ? 38  LYS A HE2  1 
ATOM   592  H HE3  . LYS A 1 38  ? -5.644  -3.106  10.276  1.00 0.00 ? 38  LYS A HE3  1 
ATOM   593  H HZ1  . LYS A 1 38  ? -8.049  -3.166  11.964  1.00 0.00 ? 38  LYS A HZ1  1 
ATOM   594  H HZ2  . LYS A 1 38  ? -6.777  -4.291  11.968  1.00 0.00 ? 38  LYS A HZ2  1 
ATOM   595  H HZ3  . LYS A 1 38  ? -6.492  -2.686  12.446  1.00 0.00 ? 38  LYS A HZ3  1 
ATOM   596  N N    . PHE A 1 39  ? -5.065  0.494   6.293   1.00 0.00 ? 39  PHE A N    1 
ATOM   597  C CA   . PHE A 1 39  ? -4.502  0.368   4.958   1.00 0.00 ? 39  PHE A CA   1 
ATOM   598  C C    . PHE A 1 39  ? -3.450  -0.737  4.886   1.00 0.00 ? 39  PHE A C    1 
ATOM   599  O O    . PHE A 1 39  ? -2.867  -1.150  5.875   1.00 0.00 ? 39  PHE A O    1 
ATOM   600  C CB   . PHE A 1 39  ? -3.874  1.706   4.556   1.00 0.00 ? 39  PHE A CB   1 
ATOM   601  C CG   . PHE A 1 39  ? -2.530  1.908   5.199   1.00 0.00 ? 39  PHE A CG   1 
ATOM   602  C CD1  . PHE A 1 39  ? -2.423  2.316   6.551   1.00 0.00 ? 39  PHE A CD1  1 
ATOM   603  C CD2  . PHE A 1 39  ? -1.354  1.687   4.447   1.00 0.00 ? 39  PHE A CD2  1 
ATOM   604  C CE1  . PHE A 1 39  ? -1.151  2.499   7.140   1.00 0.00 ? 39  PHE A CE1  1 
ATOM   605  C CE2  . PHE A 1 39  ? -0.084  1.870   5.033   1.00 0.00 ? 39  PHE A CE2  1 
ATOM   606  C CZ   . PHE A 1 39  ? 0.018   2.277   6.380   1.00 0.00 ? 39  PHE A CZ   1 
ATOM   607  H H    . PHE A 1 39  ? -4.615  0.115   7.107   1.00 0.00 ? 39  PHE A H    1 
ATOM   608  H HA   . PHE A 1 39  ? -5.332  0.119   4.283   1.00 0.00 ? 39  PHE A HA   1 
ATOM   609  H HB2  . PHE A 1 39  ? -3.742  1.742   3.476   1.00 0.00 ? 39  PHE A HB2  1 
ATOM   610  H HB3  . PHE A 1 39  ? -4.530  2.530   4.832   1.00 0.00 ? 39  PHE A HB3  1 
ATOM   611  H HD1  . PHE A 1 39  ? -3.317  2.487   7.133   1.00 0.00 ? 39  PHE A HD1  1 
ATOM   612  H HD2  . PHE A 1 39  ? -1.430  1.371   3.418   1.00 0.00 ? 39  PHE A HD2  1 
ATOM   613  H HE1  . PHE A 1 39  ? -1.074  2.810   8.171   1.00 0.00 ? 39  PHE A HE1  1 
ATOM   614  H HE2  . PHE A 1 39  ? 0.806   1.705   4.447   1.00 0.00 ? 39  PHE A HE2  1 
ATOM   615  H HZ   . PHE A 1 39  ? 0.991   2.417   6.830   1.00 0.00 ? 39  PHE A HZ   1 
ATOM   616  N N    . LEU A 1 40  ? -3.231  -1.141  3.625   1.00 0.00 ? 40  LEU A N    1 
ATOM   617  C CA   . LEU A 1 40  ? -2.224  -2.154  3.370   1.00 0.00 ? 40  LEU A CA   1 
ATOM   618  C C    . LEU A 1 40  ? -1.763  -2.027  1.921   1.00 0.00 ? 40  LEU A C    1 
ATOM   619  O O    . LEU A 1 40  ? -2.553  -2.074  0.986   1.00 0.00 ? 40  LEU A O    1 
ATOM   620  C CB   . LEU A 1 40  ? -2.799  -3.539  3.623   1.00 0.00 ? 40  LEU A CB   1 
ATOM   621  C CG   . LEU A 1 40  ? -3.788  -3.928  2.527   1.00 0.00 ? 40  LEU A CG   1 
ATOM   622  C CD1  . LEU A 1 40  ? -3.051  -4.507  1.319   1.00 0.00 ? 40  LEU A CD1  1 
ATOM   623  C CD2  . LEU A 1 40  ? -4.808  -4.932  3.060   1.00 0.00 ? 40  LEU A CD2  1 
ATOM   624  H H    . LEU A 1 40  ? -3.771  -0.762  2.873   1.00 0.00 ? 40  LEU A H    1 
ATOM   625  H HA   . LEU A 1 40  ? -1.381  -1.951  4.036   1.00 0.00 ? 40  LEU A HA   1 
ATOM   626  H HB2  . LEU A 1 40  ? -1.995  -4.268  3.672   1.00 0.00 ? 40  LEU A HB2  1 
ATOM   627  H HB3  . LEU A 1 40  ? -3.289  -3.558  4.589   1.00 0.00 ? 40  LEU A HB3  1 
ATOM   628  H HG   . LEU A 1 40  ? -4.318  -3.028  2.208   1.00 0.00 ? 40  LEU A HG   1 
ATOM   629  H HD11 . LEU A 1 40  ? -1.980  -4.326  1.391   1.00 0.00 ? 40  LEU A HD11 1 
ATOM   630  H HD12 . LEU A 1 40  ? -3.204  -5.582  1.252   1.00 0.00 ? 40  LEU A HD12 1 
ATOM   631  H HD13 . LEU A 1 40  ? -3.409  -4.057  0.392   1.00 0.00 ? 40  LEU A HD13 1 
ATOM   632  H HD21 . LEU A 1 40  ? -5.205  -4.608  4.021   1.00 0.00 ? 40  LEU A HD21 1 
ATOM   633  H HD22 . LEU A 1 40  ? -5.644  -5.038  2.370   1.00 0.00 ? 40  LEU A HD22 1 
ATOM   634  H HD23 . LEU A 1 40  ? -4.354  -5.912  3.196   1.00 0.00 ? 40  LEU A HD23 1 
ATOM   635  N N    . ILE A 1 41  ? -0.438  -1.859  1.799   1.00 0.00 ? 41  ILE A N    1 
ATOM   636  C CA   . ILE A 1 41  ? 0.120   -1.730  0.467   1.00 0.00 ? 41  ILE A CA   1 
ATOM   637  C C    . ILE A 1 41  ? 0.482   -3.116  -0.066  1.00 0.00 ? 41  ILE A C    1 
ATOM   638  O O    . ILE A 1 41  ? 0.762   -4.045  0.681   1.00 0.00 ? 41  ILE A O    1 
ATOM   639  C CB   . ILE A 1 41  ? 1.350   -0.832  0.515   1.00 0.00 ? 41  ILE A CB   1 
ATOM   640  C CG1  . ILE A 1 41  ? 1.999   -0.744  -0.866  1.00 0.00 ? 41  ILE A CG1  1 
ATOM   641  C CG2  . ILE A 1 41  ? 2.357   -1.355  1.536   1.00 0.00 ? 41  ILE A CG2  1 
ATOM   642  C CD1  . ILE A 1 41  ? 1.026   -0.200  -1.911  1.00 0.00 ? 41  ILE A CD1  1 
ATOM   643  H H    . ILE A 1 41  ? 0.149   -1.826  2.608   1.00 0.00 ? 41  ILE A H    1 
ATOM   644  H HA   . ILE A 1 41  ? -0.654  -1.294  -0.169  1.00 0.00 ? 41  ILE A HA   1 
ATOM   645  H HB   . ILE A 1 41  ? 1.038   0.168   0.818   1.00 0.00 ? 41  ILE A HB   1 
ATOM   646  H HG12 . ILE A 1 41  ? 2.873   -0.100  -0.813  1.00 0.00 ? 41  ILE A HG12 1 
ATOM   647  H HG13 . ILE A 1 41  ? 2.353   -1.730  -1.169  1.00 0.00 ? 41  ILE A HG13 1 
ATOM   648  H HG21 . ILE A 1 41  ? 2.513   -2.428  1.415   1.00 0.00 ? 41  ILE A HG21 1 
ATOM   649  H HG22 . ILE A 1 41  ? 3.320   -0.860  1.422   1.00 0.00 ? 41  ILE A HG22 1 
ATOM   650  H HG23 . ILE A 1 41  ? 2.006   -1.178  2.552   1.00 0.00 ? 41  ILE A HG23 1 
ATOM   651  H HD11 . ILE A 1 41  ? 0.114   -0.795  -1.939  1.00 0.00 ? 41  ILE A HD11 1 
ATOM   652  H HD12 . ILE A 1 41  ? 0.749   0.829   -1.685  1.00 0.00 ? 41  ILE A HD12 1 
ATOM   653  H HD13 . ILE A 1 41  ? 1.471   -0.219  -2.905  1.00 0.00 ? 41  ILE A HD13 1 
ATOM   654  N N    . ARG A 1 42  ? 0.451   -3.183  -1.408  1.00 0.00 ? 42  ARG A N    1 
ATOM   655  C CA   . ARG A 1 42  ? 0.770   -4.445  -2.051  1.00 0.00 ? 42  ARG A CA   1 
ATOM   656  C C    . ARG A 1 42  ? 1.809   -4.209  -3.145  1.00 0.00 ? 42  ARG A C    1 
ATOM   657  O O    . ARG A 1 42  ? 1.709   -3.281  -3.940  1.00 0.00 ? 42  ARG A O    1 
ATOM   658  C CB   . ARG A 1 42  ? -0.502  -5.048  -2.645  1.00 0.00 ? 42  ARG A CB   1 
ATOM   659  C CG   . ARG A 1 42  ? -0.184  -6.216  -3.579  1.00 0.00 ? 42  ARG A CG   1 
ATOM   660  C CD   . ARG A 1 42  ? -1.441  -6.736  -4.277  1.00 0.00 ? 42  ARG A CD   1 
ATOM   661  N NE   . ARG A 1 42  ? -1.088  -7.753  -5.251  1.00 0.00 ? 42  ARG A NE   1 
ATOM   662  C CZ   . ARG A 1 42  ? -0.458  -7.377  -6.379  1.00 0.00 ? 42  ARG A CZ   1 
ATOM   663  N NH1  . ARG A 1 42  ? -0.180  -6.093  -6.590  1.00 0.00 ? 42  ARG A NH1  1 
ATOM   664  N NH2  . ARG A 1 42  ? -0.115  -8.288  -7.284  1.00 0.00 ? 42  ARG A NH2  1 
ATOM   665  H H    . ARG A 1 42  ? 0.220   -2.377  -1.951  1.00 0.00 ? 42  ARG A H    1 
ATOM   666  H HA   . ARG A 1 42  ? 1.195   -5.103  -1.287  1.00 0.00 ? 42  ARG A HA   1 
ATOM   667  H HB2  . ARG A 1 42  ? -1.156  -5.389  -1.841  1.00 0.00 ? 42  ARG A HB2  1 
ATOM   668  H HB3  . ARG A 1 42  ? -1.049  -4.280  -3.192  1.00 0.00 ? 42  ARG A HB3  1 
ATOM   669  H HG2  . ARG A 1 42  ? 0.542   -5.897  -4.327  1.00 0.00 ? 42  ARG A HG2  1 
ATOM   670  H HG3  . ARG A 1 42  ? 0.281   -7.023  -3.013  1.00 0.00 ? 42  ARG A HG3  1 
ATOM   671  H HD2  . ARG A 1 42  ? -2.133  -7.196  -3.574  1.00 0.00 ? 42  ARG A HD2  1 
ATOM   672  H HD3  . ARG A 1 42  ? -1.963  -5.941  -4.811  1.00 0.00 ? 42  ARG A HD3  1 
ATOM   673  H HE   . ARG A 1 42  ? -1.305  -8.716  -5.086  1.00 0.00 ? 42  ARG A HE   1 
ATOM   674  H HH11 . ARG A 1 42  ? -0.439  -5.406  -5.910  1.00 0.00 ? 42  ARG A HH11 1 
ATOM   675  H HH12 . ARG A 1 42  ? 0.289   -5.813  -7.428  1.00 0.00 ? 42  ARG A HH12 1 
ATOM   676  H HH21 . ARG A 1 42  ? -0.325  -9.252  -7.127  1.00 0.00 ? 42  ARG A HH21 1 
ATOM   677  H HH22 . ARG A 1 42  ? 0.353   -8.007  -8.123  1.00 0.00 ? 42  ARG A HH22 1 
ATOM   678  N N    . ALA A 1 43  ? 2.808   -5.108  -3.126  1.00 0.00 ? 43  ALA A N    1 
ATOM   679  C CA   . ALA A 1 43  ? 3.861   -4.993  -4.120  1.00 0.00 ? 43  ALA A CA   1 
ATOM   680  C C    . ALA A 1 43  ? 4.577   -6.336  -4.263  1.00 0.00 ? 43  ALA A C    1 
ATOM   681  O O    . ALA A 1 43  ? 5.297   -6.784  -3.380  1.00 0.00 ? 43  ALA A O    1 
ATOM   682  C CB   . ALA A 1 43  ? 4.845   -3.905  -3.695  1.00 0.00 ? 43  ALA A CB   1 
ATOM   683  H H    . ALA A 1 43  ? 2.824   -5.839  -2.444  1.00 0.00 ? 43  ALA A H    1 
ATOM   684  H HA   . ALA A 1 43  ? 3.385   -4.739  -5.070  1.00 0.00 ? 43  ALA A HA   1 
ATOM   685  H HB1  . ALA A 1 43  ? 5.284   -4.135  -2.725  1.00 0.00 ? 43  ALA A HB1  1 
ATOM   686  H HB2  . ALA A 1 43  ? 5.654   -3.810  -4.418  1.00 0.00 ? 43  ALA A HB2  1 
ATOM   687  H HB3  . ALA A 1 43  ? 4.345   -2.938  -3.619  1.00 0.00 ? 43  ALA A HB3  1 
ATOM   688  N N    . ARG A 1 44  ? 4.326   -6.941  -5.438  1.00 0.00 ? 44  ARG A N    1 
ATOM   689  C CA   . ARG A 1 44  ? 4.948   -8.227  -5.704  1.00 0.00 ? 44  ARG A CA   1 
ATOM   690  C C    . ARG A 1 44  ? 6.362   -8.004  -6.243  1.00 0.00 ? 44  ARG A C    1 
ATOM   691  O O    . ARG A 1 44  ? 6.992   -6.982  -6.000  1.00 0.00 ? 44  ARG A O    1 
ATOM   692  C CB   . ARG A 1 44  ? 4.105   -9.001  -6.716  1.00 0.00 ? 44  ARG A CB   1 
ATOM   693  C CG   . ARG A 1 44  ? 2.736   -9.371  -6.147  1.00 0.00 ? 44  ARG A CG   1 
ATOM   694  C CD   . ARG A 1 44  ? 1.967   -10.283 -7.101  1.00 0.00 ? 44  ARG A CD   1 
ATOM   695  N NE   . ARG A 1 44  ? 2.804   -11.395 -7.516  1.00 0.00 ? 44  ARG A NE   1 
ATOM   696  C CZ   . ARG A 1 44  ? 2.249   -12.393 -8.228  1.00 0.00 ? 44  ARG A CZ   1 
ATOM   697  N NH1  . ARG A 1 44  ? 0.955   -12.353 -8.538  1.00 0.00 ? 44  ARG A NH1  1 
ATOM   698  N NH2  . ARG A 1 44  ? 2.995   -13.421 -8.622  1.00 0.00 ? 44  ARG A NH2  1 
ATOM   699  H H    . ARG A 1 44  ? 3.725   -6.514  -6.113  1.00 0.00 ? 44  ARG A H    1 
ATOM   700  H HA   . ARG A 1 44  ? 5.006   -8.764  -4.753  1.00 0.00 ? 44  ARG A HA   1 
ATOM   701  H HB2  . ARG A 1 44  ? 3.977   -8.404  -7.619  1.00 0.00 ? 44  ARG A HB2  1 
ATOM   702  H HB3  . ARG A 1 44  ? 4.631   -9.909  -7.010  1.00 0.00 ? 44  ARG A HB3  1 
ATOM   703  H HG2  . ARG A 1 44  ? 2.862   -9.871  -5.186  1.00 0.00 ? 44  ARG A HG2  1 
ATOM   704  H HG3  . ARG A 1 44  ? 2.158   -8.466  -5.958  1.00 0.00 ? 44  ARG A HG3  1 
ATOM   705  H HD2  . ARG A 1 44  ? 1.082   -10.710 -6.629  1.00 0.00 ? 44  ARG A HD2  1 
ATOM   706  H HD3  . ARG A 1 44  ? 1.659   -9.753  -8.004  1.00 0.00 ? 44  ARG A HD3  1 
ATOM   707  H HE   . ARG A 1 44  ? 3.775   -11.418 -7.279  1.00 0.00 ? 44  ARG A HE   1 
ATOM   708  H HH11 . ARG A 1 44  ? 0.394   -11.579 -8.244  1.00 0.00 ? 44  ARG A HH11 1 
ATOM   709  H HH12 . ARG A 1 44  ? 0.545   -13.096 -9.067  1.00 0.00 ? 44  ARG A HH12 1 
ATOM   710  H HH21 . ARG A 1 44  ? 3.968   -13.451 -8.389  1.00 0.00 ? 44  ARG A HH21 1 
ATOM   711  H HH22 . ARG A 1 44  ? 2.584   -14.164 -9.151  1.00 0.00 ? 44  ARG A HH22 1 
ATOM   712  N N    . ASP A 1 45  ? 6.809   -9.030  -6.989  1.00 0.00 ? 45  ASP A N    1 
ATOM   713  C CA   . ASP A 1 45  ? 8.140   -8.946  -7.563  1.00 0.00 ? 45  ASP A CA   1 
ATOM   714  C C    . ASP A 1 45  ? 8.258   -9.943  -8.714  1.00 0.00 ? 45  ASP A C    1 
ATOM   715  O O    . ASP A 1 45  ? 8.725   -11.064 -8.555  1.00 0.00 ? 45  ASP A O    1 
ATOM   716  C CB   . ASP A 1 45  ? 9.176   -9.249  -6.486  1.00 0.00 ? 45  ASP A CB   1 
ATOM   717  C CG   . ASP A 1 45  ? 10.584  -9.074  -7.056  1.00 0.00 ? 45  ASP A CG   1 
ATOM   718  O OD1  . ASP A 1 45  ? 11.023  -7.934  -7.196  1.00 0.00 ? 45  ASP A OD1  1 
ATOM   719  O OD2  . ASP A 1 45  ? 11.228  -10.081 -7.350  1.00 0.00 ? 45  ASP A OD2  1 
ATOM   720  H H    . ASP A 1 45  ? 6.237   -9.836  -7.144  1.00 0.00 ? 45  ASP A H    1 
ATOM   721  H HA   . ASP A 1 45  ? 8.264   -7.931  -7.952  1.00 0.00 ? 45  ASP A HA   1 
ATOM   722  H HB2  . ASP A 1 45  ? 9.053   -8.578  -5.636  1.00 0.00 ? 45  ASP A HB2  1 
ATOM   723  H HB3  . ASP A 1 45  ? 9.066   -10.270 -6.122  1.00 0.00 ? 45  ASP A HB3  1 
ATOM   724  N N    . ASN A 1 46  ? 7.803   -9.455  -9.882  1.00 0.00 ? 46  ASN A N    1 
ATOM   725  C CA   . ASN A 1 46  ? 7.858   -10.305 -11.057 1.00 0.00 ? 46  ASN A CA   1 
ATOM   726  C C    . ASN A 1 46  ? 7.474   -9.491  -12.293 1.00 0.00 ? 46  ASN A C    1 
ATOM   727  O O    . ASN A 1 46  ? 8.198   -9.431  -13.278 1.00 0.00 ? 46  ASN A O    1 
ATOM   728  C CB   . ASN A 1 46  ? 6.907   -11.486 -10.874 1.00 0.00 ? 46  ASN A CB   1 
ATOM   729  C CG   . ASN A 1 46  ? 6.993   -12.415 -12.086 1.00 0.00 ? 46  ASN A CG   1 
ATOM   730  O OD1  . ASN A 1 46  ? 7.533   -13.513 -12.023 1.00 0.00 ? 46  ASN A OD1  1 
ATOM   731  N ND2  . ASN A 1 46  ? 6.422   -11.896 -13.187 1.00 0.00 ? 46  ASN A ND2  1 
ATOM   732  H H    . ASN A 1 46  ? 7.435   -8.526  -9.939  1.00 0.00 ? 46  ASN A H    1 
ATOM   733  H HA   . ASN A 1 46  ? 8.890   -10.650 -11.162 1.00 0.00 ? 46  ASN A HA   1 
ATOM   734  H HB2  . ASN A 1 46  ? 7.162   -12.050 -9.977  1.00 0.00 ? 46  ASN A HB2  1 
ATOM   735  H HB3  . ASN A 1 46  ? 5.879   -11.139 -10.766 1.00 0.00 ? 46  ASN A HB3  1 
ATOM   736  H HD21 . ASN A 1 46  ? 5.998   -10.991 -13.163 1.00 0.00 ? 46  ASN A HD21 1 
ATOM   737  H HD22 . ASN A 1 46  ? 6.412   -12.406 -14.046 1.00 0.00 ? 46  ASN A HD22 1 
ATOM   738  N N    . ASN A 1 47  ? 6.288   -8.870  -12.165 1.00 0.00 ? 47  ASN A N    1 
ATOM   739  C CA   . ASN A 1 47  ? 5.802   -8.060  -13.270 1.00 0.00 ? 47  ASN A CA   1 
ATOM   740  C C    . ASN A 1 47  ? 4.424   -7.500  -12.921 1.00 0.00 ? 47  ASN A C    1 
ATOM   741  O O    . ASN A 1 47  ? 3.534   -8.207  -12.463 1.00 0.00 ? 47  ASN A O    1 
ATOM   742  C CB   . ASN A 1 47  ? 5.729   -8.913  -14.534 1.00 0.00 ? 47  ASN A CB   1 
ATOM   743  C CG   . ASN A 1 47  ? 5.114   -8.098  -15.673 1.00 0.00 ? 47  ASN A CG   1 
ATOM   744  O OD1  . ASN A 1 47  ? 3.934   -7.767  -15.670 1.00 0.00 ? 47  ASN A OD1  1 
ATOM   745  N ND2  . ASN A 1 47  ? 5.996   -7.803  -16.644 1.00 0.00 ? 47  ASN A ND2  1 
ATOM   746  H H    . ASN A 1 47  ? 5.751   -8.963  -11.325 1.00 0.00 ? 47  ASN A H    1 
ATOM   747  H HA   . ASN A 1 47  ? 6.503   -7.232  -13.399 1.00 0.00 ? 47  ASN A HA   1 
ATOM   748  H HB2  . ASN A 1 47  ? 6.722   -9.245  -14.833 1.00 0.00 ? 47  ASN A HB2  1 
ATOM   749  H HB3  . ASN A 1 47  ? 5.119   -9.800  -14.364 1.00 0.00 ? 47  ASN A HB3  1 
ATOM   750  H HD21 . ASN A 1 47  ? 6.946   -8.108  -16.580 1.00 0.00 ? 47  ASN A HD21 1 
ATOM   751  H HD22 . ASN A 1 47  ? 5.716   -7.272  -17.445 1.00 0.00 ? 47  ASN A HD22 1 
ATOM   752  N N    . GLY A 1 48  ? 4.314   -6.182  -13.169 1.00 0.00 ? 48  GLY A N    1 
ATOM   753  C CA   . GLY A 1 48  ? 3.054   -5.524  -12.882 1.00 0.00 ? 48  GLY A CA   1 
ATOM   754  C C    . GLY A 1 48  ? 3.285   -4.166  -12.216 1.00 0.00 ? 48  GLY A C    1 
ATOM   755  O O    . GLY A 1 48  ? 4.113   -3.371  -12.640 1.00 0.00 ? 48  GLY A O    1 
ATOM   756  H H    . GLY A 1 48  ? 5.086   -5.668  -13.543 1.00 0.00 ? 48  GLY A H    1 
ATOM   757  H HA2  . GLY A 1 48  ? 2.522   -5.402  -13.826 1.00 0.00 ? 48  GLY A HA2  1 
ATOM   758  H HA3  . GLY A 1 48  ? 2.479   -6.179  -12.228 1.00 0.00 ? 48  GLY A HA3  1 
ATOM   759  N N    . SER A 1 49  ? 2.496   -3.963  -11.145 1.00 0.00 ? 49  SER A N    1 
ATOM   760  C CA   . SER A 1 49  ? 2.619   -2.710  -10.421 1.00 0.00 ? 49  SER A CA   1 
ATOM   761  C C    . SER A 1 49  ? 2.063   -2.878  -9.006  1.00 0.00 ? 49  SER A C    1 
ATOM   762  O O    . SER A 1 49  ? 1.361   -3.832  -8.694  1.00 0.00 ? 49  SER A O    1 
ATOM   763  C CB   . SER A 1 49  ? 1.866   -1.612  -11.168 1.00 0.00 ? 49  SER A CB   1 
ATOM   764  O OG   . SER A 1 49  ? 0.497   -1.915  -11.250 1.00 0.00 ? 49  SER A OG   1 
ATOM   765  H H    . SER A 1 49  ? 1.838   -4.660  -10.856 1.00 0.00 ? 49  SER A H    1 
ATOM   766  H HA   . SER A 1 49  ? 3.686   -2.475  -10.359 1.00 0.00 ? 49  SER A HA   1 
ATOM   767  H HB2  . SER A 1 49  ? 1.971   -0.654  -10.658 1.00 0.00 ? 49  SER A HB2  1 
ATOM   768  H HB3  . SER A 1 49  ? 2.250   -1.498  -12.181 1.00 0.00 ? 49  SER A HB3  1 
ATOM   769  H HG   . SER A 1 49  ? 0.083   -1.186  -11.691 1.00 0.00 ? 49  SER A HG   1 
ATOM   770  N N    . TYR A 1 50  ? 2.431   -1.883  -8.179  1.00 0.00 ? 50  TYR A N    1 
ATOM   771  C CA   . TYR A 1 50  ? 1.970   -1.914  -6.798  1.00 0.00 ? 50  TYR A CA   1 
ATOM   772  C C    . TYR A 1 50  ? 0.682   -1.098  -6.696  1.00 0.00 ? 50  TYR A C    1 
ATOM   773  O O    . TYR A 1 50  ? 0.246   -0.471  -7.653  1.00 0.00 ? 50  TYR A O    1 
ATOM   774  C CB   . TYR A 1 50  ? 3.045   -1.329  -5.871  1.00 0.00 ? 50  TYR A CB   1 
ATOM   775  C CG   . TYR A 1 50  ? 4.405   -1.925  -6.126  1.00 0.00 ? 50  TYR A CG   1 
ATOM   776  C CD1  . TYR A 1 50  ? 4.533   -3.211  -6.711  1.00 0.00 ? 50  TYR A CD1  1 
ATOM   777  C CD2  . TYR A 1 50  ? 5.575   -1.199  -5.794  1.00 0.00 ? 50  TYR A CD2  1 
ATOM   778  C CE1  . TYR A 1 50  ? 5.812   -3.759  -6.960  1.00 0.00 ? 50  TYR A CE1  1 
ATOM   779  C CE2  . TYR A 1 50  ? 6.854   -1.747  -6.044  1.00 0.00 ? 50  TYR A CE2  1 
ATOM   780  C CZ   . TYR A 1 50  ? 6.972   -3.026  -6.627  1.00 0.00 ? 50  TYR A CZ   1 
ATOM   781  O OH   . TYR A 1 50  ? 8.220   -3.561  -6.872  1.00 0.00 ? 50  TYR A OH   1 
ATOM   782  H H    . TYR A 1 50  ? 3.008   -1.135  -8.508  1.00 0.00 ? 50  TYR A H    1 
ATOM   783  H HA   . TYR A 1 50  ? 1.760   -2.958  -6.545  1.00 0.00 ? 50  TYR A HA   1 
ATOM   784  H HB2  . TYR A 1 50  ? 3.106   -0.249  -6.008  1.00 0.00 ? 50  TYR A HB2  1 
ATOM   785  H HB3  . TYR A 1 50  ? 2.775   -1.505  -4.830  1.00 0.00 ? 50  TYR A HB3  1 
ATOM   786  H HD1  . TYR A 1 50  ? 3.648   -3.775  -6.967  1.00 0.00 ? 50  TYR A HD1  1 
ATOM   787  H HD2  . TYR A 1 50  ? 5.489   -0.219  -5.347  1.00 0.00 ? 50  TYR A HD2  1 
ATOM   788  H HE1  . TYR A 1 50  ? 5.902   -4.738  -7.408  1.00 0.00 ? 50  TYR A HE1  1 
ATOM   789  H HE2  . TYR A 1 50  ? 7.741   -1.185  -5.789  1.00 0.00 ? 50  TYR A HE2  1 
ATOM   790  H HH   . TYR A 1 50  ? 8.126   -4.418  -7.267  1.00 0.00 ? 50  TYR A HH   1 
ATOM   791  N N    . ALA A 1 51  ? 0.100   -1.147  -5.483  1.00 0.00 ? 51  ALA A N    1 
ATOM   792  C CA   . ALA A 1 51  ? -1.126  -0.388  -5.293  1.00 0.00 ? 51  ALA A CA   1 
ATOM   793  C C    . ALA A 1 51  ? -1.520  -0.357  -3.815  1.00 0.00 ? 51  ALA A C    1 
ATOM   794  O O    . ALA A 1 51  ? -1.577  -1.370  -3.130  1.00 0.00 ? 51  ALA A O    1 
ATOM   795  C CB   . ALA A 1 51  ? -2.245  -0.996  -6.135  1.00 0.00 ? 51  ALA A CB   1 
ATOM   796  H H    . ALA A 1 51  ? 0.498   -1.683  -4.738  1.00 0.00 ? 51  ALA A H    1 
ATOM   797  H HA   . ALA A 1 51  ? -0.916  0.633   -5.620  1.00 0.00 ? 51  ALA A HA   1 
ATOM   798  H HB1  . ALA A 1 51  ? -2.429  -2.032  -5.852  1.00 0.00 ? 51  ALA A HB1  1 
ATOM   799  H HB2  . ALA A 1 51  ? -3.173  -0.440  -6.004  1.00 0.00 ? 51  ALA A HB2  1 
ATOM   800  H HB3  . ALA A 1 51  ? -1.989  -0.977  -7.195  1.00 0.00 ? 51  ALA A HB3  1 
ATOM   801  N N    . LEU A 1 52  ? -1.792  0.891   -3.390  1.00 0.00 ? 52  LEU A N    1 
ATOM   802  C CA   . LEU A 1 52  ? -2.193  1.110   -2.006  1.00 0.00 ? 52  LEU A CA   1 
ATOM   803  C C    . LEU A 1 52  ? -3.671  0.763   -1.837  1.00 0.00 ? 52  LEU A C    1 
ATOM   804  O O    . LEU A 1 52  ? -4.515  1.171   -2.615  1.00 0.00 ? 52  LEU A O    1 
ATOM   805  C CB   . LEU A 1 52  ? -1.954  2.578   -1.658  1.00 0.00 ? 52  LEU A CB   1 
ATOM   806  C CG   . LEU A 1 52  ? -2.909  3.075   -0.574  1.00 0.00 ? 52  LEU A CG   1 
ATOM   807  C CD1  . LEU A 1 52  ? -2.854  2.158   0.649   1.00 0.00 ? 52  LEU A CD1  1 
ATOM   808  C CD2  . LEU A 1 52  ? -2.542  4.504   -0.184  1.00 0.00 ? 52  LEU A CD2  1 
ATOM   809  H H    . LEU A 1 52  ? -1.701  1.665   -4.019  1.00 0.00 ? 52  LEU A H    1 
ATOM   810  H HA   . LEU A 1 52  ? -1.589  0.451   -1.378  1.00 0.00 ? 52  LEU A HA   1 
ATOM   811  H HB2  . LEU A 1 52  ? -0.924  2.712   -1.328  1.00 0.00 ? 52  LEU A HB2  1 
ATOM   812  H HB3  . LEU A 1 52  ? -2.080  3.186   -2.552  1.00 0.00 ? 52  LEU A HB3  1 
ATOM   813  H HG   . LEU A 1 52  ? -3.931  3.075   -0.977  1.00 0.00 ? 52  LEU A HG   1 
ATOM   814  H HD11 . LEU A 1 52  ? -2.209  1.299   0.464   1.00 0.00 ? 52  LEU A HD11 1 
ATOM   815  H HD12 . LEU A 1 52  ? -2.461  2.690   1.517   1.00 0.00 ? 52  LEU A HD12 1 
ATOM   816  H HD13 . LEU A 1 52  ? -3.846  1.787   0.904   1.00 0.00 ? 52  LEU A HD13 1 
ATOM   817  H HD21 . LEU A 1 52  ? -1.512  4.559   0.166   1.00 0.00 ? 52  LEU A HD21 1 
ATOM   818  H HD22 . LEU A 1 52  ? -2.644  5.174   -1.036  1.00 0.00 ? 52  LEU A HD22 1 
ATOM   819  H HD23 . LEU A 1 52  ? -3.188  4.867   0.613   1.00 0.00 ? 52  LEU A HD23 1 
ATOM   820  N N    . CYS A 1 53  ? -3.928  0.002   -0.757  1.00 0.00 ? 53  CYS A N    1 
ATOM   821  C CA   . CYS A 1 53  ? -5.305  -0.395  -0.507  1.00 0.00 ? 53  CYS A CA   1 
ATOM   822  C C    . CYS A 1 53  ? -5.699  -0.070  0.934   1.00 0.00 ? 53  CYS A C    1 
ATOM   823  O O    . CYS A 1 53  ? -5.190  -0.644  1.887   1.00 0.00 ? 53  CYS A O    1 
ATOM   824  C CB   . CYS A 1 53  ? -5.454  -1.891  -0.768  1.00 0.00 ? 53  CYS A CB   1 
ATOM   825  S SG   . CYS A 1 53  ? -4.939  -2.371  -2.436  1.00 0.00 ? 53  CYS A SG   1 
ATOM   826  H H    . CYS A 1 53  ? -3.192  -0.282  -0.143  1.00 0.00 ? 53  CYS A H    1 
ATOM   827  H HA   . CYS A 1 53  ? -5.939  0.181   -1.188  1.00 0.00 ? 53  CYS A HA   1 
ATOM   828  H HB2  . CYS A 1 53  ? -4.858  -2.451  -0.047  1.00 0.00 ? 53  CYS A HB2  1 
ATOM   829  H HB3  . CYS A 1 53  ? -6.492  -2.191  -0.625  1.00 0.00 ? 53  CYS A HB3  1 
ATOM   830  H HG   . CYS A 1 53  ? -3.630  -2.151  -2.579  1.00 0.00 ? 53  CYS A HG   1 
ATOM   831  N N    . LEU A 1 54  ? -6.647  0.883   1.023   1.00 0.00 ? 54  LEU A N    1 
ATOM   832  C CA   . LEU A 1 54  ? -7.123  1.268   2.348   1.00 0.00 ? 54  LEU A CA   1 
ATOM   833  C C    . LEU A 1 54  ? -8.647  1.347   2.328   1.00 0.00 ? 54  LEU A C    1 
ATOM   834  O O    . LEU A 1 54  ? -9.278  1.235   1.287   1.00 0.00 ? 54  LEU A O    1 
ATOM   835  C CB   . LEU A 1 54  ? -6.489  2.593   2.794   1.00 0.00 ? 54  LEU A CB   1 
ATOM   836  C CG   . LEU A 1 54  ? -6.677  3.750   1.798   1.00 0.00 ? 54  LEU A CG   1 
ATOM   837  C CD1  . LEU A 1 54  ? -5.635  3.686   0.684   1.00 0.00 ? 54  LEU A CD1  1 
ATOM   838  C CD2  . LEU A 1 54  ? -8.085  3.758   1.208   1.00 0.00 ? 54  LEU A CD2  1 
ATOM   839  H H    . LEU A 1 54  ? -7.020  1.310   0.196   1.00 0.00 ? 54  LEU A H    1 
ATOM   840  H HA   . LEU A 1 54  ? -6.830  0.464   3.030   1.00 0.00 ? 54  LEU A HA   1 
ATOM   841  H HB2  . LEU A 1 54  ? -6.910  2.881   3.757   1.00 0.00 ? 54  LEU A HB2  1 
ATOM   842  H HB3  . LEU A 1 54  ? -5.427  2.436   2.958   1.00 0.00 ? 54  LEU A HB3  1 
ATOM   843  H HG   . LEU A 1 54  ? -6.528  4.684   2.342   1.00 0.00 ? 54  LEU A HG   1 
ATOM   844  H HD11 . LEU A 1 54  ? -4.632  3.602   1.097   1.00 0.00 ? 54  LEU A HD11 1 
ATOM   845  H HD12 . LEU A 1 54  ? -5.807  2.830   0.034   1.00 0.00 ? 54  LEU A HD12 1 
ATOM   846  H HD13 . LEU A 1 54  ? -5.670  4.586   0.069   1.00 0.00 ? 54  LEU A HD13 1 
ATOM   847  H HD21 . LEU A 1 54  ? -8.838  3.714   1.994   1.00 0.00 ? 54  LEU A HD21 1 
ATOM   848  H HD22 . LEU A 1 54  ? -8.257  4.663   0.626   1.00 0.00 ? 54  LEU A HD22 1 
ATOM   849  H HD23 . LEU A 1 54  ? -8.229  2.904   0.553   1.00 0.00 ? 54  LEU A HD23 1 
ATOM   850  N N    . LEU A 1 55  ? -9.207  1.523   3.541   1.00 0.00 ? 55  LEU A N    1 
ATOM   851  C CA   . LEU A 1 55  ? -10.656 1.603   3.595   1.00 0.00 ? 55  LEU A CA   1 
ATOM   852  C C    . LEU A 1 55  ? -11.103 2.910   4.238   1.00 0.00 ? 55  LEU A C    1 
ATOM   853  O O    . LEU A 1 55  ? -10.540 3.376   5.221   1.00 0.00 ? 55  LEU A O    1 
ATOM   854  C CB   . LEU A 1 55  ? -11.195 0.419   4.380   1.00 0.00 ? 55  LEU A CB   1 
ATOM   855  C CG   . LEU A 1 55  ? -12.725 0.365   4.335   1.00 0.00 ? 55  LEU A CG   1 
ATOM   856  C CD1  . LEU A 1 55  ? -13.223 -0.674  3.341   1.00 0.00 ? 55  LEU A CD1  1 
ATOM   857  C CD2  . LEU A 1 55  ? -13.280 0.044   5.713   1.00 0.00 ? 55  LEU A CD2  1 
ATOM   858  H H    . LEU A 1 55  ? -8.647  1.572   4.381   1.00 0.00 ? 55  LEU A H    1 
ATOM   859  H HA   . LEU A 1 55  ? -11.020 1.575   2.564   1.00 0.00 ? 55  LEU A HA   1 
ATOM   860  H HB2  . LEU A 1 55  ? -10.775 -0.497  3.982   1.00 0.00 ? 55  LEU A HB2  1 
ATOM   861  H HB3  . LEU A 1 55  ? -10.862 0.491   5.415   1.00 0.00 ? 55  LEU A HB3  1 
ATOM   862  H HG   . LEU A 1 55  ? -13.093 1.341   4.025   1.00 0.00 ? 55  LEU A HG   1 
ATOM   863  H HD11 . LEU A 1 55  ? -12.450 -0.936  2.628   1.00 0.00 ? 55  LEU A HD11 1 
ATOM   864  H HD12 . LEU A 1 55  ? -13.534 -1.581  3.857   1.00 0.00 ? 55  LEU A HD12 1 
ATOM   865  H HD13 . LEU A 1 55  ? -14.081 -0.296  2.789   1.00 0.00 ? 55  LEU A HD13 1 
ATOM   866  H HD21 . LEU A 1 55  ? -12.850 -0.884  6.092   1.00 0.00 ? 55  LEU A HD21 1 
ATOM   867  H HD22 . LEU A 1 55  ? -13.054 0.837   6.419   1.00 0.00 ? 55  LEU A HD22 1 
ATOM   868  H HD23 . LEU A 1 55  ? -14.362 -0.080  5.671   1.00 0.00 ? 55  LEU A HD23 1 
ATOM   869  N N    . HIS A 1 56  ? -12.157 3.464   3.609   1.00 0.00 ? 56  HIS A N    1 
ATOM   870  C CA   . HIS A 1 56  ? -12.697 4.706   4.129   1.00 0.00 ? 56  HIS A CA   1 
ATOM   871  C C    . HIS A 1 56  ? -13.591 4.405   5.344   1.00 0.00 ? 56  HIS A C    1 
ATOM   872  O O    . HIS A 1 56  ? -13.123 4.213   6.456   1.00 0.00 ? 56  HIS A O    1 
ATOM   873  C CB   . HIS A 1 56  ? -13.482 5.419   3.030   1.00 0.00 ? 56  HIS A CB   1 
ATOM   874  C CG   . HIS A 1 56  ? -14.027 6.720   3.570   1.00 0.00 ? 56  HIS A CG   1 
ATOM   875  N ND1  . HIS A 1 56  ? -13.426 7.443   4.540   1.00 0.00 ? 56  HIS A ND1  1 
ATOM   876  C CD2  . HIS A 1 56  ? -15.205 7.389   3.189   1.00 0.00 ? 56  HIS A CD2  1 
ATOM   877  C CE1  . HIS A 1 56  ? -14.205 8.518   4.749   1.00 0.00 ? 56  HIS A CE1  1 
ATOM   878  N NE2  . HIS A 1 56  ? -15.284 8.508   3.946   1.00 0.00 ? 56  HIS A NE2  1 
ATOM   879  H H    . HIS A 1 56  ? -12.547 3.040   2.789   1.00 0.00 ? 56  HIS A H    1 
ATOM   880  H HA   . HIS A 1 56  ? -11.846 5.314   4.452   1.00 0.00 ? 56  HIS A HA   1 
ATOM   881  H HB2  . HIS A 1 56  ? -12.841 5.624   2.173   1.00 0.00 ? 56  HIS A HB2  1 
ATOM   882  H HB3  . HIS A 1 56  ? -14.308 4.798   2.685   1.00 0.00 ? 56  HIS A HB3  1 
ATOM   883  H HD1  . HIS A 1 56  ? -12.589 7.227   4.999   1.00 0.00 ? 56  HIS A HD1  1 
ATOM   884  H HD2  . HIS A 1 56  ? -15.910 7.070   2.437   1.00 0.00 ? 56  HIS A HD2  1 
ATOM   885  H HE1  . HIS A 1 56  ? -13.991 9.293   5.470   1.00 0.00 ? 56  HIS A HE1  1 
ATOM   886  N N    . GLU A 1 57  ? -14.906 4.372   5.053   1.00 0.00 ? 57  GLU A N    1 
ATOM   887  C CA   . GLU A 1 57  ? -15.860 4.102   6.129   1.00 0.00 ? 57  GLU A CA   1 
ATOM   888  C C    . GLU A 1 57  ? -16.649 2.807   5.869   1.00 0.00 ? 57  GLU A C    1 
ATOM   889  O O    . GLU A 1 57  ? -17.638 2.512   6.530   1.00 0.00 ? 57  GLU A O    1 
ATOM   890  C CB   . GLU A 1 57  ? -16.823 5.269   6.199   1.00 0.00 ? 57  GLU A CB   1 
ATOM   891  C CG   . GLU A 1 57  ? -16.087 6.597   6.376   1.00 0.00 ? 57  GLU A CG   1 
ATOM   892  C CD   . GLU A 1 57  ? -16.093 7.002   7.852   1.00 0.00 ? 57  GLU A CD   1 
ATOM   893  O OE1  . GLU A 1 57  ? -17.176 7.133   8.420   1.00 0.00 ? 57  GLU A OE1  1 
ATOM   894  O OE2  . GLU A 1 57  ? -15.014 7.181   8.416   1.00 0.00 ? 57  GLU A OE2  1 
ATOM   895  H H    . GLU A 1 57  ? -15.226 4.544   4.121   1.00 0.00 ? 57  GLU A H    1 
ATOM   896  H HA   . GLU A 1 57  ? -15.292 4.003   7.058   1.00 0.00 ? 57  GLU A HA   1 
ATOM   897  H HB2  . GLU A 1 57  ? -17.406 5.292   5.279   1.00 0.00 ? 57  GLU A HB2  1 
ATOM   898  H HB3  . GLU A 1 57  ? -17.527 5.122   7.018   1.00 0.00 ? 57  GLU A HB3  1 
ATOM   899  H HG2  . GLU A 1 57  ? -15.055 6.513   6.037   1.00 0.00 ? 57  GLU A HG2  1 
ATOM   900  H HG3  . GLU A 1 57  ? -16.564 7.380   5.791   1.00 0.00 ? 57  GLU A HG3  1 
ATOM   901  N N    . GLY A 1 58  ? -16.147 2.067   4.872   1.00 0.00 ? 58  GLY A N    1 
ATOM   902  C CA   . GLY A 1 58  ? -16.802 0.824   4.504   1.00 0.00 ? 58  GLY A CA   1 
ATOM   903  C C    . GLY A 1 58  ? -16.846 0.657   2.977   1.00 0.00 ? 58  GLY A C    1 
ATOM   904  O O    . GLY A 1 58  ? -17.763 0.081   2.407   1.00 0.00 ? 58  GLY A O    1 
ATOM   905  H H    . GLY A 1 58  ? -15.330 2.370   4.395   1.00 0.00 ? 58  GLY A H    1 
ATOM   906  H HA2  . GLY A 1 58  ? -16.243 0.008   4.961   1.00 0.00 ? 58  GLY A HA2  1 
ATOM   907  H HA3  . GLY A 1 58  ? -17.803 0.844   4.913   1.00 0.00 ? 58  GLY A HA3  1 
ATOM   908  N N    . LYS A 1 59  ? -15.782 1.213   2.379   1.00 0.00 ? 59  LYS A N    1 
ATOM   909  C CA   . LYS A 1 59  ? -15.630 1.149   0.955   1.00 0.00 ? 59  LYS A CA   1 
ATOM   910  C C    . LYS A 1 59  ? -14.137 1.075   0.709   1.00 0.00 ? 59  LYS A C    1 
ATOM   911  O O    . LYS A 1 59  ? -13.419 2.068   0.752   1.00 0.00 ? 59  LYS A O    1 
ATOM   912  C CB   . LYS A 1 59  ? -16.225 2.385   0.296   1.00 0.00 ? 59  LYS A CB   1 
ATOM   913  C CG   . LYS A 1 59  ? -17.590 2.739   0.883   1.00 0.00 ? 59  LYS A CG   1 
ATOM   914  C CD   . LYS A 1 59  ? -17.458 3.593   2.145   1.00 0.00 ? 59  LYS A CD   1 
ATOM   915  C CE   . LYS A 1 59  ? -18.511 4.703   2.183   1.00 0.00 ? 59  LYS A CE   1 
ATOM   916  N NZ   . LYS A 1 59  ? -19.868 4.187   2.054   1.00 0.00 ? 59  LYS A NZ   1 
ATOM   917  H H    . LYS A 1 59  ? -15.076 1.646   2.922   1.00 0.00 ? 59  LYS A H    1 
ATOM   918  H HA   . LYS A 1 59  ? -16.112 0.232   0.608   1.00 0.00 ? 59  LYS A HA   1 
ATOM   919  H HB2  . LYS A 1 59  ? -15.543 3.224   0.420   1.00 0.00 ? 59  LYS A HB2  1 
ATOM   920  H HB3  . LYS A 1 59  ? -16.319 2.211   -0.775  1.00 0.00 ? 59  LYS A HB3  1 
ATOM   921  H HG2  . LYS A 1 59  ? -18.176 3.278   0.140   1.00 0.00 ? 59  LYS A HG2  1 
ATOM   922  H HG3  . LYS A 1 59  ? -18.138 1.825   1.115   1.00 0.00 ? 59  LYS A HG3  1 
ATOM   923  H HD2  . LYS A 1 59  ? -17.560 2.961   3.027   1.00 0.00 ? 59  LYS A HD2  1 
ATOM   924  H HD3  . LYS A 1 59  ? -16.462 4.033   2.186   1.00 0.00 ? 59  LYS A HD3  1 
ATOM   925  H HE2  . LYS A 1 59  ? -18.453 5.254   3.121   1.00 0.00 ? 59  LYS A HE2  1 
ATOM   926  H HE3  . LYS A 1 59  ? -18.347 5.412   1.371   1.00 0.00 ? 59  LYS A HE3  1 
ATOM   927  H HZ1  . LYS A 1 59  ? -19.954 3.656   1.163   1.00 0.00 ? 59  LYS A HZ1  1 
ATOM   928  H HZ2  . LYS A 1 59  ? -20.077 3.558   2.854   1.00 0.00 ? 59  LYS A HZ2  1 
ATOM   929  H HZ3  . LYS A 1 59  ? -20.541 4.980   2.050   1.00 0.00 ? 59  LYS A HZ3  1 
ATOM   930  N N    . VAL A 1 60  ? -13.723 -0.165  0.464   1.00 0.00 ? 60  VAL A N    1 
ATOM   931  C CA   . VAL A 1 60  ? -12.311 -0.376  0.258   1.00 0.00 ? 60  VAL A CA   1 
ATOM   932  C C    . VAL A 1 60  ? -11.883 0.311   -1.025  1.00 0.00 ? 60  VAL A C    1 
ATOM   933  O O    . VAL A 1 60  ? -12.599 0.356   -2.017  1.00 0.00 ? 60  VAL A O    1 
ATOM   934  C CB   . VAL A 1 60  ? -12.012 -1.866  0.164   1.00 0.00 ? 60  VAL A CB   1 
ATOM   935  C CG1  . VAL A 1 60  ? -12.243 -2.353  -1.260  1.00 0.00 ? 60  VAL A CG1  1 
ATOM   936  C CG2  . VAL A 1 60  ? -10.568 -2.147  0.570   1.00 0.00 ? 60  VAL A CG2  1 
ATOM   937  H H    . VAL A 1 60  ? -14.373 -0.918  0.440   1.00 0.00 ? 60  VAL A H    1 
ATOM   938  H HA   . VAL A 1 60  ? -11.788 0.077   1.112   1.00 0.00 ? 60  VAL A HA   1 
ATOM   939  H HB   . VAL A 1 60  ? -12.682 -2.403  0.836   1.00 0.00 ? 60  VAL A HB   1 
ATOM   940  H HG11 . VAL A 1 60  ? -13.260 -2.138  -1.584  1.00 0.00 ? 60  VAL A HG11 1 
ATOM   941  H HG12 . VAL A 1 60  ? -11.558 -1.858  -1.951  1.00 0.00 ? 60  VAL A HG12 1 
ATOM   942  H HG13 . VAL A 1 60  ? -12.079 -3.422  -1.334  1.00 0.00 ? 60  VAL A HG13 1 
ATOM   943  H HG21 . VAL A 1 60  ? -10.283 -1.551  1.433   1.00 0.00 ? 60  VAL A HG21 1 
ATOM   944  H HG22 . VAL A 1 60  ? -10.433 -3.198  0.824   1.00 0.00 ? 60  VAL A HG22 1 
ATOM   945  H HG23 . VAL A 1 60  ? -9.883  -1.908  -0.245  1.00 0.00 ? 60  VAL A HG23 1 
ATOM   946  N N    . LEU A 1 61  ? -10.655 0.814   -0.930  1.00 0.00 ? 61  LEU A N    1 
ATOM   947  C CA   . LEU A 1 61  ? -10.099 1.503   -2.068  1.00 0.00 ? 61  LEU A CA   1 
ATOM   948  C C    . LEU A 1 61  ? -8.749  0.950   -2.427  1.00 0.00 ? 61  LEU A C    1 
ATOM   949  O O    . LEU A 1 61  ? -8.103  0.222   -1.682  1.00 0.00 ? 61  LEU A O    1 
ATOM   950  C CB   . LEU A 1 61  ? -9.981  2.990   -1.770  1.00 0.00 ? 61  LEU A CB   1 
ATOM   951  C CG   . LEU A 1 61  ? -11.270 3.498   -1.160  1.00 0.00 ? 61  LEU A CG   1 
ATOM   952  C CD1  . LEU A 1 61  ? -11.218 5.006   -0.944  1.00 0.00 ? 61  LEU A CD1  1 
ATOM   953  C CD2  . LEU A 1 61  ? -12.420 3.117   -2.077  1.00 0.00 ? 61  LEU A CD2  1 
ATOM   954  H H    . LEU A 1 61  ? -10.146 0.716   -0.092  1.00 0.00 ? 61  LEU A H    1 
ATOM   955  H HA   . LEU A 1 61  ? -10.773 1.325   -2.907  1.00 0.00 ? 61  LEU A HA   1 
ATOM   956  H HB2  . LEU A 1 61  ? -9.143  3.177   -1.101  1.00 0.00 ? 61  LEU A HB2  1 
ATOM   957  H HB3  . LEU A 1 61  ? -9.770  3.533   -2.686  1.00 0.00 ? 61  LEU A HB3  1 
ATOM   958  H HG   . LEU A 1 61  ? -11.417 3.013   -0.195  1.00 0.00 ? 61  LEU A HG   1 
ATOM   959  H HD11 . LEU A 1 61  ? -10.953 5.523   -1.866  1.00 0.00 ? 61  LEU A HD11 1 
ATOM   960  H HD12 . LEU A 1 61  ? -12.184 5.385   -0.609  1.00 0.00 ? 61  LEU A HD12 1 
ATOM   961  H HD13 . LEU A 1 61  ? -10.476 5.259   -0.189  1.00 0.00 ? 61  LEU A HD13 1 
ATOM   962  H HD21 . LEU A 1 61  ? -12.045 2.686   -3.007  1.00 0.00 ? 61  LEU A HD21 1 
ATOM   963  H HD22 . LEU A 1 61  ? -13.062 2.380   -1.603  1.00 0.00 ? 61  LEU A HD22 1 
ATOM   964  H HD23 . LEU A 1 61  ? -13.018 3.985   -2.329  1.00 0.00 ? 61  LEU A HD23 1 
ATOM   965  N N    . HIS A 1 62  ? -8.380  1.373   -3.631  1.00 0.00 ? 62  HIS A N    1 
ATOM   966  C CA   . HIS A 1 62  ? -7.098  0.941   -4.156  1.00 0.00 ? 62  HIS A CA   1 
ATOM   967  C C    . HIS A 1 62  ? -6.495  2.084   -4.975  1.00 0.00 ? 62  HIS A C    1 
ATOM   968  O O    . HIS A 1 62  ? -7.187  2.803   -5.675  1.00 0.00 ? 62  HIS A O    1 
ATOM   969  C CB   . HIS A 1 62  ? -7.277  -0.317  -5.017  1.00 0.00 ? 62  HIS A CB   1 
ATOM   970  C CG   . HIS A 1 62  ? -8.076  -1.361  -4.258  1.00 0.00 ? 62  HIS A CG   1 
ATOM   971  N ND1  . HIS A 1 62  ? -7.533  -2.416  -3.611  1.00 0.00 ? 62  HIS A ND1  1 
ATOM   972  C CD2  . HIS A 1 62  ? -9.472  -1.416  -4.084  1.00 0.00 ? 62  HIS A CD2  1 
ATOM   973  C CE1  . HIS A 1 62  ? -8.558  -3.094  -3.060  1.00 0.00 ? 62  HIS A CE1  1 
ATOM   974  N NE2  . HIS A 1 62  ? -9.737  -2.508  -3.331  1.00 0.00 ? 62  HIS A NE2  1 
ATOM   975  H H    . HIS A 1 62  ? -8.992  1.978   -4.157  1.00 0.00 ? 62  HIS A H    1 
ATOM   976  H HA   . HIS A 1 62  ? -6.456  0.736   -3.294  1.00 0.00 ? 62  HIS A HA   1 
ATOM   977  H HB2  . HIS A 1 62  ? -7.796  -0.073  -5.943  1.00 0.00 ? 62  HIS A HB2  1 
ATOM   978  H HB3  . HIS A 1 62  ? -6.306  -0.736  -5.286  1.00 0.00 ? 62  HIS A HB3  1 
ATOM   979  H HD1  . HIS A 1 62  ? -6.582  -2.644  -3.556  1.00 0.00 ? 62  HIS A HD1  1 
ATOM   980  H HD2  . HIS A 1 62  ? -10.196 -0.715  -4.476  1.00 0.00 ? 62  HIS A HD2  1 
ATOM   981  H HE1  . HIS A 1 62  ? -8.448  -3.995  -2.471  1.00 0.00 ? 62  HIS A HE1  1 
ATOM   982  N N    . TYR A 1 63  ? -5.167  2.213   -4.829  1.00 0.00 ? 63  TYR A N    1 
ATOM   983  C CA   . TYR A 1 63  ? -4.488  3.259   -5.554  1.00 0.00 ? 63  TYR A CA   1 
ATOM   984  C C    . TYR A 1 63  ? -3.255  2.672   -6.230  1.00 0.00 ? 63  TYR A C    1 
ATOM   985  O O    . TYR A 1 63  ? -2.359  2.156   -5.580  1.00 0.00 ? 63  TYR A O    1 
ATOM   986  C CB   . TYR A 1 63  ? -4.059  4.336   -4.570  1.00 0.00 ? 63  TYR A CB   1 
ATOM   987  C CG   . TYR A 1 63  ? -5.227  5.116   -4.042  1.00 0.00 ? 63  TYR A CG   1 
ATOM   988  C CD1  . TYR A 1 63  ? -5.997  5.949   -4.894  1.00 0.00 ? 63  TYR A CD1  1 
ATOM   989  C CD2  . TYR A 1 63  ? -5.575  5.023   -2.673  1.00 0.00 ? 63  TYR A CD2  1 
ATOM   990  C CE1  . TYR A 1 63  ? -7.093  6.669   -4.376  1.00 0.00 ? 63  TYR A CE1  1 
ATOM   991  C CE2  . TYR A 1 63  ? -6.670  5.743   -2.159  1.00 0.00 ? 63  TYR A CE2  1 
ATOM   992  C CZ   . TYR A 1 63  ? -7.431  6.568   -3.011  1.00 0.00 ? 63  TYR A CZ   1 
ATOM   993  O OH   . TYR A 1 63  ? -8.505  7.275   -2.509  1.00 0.00 ? 63  TYR A OH   1 
ATOM   994  H H    . TYR A 1 63  ? -4.657  1.612   -4.227  1.00 0.00 ? 63  TYR A H    1 
ATOM   995  H HA   . TYR A 1 63  ? -5.178  3.648   -6.309  1.00 0.00 ? 63  TYR A HA   1 
ATOM   996  H HB2  . TYR A 1 63  ? -3.534  3.882   -3.730  1.00 0.00 ? 63  TYR A HB2  1 
ATOM   997  H HB3  . TYR A 1 63  ? -3.367  5.010   -5.048  1.00 0.00 ? 63  TYR A HB3  1 
ATOM   998  H HD1  . TYR A 1 63  ? -5.744  6.045   -5.940  1.00 0.00 ? 63  TYR A HD1  1 
ATOM   999  H HD2  . TYR A 1 63  ? -4.995  4.404   -2.015  1.00 0.00 ? 63  TYR A HD2  1 
ATOM   1000 H HE1  . TYR A 1 63  ? -7.681  7.280   -5.029  1.00 0.00 ? 63  TYR A HE1  1 
ATOM   1001 H HE2  . TYR A 1 63  ? -6.924  5.658   -1.115  1.00 0.00 ? 63  TYR A HE2  1 
ATOM   1002 H HH   . TYR A 1 63  ? -8.618  7.070   -1.590  1.00 0.00 ? 63  TYR A HH   1 
ATOM   1003 N N    . ARG A 1 64  ? -3.255  2.796   -7.568  1.00 0.00 ? 64  ARG A N    1 
ATOM   1004 C CA   . ARG A 1 64  ? -2.116  2.264   -8.297  1.00 0.00 ? 64  ARG A CA   1 
ATOM   1005 C C    . ARG A 1 64  ? -0.867  3.046   -7.909  1.00 0.00 ? 64  ARG A C    1 
ATOM   1006 O O    . ARG A 1 64  ? -0.874  4.266   -7.799  1.00 0.00 ? 64  ARG A O    1 
ATOM   1007 C CB   . ARG A 1 64  ? -2.343  2.349   -9.803  1.00 0.00 ? 64  ARG A CB   1 
ATOM   1008 C CG   . ARG A 1 64  ? -3.368  3.423   -10.178 1.00 0.00 ? 64  ARG A CG   1 
ATOM   1009 C CD   . ARG A 1 64  ? -3.272  3.798   -11.657 1.00 0.00 ? 64  ARG A CD   1 
ATOM   1010 N NE   . ARG A 1 64  ? -4.168  4.901   -11.957 1.00 0.00 ? 64  ARG A NE   1 
ATOM   1011 C CZ   . ARG A 1 64  ? -5.442  4.629   -12.299 1.00 0.00 ? 64  ARG A CZ   1 
ATOM   1012 N NH1  . ARG A 1 64  ? -5.863  3.369   -12.361 1.00 0.00 ? 64  ARG A NH1  1 
ATOM   1013 N NH2  . ARG A 1 64  ? -6.282  5.623   -12.575 1.00 0.00 ? 64  ARG A NH2  1 
ATOM   1014 H H    . ARG A 1 64  ? -4.011  3.245   -8.044  1.00 0.00 ? 64  ARG A H    1 
ATOM   1015 H HA   . ARG A 1 64  ? -1.994  1.220   -7.985  1.00 0.00 ? 64  ARG A HA   1 
ATOM   1016 H HB2  . ARG A 1 64  ? -1.397  2.564   -10.297 1.00 0.00 ? 64  ARG A HB2  1 
ATOM   1017 H HB3  . ARG A 1 64  ? -2.670  1.379   -10.168 1.00 0.00 ? 64  ARG A HB3  1 
ATOM   1018 H HG2  . ARG A 1 64  ? -4.373  3.067   -9.953  1.00 0.00 ? 64  ARG A HG2  1 
ATOM   1019 H HG3  . ARG A 1 64  ? -3.204  4.310   -9.566  1.00 0.00 ? 64  ARG A HG3  1 
ATOM   1020 H HD2  . ARG A 1 64  ? -2.269  4.124   -11.924 1.00 0.00 ? 64  ARG A HD2  1 
ATOM   1021 H HD3  . ARG A 1 64  ? -3.549  2.964   -12.303 1.00 0.00 ? 64  ARG A HD3  1 
ATOM   1022 H HE   . ARG A 1 64  ? -3.846  5.846   -11.909 1.00 0.00 ? 64  ARG A HE   1 
ATOM   1023 H HH11 . ARG A 1 64  ? -5.234  2.620   -12.154 1.00 0.00 ? 64  ARG A HH11 1 
ATOM   1024 H HH12 . ARG A 1 64  ? -6.810  3.171   -12.615 1.00 0.00 ? 64  ARG A HH12 1 
ATOM   1025 H HH21 . ARG A 1 64  ? -5.967  6.571   -12.528 1.00 0.00 ? 64  ARG A HH21 1 
ATOM   1026 H HH22 . ARG A 1 64  ? -7.227  5.423   -12.829 1.00 0.00 ? 64  ARG A HH22 1 
ATOM   1027 N N    . ILE A 1 65  ? 0.198   2.257   -7.712  1.00 0.00 ? 65  ILE A N    1 
ATOM   1028 C CA   . ILE A 1 65  ? 1.455   2.875   -7.330  1.00 0.00 ? 65  ILE A CA   1 
ATOM   1029 C C    . ILE A 1 65  ? 2.602   2.378   -8.207  1.00 0.00 ? 65  ILE A C    1 
ATOM   1030 O O    . ILE A 1 65  ? 2.941   1.201   -8.227  1.00 0.00 ? 65  ILE A O    1 
ATOM   1031 C CB   . ILE A 1 65  ? 1.742   2.539   -5.875  1.00 0.00 ? 65  ILE A CB   1 
ATOM   1032 C CG1  . ILE A 1 65  ? 0.910   3.417   -4.954  1.00 0.00 ? 65  ILE A CG1  1 
ATOM   1033 C CG2  . ILE A 1 65  ? 3.229   2.705   -5.562  1.00 0.00 ? 65  ILE A CG2  1 
ATOM   1034 C CD1  . ILE A 1 65  ? 0.616   2.688   -3.653  1.00 0.00 ? 65  ILE A CD1  1 
ATOM   1035 H H    . ILE A 1 65  ? 0.118   1.268   -7.804  1.00 0.00 ? 65  ILE A H    1 
ATOM   1036 H HA   . ILE A 1 65  ? 1.344   3.955   -7.465  1.00 0.00 ? 65  ILE A HA   1 
ATOM   1037 H HB   . ILE A 1 65  ? 1.464   1.497   -5.702  1.00 0.00 ? 65  ILE A HB   1 
ATOM   1038 H HG12 . ILE A 1 65  ? 1.439   4.346   -4.748  1.00 0.00 ? 65  ILE A HG12 1 
ATOM   1039 H HG13 . ILE A 1 65  ? -0.025  3.685   -5.446  1.00 0.00 ? 65  ILE A HG13 1 
ATOM   1040 H HG21 . ILE A 1 65  ? 3.555   3.728   -5.752  1.00 0.00 ? 65  ILE A HG21 1 
ATOM   1041 H HG22 . ILE A 1 65  ? 3.434   2.476   -4.516  1.00 0.00 ? 65  ILE A HG22 1 
ATOM   1042 H HG23 . ILE A 1 65  ? 3.834   2.039   -6.177  1.00 0.00 ? 65  ILE A HG23 1 
ATOM   1043 H HD11 . ILE A 1 65  ? 0.359   1.647   -3.847  1.00 0.00 ? 65  ILE A HD11 1 
ATOM   1044 H HD12 . ILE A 1 65  ? 1.484   2.702   -2.997  1.00 0.00 ? 65  ILE A HD12 1 
ATOM   1045 H HD13 . ILE A 1 65  ? -0.214  3.152   -3.129  1.00 0.00 ? 65  ILE A HD13 1 
ATOM   1046 N N    . ASP A 1 66  ? 3.174   3.362   -8.923  1.00 0.00 ? 66  ASP A N    1 
ATOM   1047 C CA   . ASP A 1 66  ? 4.307   3.045   -9.763  1.00 0.00 ? 66  ASP A CA   1 
ATOM   1048 C C    . ASP A 1 66  ? 5.197   4.270   -9.858  1.00 0.00 ? 66  ASP A C    1 
ATOM   1049 O O    . ASP A 1 66  ? 4.883   5.342   -9.363  1.00 0.00 ? 66  ASP A O    1 
ATOM   1050 C CB   . ASP A 1 66  ? 3.851   2.634   -11.149 1.00 0.00 ? 66  ASP A CB   1 
ATOM   1051 C CG   . ASP A 1 66  ? 5.013   1.991   -11.909 1.00 0.00 ? 66  ASP A CG   1 
ATOM   1052 O OD1  . ASP A 1 66  ? 5.585   1.027   -11.402 1.00 0.00 ? 66  ASP A OD1  1 
ATOM   1053 O OD2  . ASP A 1 66  ? 5.332   2.460   -13.000 1.00 0.00 ? 66  ASP A OD2  1 
ATOM   1054 H H    . ASP A 1 66  ? 2.814   4.291   -8.889  1.00 0.00 ? 66  ASP A H    1 
ATOM   1055 H HA   . ASP A 1 66  ? 4.860   2.238   -9.276  1.00 0.00 ? 66  ASP A HA   1 
ATOM   1056 H HB2  . ASP A 1 66  ? 3.033   1.926   -11.091 1.00 0.00 ? 66  ASP A HB2  1 
ATOM   1057 H HB3  . ASP A 1 66  ? 3.509   3.503   -11.700 1.00 0.00 ? 66  ASP A HB3  1 
ATOM   1058 N N    . LYS A 1 67  ? 6.306   4.040   -10.561 1.00 0.00 ? 67  LYS A N    1 
ATOM   1059 C CA   . LYS A 1 67  ? 7.260   5.116   -10.718 1.00 0.00 ? 67  LYS A CA   1 
ATOM   1060 C C    . LYS A 1 67  ? 6.936   5.913   -11.980 1.00 0.00 ? 67  LYS A C    1 
ATOM   1061 O O    . LYS A 1 67  ? 5.798   5.985   -12.429 1.00 0.00 ? 67  LYS A O    1 
ATOM   1062 C CB   . LYS A 1 67  ? 8.664   4.526   -10.803 1.00 0.00 ? 67  LYS A CB   1 
ATOM   1063 C CG   . LYS A 1 67  ? 8.777   3.544   -11.964 1.00 0.00 ? 67  LYS A CG   1 
ATOM   1064 C CD   . LYS A 1 67  ? 8.908   2.102   -11.472 1.00 0.00 ? 67  LYS A CD   1 
ATOM   1065 C CE   . LYS A 1 67  ? 10.272  1.851   -10.830 1.00 0.00 ? 67  LYS A CE   1 
ATOM   1066 N NZ   . LYS A 1 67  ? 10.371  0.522   -10.239 1.00 0.00 ? 67  LYS A NZ   1 
ATOM   1067 H H    . LYS A 1 67  ? 6.458   3.151   -10.985 1.00 0.00 ? 67  LYS A H    1 
ATOM   1068 H HA   . LYS A 1 67  ? 7.158   5.768   -9.846  1.00 0.00 ? 67  LYS A HA   1 
ATOM   1069 H HB2  . LYS A 1 67  ? 9.392   5.326   -10.932 1.00 0.00 ? 67  LYS A HB2  1 
ATOM   1070 H HB3  . LYS A 1 67  ? 8.910   4.021   -9.869  1.00 0.00 ? 67  LYS A HB3  1 
ATOM   1071 H HG2  . LYS A 1 67  ? 7.901   3.640   -12.603 1.00 0.00 ? 67  LYS A HG2  1 
ATOM   1072 H HG3  . LYS A 1 67  ? 9.636   3.798   -12.574 1.00 0.00 ? 67  LYS A HG3  1 
ATOM   1073 H HD2  . LYS A 1 67  ? 8.119   1.888   -10.751 1.00 0.00 ? 67  LYS A HD2  1 
ATOM   1074 H HD3  . LYS A 1 67  ? 8.767   1.418   -12.307 1.00 0.00 ? 67  LYS A HD3  1 
ATOM   1075 H HE2  . LYS A 1 67  ? 11.067  1.944   -11.570 1.00 0.00 ? 67  LYS A HE2  1 
ATOM   1076 H HE3  . LYS A 1 67  ? 10.465  2.579   -10.043 1.00 0.00 ? 67  LYS A HE3  1 
ATOM   1077 H HZ1  . LYS A 1 67  ? 10.179  -0.196  -10.966 1.00 0.00 ? 67  LYS A HZ1  1 
ATOM   1078 H HZ2  . LYS A 1 67  ? 11.328  0.382   -9.857  1.00 0.00 ? 67  LYS A HZ2  1 
ATOM   1079 H HZ3  . LYS A 1 67  ? 9.676   0.432   -9.471  1.00 0.00 ? 67  LYS A HZ3  1 
ATOM   1080 N N    . ASP A 1 68  ? 8.019   6.502   -12.514 1.00 0.00 ? 68  ASP A N    1 
ATOM   1081 C CA   . ASP A 1 68  ? 7.863   7.294   -13.719 1.00 0.00 ? 68  ASP A CA   1 
ATOM   1082 C C    . ASP A 1 68  ? 9.104   7.117   -14.585 1.00 0.00 ? 68  ASP A C    1 
ATOM   1083 O O    . ASP A 1 68  ? 9.724   8.073   -15.035 1.00 0.00 ? 68  ASP A O    1 
ATOM   1084 C CB   . ASP A 1 68  ? 7.690   8.756   -13.331 1.00 0.00 ? 68  ASP A CB   1 
ATOM   1085 C CG   . ASP A 1 68  ? 6.225   9.169   -13.487 1.00 0.00 ? 68  ASP A CG   1 
ATOM   1086 O OD1  . ASP A 1 68  ? 5.352   8.383   -13.125 1.00 0.00 ? 68  ASP A OD1  1 
ATOM   1087 O OD2  . ASP A 1 68  ? 5.974   10.273  -13.970 1.00 0.00 ? 68  ASP A OD2  1 
ATOM   1088 H H    . ASP A 1 68  ? 8.920   6.396   -12.086 1.00 0.00 ? 68  ASP A H    1 
ATOM   1089 H HA   . ASP A 1 68  ? 6.987   6.918   -14.252 1.00 0.00 ? 68  ASP A HA   1 
ATOM   1090 H HB2  . ASP A 1 68  ? 7.997   8.916   -12.297 1.00 0.00 ? 68  ASP A HB2  1 
ATOM   1091 H HB3  . ASP A 1 68  ? 8.309   9.392   -13.960 1.00 0.00 ? 68  ASP A HB3  1 
ATOM   1092 N N    . LYS A 1 69  ? 9.422   5.826   -14.781 1.00 0.00 ? 69  LYS A N    1 
ATOM   1093 C CA   . LYS A 1 69  ? 10.609  5.510   -15.565 1.00 0.00 ? 69  LYS A CA   1 
ATOM   1094 C C    . LYS A 1 69  ? 11.792  6.359   -15.089 1.00 0.00 ? 69  LYS A C    1 
ATOM   1095 O O    . LYS A 1 69  ? 12.702  6.693   -15.838 1.00 0.00 ? 69  LYS A O    1 
ATOM   1096 C CB   . LYS A 1 69  ? 10.326  5.742   -17.046 1.00 0.00 ? 69  LYS A CB   1 
ATOM   1097 C CG   . LYS A 1 69  ? 9.180   4.858   -17.533 1.00 0.00 ? 69  LYS A CG   1 
ATOM   1098 C CD   . LYS A 1 69  ? 9.204   3.492   -16.848 1.00 0.00 ? 69  LYS A CD   1 
ATOM   1099 C CE   . LYS A 1 69  ? 8.165   2.543   -17.444 1.00 0.00 ? 69  LYS A CE   1 
ATOM   1100 N NZ   . LYS A 1 69  ? 8.170   1.237   -16.796 1.00 0.00 ? 69  LYS A NZ   1 
ATOM   1101 H H    . LYS A 1 69  ? 8.856   5.098   -14.395 1.00 0.00 ? 69  LYS A H    1 
ATOM   1102 H HA   . LYS A 1 69  ? 10.844  4.460   -15.369 1.00 0.00 ? 69  LYS A HA   1 
ATOM   1103 H HB2  . LYS A 1 69  ? 10.081  6.789   -17.215 1.00 0.00 ? 69  LYS A HB2  1 
ATOM   1104 H HB3  . LYS A 1 69  ? 11.223  5.530   -17.626 1.00 0.00 ? 69  LYS A HB3  1 
ATOM   1105 H HG2  . LYS A 1 69  ? 8.227   5.350   -17.335 1.00 0.00 ? 69  LYS A HG2  1 
ATOM   1106 H HG3  . LYS A 1 69  ? 9.250   4.729   -18.613 1.00 0.00 ? 69  LYS A HG3  1 
ATOM   1107 H HD2  . LYS A 1 69  ? 10.197  3.054   -16.942 1.00 0.00 ? 69  LYS A HD2  1 
ATOM   1108 H HD3  . LYS A 1 69  ? 9.016   3.617   -15.780 1.00 0.00 ? 69  LYS A HD3  1 
ATOM   1109 H HE2  . LYS A 1 69  ? 7.162   2.959   -17.344 1.00 0.00 ? 69  LYS A HE2  1 
ATOM   1110 H HE3  . LYS A 1 69  ? 8.354   2.387   -18.506 1.00 0.00 ? 69  LYS A HE3  1 
ATOM   1111 H HZ1  . LYS A 1 69  ? 9.111   0.804   -16.897 1.00 0.00 ? 69  LYS A HZ1  1 
ATOM   1112 H HZ2  . LYS A 1 69  ? 7.947   1.349   -15.787 1.00 0.00 ? 69  LYS A HZ2  1 
ATOM   1113 H HZ3  . LYS A 1 69  ? 7.457   0.625   -17.244 1.00 0.00 ? 69  LYS A HZ3  1 
ATOM   1114 N N    . THR A 1 70  ? 11.698  6.673   -13.789 1.00 0.00 ? 70  THR A N    1 
ATOM   1115 C CA   . THR A 1 70  ? 12.725  7.446   -13.151 1.00 0.00 ? 70  THR A CA   1 
ATOM   1116 C C    . THR A 1 70  ? 13.443  6.558   -12.130 1.00 0.00 ? 70  THR A C    1 
ATOM   1117 O O    . THR A 1 70  ? 14.622  6.721   -11.837 1.00 0.00 ? 70  THR A O    1 
ATOM   1118 C CB   . THR A 1 70  ? 12.046  8.607   -12.444 1.00 0.00 ? 70  THR A CB   1 
ATOM   1119 O OG1  . THR A 1 70  ? 11.996  9.721   -13.300 1.00 0.00 ? 70  THR A OG1  1 
ATOM   1120 C CG2  . THR A 1 70  ? 12.754  8.975   -11.151 1.00 0.00 ? 70  THR A CG2  1 
ATOM   1121 H H    . THR A 1 70  ? 10.904  6.385   -13.260 1.00 0.00 ? 70  THR A H    1 
ATOM   1122 H HA   . THR A 1 70  ? 13.426  7.785   -13.918 1.00 0.00 ? 70  THR A HA   1 
ATOM   1123 H HB   . THR A 1 70  ? 11.019  8.325   -12.214 1.00 0.00 ? 70  THR A HB   1 
ATOM   1124 H HG1  . THR A 1 70  ? 12.890  9.926   -13.534 1.00 0.00 ? 70  THR A HG1  1 
ATOM   1125 H HG21 . THR A 1 70  ? 13.790  9.247   -11.342 1.00 0.00 ? 70  THR A HG21 1 
ATOM   1126 H HG22 . THR A 1 70  ? 12.261  9.815   -10.667 1.00 0.00 ? 70  THR A HG22 1 
ATOM   1127 H HG23 . THR A 1 70  ? 12.747  8.133   -10.460 1.00 0.00 ? 70  THR A HG23 1 
ATOM   1128 N N    . GLY A 1 71  ? 12.635  5.608   -11.614 1.00 0.00 ? 71  GLY A N    1 
ATOM   1129 C CA   . GLY A 1 71  ? 13.166  4.704   -10.623 1.00 0.00 ? 71  GLY A CA   1 
ATOM   1130 C C    . GLY A 1 71  ? 12.499  4.883   -9.251  1.00 0.00 ? 71  GLY A C    1 
ATOM   1131 O O    . GLY A 1 71  ? 12.579  4.025   -8.379  1.00 0.00 ? 71  GLY A O    1 
ATOM   1132 H H    . GLY A 1 71  ? 11.692  5.515   -11.939 1.00 0.00 ? 71  GLY A H    1 
ATOM   1133 H HA2  . GLY A 1 71  ? 13.008  3.698   -10.995 1.00 0.00 ? 71  GLY A HA2  1 
ATOM   1134 H HA3  . GLY A 1 71  ? 14.227  4.903   -10.549 1.00 0.00 ? 71  GLY A HA3  1 
ATOM   1135 N N    . LYS A 1 72  ? 11.844  6.047   -9.125  1.00 0.00 ? 72  LYS A N    1 
ATOM   1136 C CA   . LYS A 1 72  ? 11.176  6.339   -7.869  1.00 0.00 ? 72  LYS A CA   1 
ATOM   1137 C C    . LYS A 1 72  ? 9.703   5.970   -7.987  1.00 0.00 ? 72  LYS A C    1 
ATOM   1138 O O    . LYS A 1 72  ? 9.068   6.194   -9.006  1.00 0.00 ? 72  LYS A O    1 
ATOM   1139 C CB   . LYS A 1 72  ? 11.328  7.822   -7.537  1.00 0.00 ? 72  LYS A CB   1 
ATOM   1140 C CG   . LYS A 1 72  ? 12.794  8.257   -7.544  1.00 0.00 ? 72  LYS A CG   1 
ATOM   1141 C CD   . LYS A 1 72  ? 12.939  9.734   -7.177  1.00 0.00 ? 72  LYS A CD   1 
ATOM   1142 C CE   . LYS A 1 72  ? 14.318  10.275  -7.558  1.00 0.00 ? 72  LYS A CE   1 
ATOM   1143 N NZ   . LYS A 1 72  ? 14.499  11.665  -7.159  1.00 0.00 ? 72  LYS A NZ   1 
ATOM   1144 H H    . LYS A 1 72  ? 11.804  6.687   -9.889  1.00 0.00 ? 72  LYS A H    1 
ATOM   1145 H HA   . LYS A 1 72  ? 11.643  5.719   -7.101  1.00 0.00 ? 72  LYS A HA   1 
ATOM   1146 H HB2  . LYS A 1 72  ? 10.767  8.416   -8.259  1.00 0.00 ? 72  LYS A HB2  1 
ATOM   1147 H HB3  . LYS A 1 72  ? 10.891  8.023   -6.559  1.00 0.00 ? 72  LYS A HB3  1 
ATOM   1148 H HG2  . LYS A 1 72  ? 13.361  7.647   -6.841  1.00 0.00 ? 72  LYS A HG2  1 
ATOM   1149 H HG3  . LYS A 1 72  ? 13.222  8.082   -8.530  1.00 0.00 ? 72  LYS A HG3  1 
ATOM   1150 H HD2  . LYS A 1 72  ? 12.167  10.314  -7.684  1.00 0.00 ? 72  LYS A HD2  1 
ATOM   1151 H HD3  . LYS A 1 72  ? 12.777  9.863   -6.106  1.00 0.00 ? 72  LYS A HD3  1 
ATOM   1152 H HE2  . LYS A 1 72  ? 15.104  9.688   -7.082  1.00 0.00 ? 72  LYS A HE2  1 
ATOM   1153 H HE3  . LYS A 1 72  ? 14.466  10.216  -8.636  1.00 0.00 ? 72  LYS A HE3  1 
ATOM   1154 H HZ1  . LYS A 1 72  ? 13.753  12.250  -7.590  1.00 0.00 ? 72  LYS A HZ1  1 
ATOM   1155 H HZ2  . LYS A 1 72  ? 14.442  11.739  -6.123  1.00 0.00 ? 72  LYS A HZ2  1 
ATOM   1156 H HZ3  . LYS A 1 72  ? 15.431  12.000  -7.482  1.00 0.00 ? 72  LYS A HZ3  1 
ATOM   1157 N N    . LEU A 1 73  ? 9.198   5.415   -6.872  1.00 0.00 ? 73  LEU A N    1 
ATOM   1158 C CA   . LEU A 1 73  ? 7.806   5.016   -6.876  1.00 0.00 ? 73  LEU A CA   1 
ATOM   1159 C C    . LEU A 1 73  ? 6.949   6.256   -6.664  1.00 0.00 ? 73  LEU A C    1 
ATOM   1160 O O    . LEU A 1 73  ? 7.397   7.266   -6.141  1.00 0.00 ? 73  LEU A O    1 
ATOM   1161 C CB   . LEU A 1 73  ? 7.562   4.008   -5.756  1.00 0.00 ? 73  LEU A CB   1 
ATOM   1162 C CG   . LEU A 1 73  ? 8.184   2.645   -6.060  1.00 0.00 ? 73  LEU A CG   1 
ATOM   1163 C CD1  . LEU A 1 73  ? 7.970   1.693   -4.884  1.00 0.00 ? 73  LEU A CD1  1 
ATOM   1164 C CD2  . LEU A 1 73  ? 7.581   2.051   -7.335  1.00 0.00 ? 73  LEU A CD2  1 
ATOM   1165 H H    . LEU A 1 73  ? 9.758   5.303   -6.051  1.00 0.00 ? 73  LEU A H    1 
ATOM   1166 H HA   . LEU A 1 73  ? 7.586   4.582   -7.860  1.00 0.00 ? 73  LEU A HA   1 
ATOM   1167 H HB2  . LEU A 1 73  ? 7.972   4.393   -4.823  1.00 0.00 ? 73  LEU A HB2  1 
ATOM   1168 H HB3  . LEU A 1 73  ? 6.493   3.892   -5.602  1.00 0.00 ? 73  LEU A HB3  1 
ATOM   1169 H HG   . LEU A 1 73  ? 9.257   2.777   -6.207  1.00 0.00 ? 73  LEU A HG   1 
ATOM   1170 H HD11 . LEU A 1 73  ? 8.369   2.117   -3.962  1.00 0.00 ? 73  LEU A HD11 1 
ATOM   1171 H HD12 . LEU A 1 73  ? 6.908   1.497   -4.730  1.00 0.00 ? 73  LEU A HD12 1 
ATOM   1172 H HD13 . LEU A 1 73  ? 8.466   0.739   -5.058  1.00 0.00 ? 73  LEU A HD13 1 
ATOM   1173 H HD21 . LEU A 1 73  ? 6.493   2.011   -7.270  1.00 0.00 ? 73  LEU A HD21 1 
ATOM   1174 H HD22 . LEU A 1 73  ? 7.844   2.649   -8.207  1.00 0.00 ? 73  LEU A HD22 1 
ATOM   1175 H HD23 . LEU A 1 73  ? 7.945   1.037   -7.503  1.00 0.00 ? 73  LEU A HD23 1 
ATOM   1176 N N    . SER A 1 74  ? 5.694   6.115   -7.110  1.00 0.00 ? 74  SER A N    1 
ATOM   1177 C CA   . SER A 1 74  ? 4.793   7.239   -6.964  1.00 0.00 ? 74  SER A CA   1 
ATOM   1178 C C    . SER A 1 74  ? 3.366   6.820   -7.301  1.00 0.00 ? 74  SER A C    1 
ATOM   1179 O O    . SER A 1 74  ? 3.046   5.648   -7.459  1.00 0.00 ? 74  SER A O    1 
ATOM   1180 C CB   . SER A 1 74  ? 5.245   8.360   -7.896  1.00 0.00 ? 74  SER A CB   1 
ATOM   1181 O OG   . SER A 1 74  ? 5.341   7.896   -9.219  1.00 0.00 ? 74  SER A OG   1 
ATOM   1182 H H    . SER A 1 74  ? 5.395   5.263   -7.541  1.00 0.00 ? 74  SER A H    1 
ATOM   1183 H HA   . SER A 1 74  ? 4.836   7.560   -5.919  1.00 0.00 ? 74  SER A HA   1 
ATOM   1184 H HB2  . SER A 1 74  ? 4.538   9.187   -7.878  1.00 0.00 ? 74  SER A HB2  1 
ATOM   1185 H HB3  . SER A 1 74  ? 6.221   8.743   -7.599  1.00 0.00 ? 74  SER A HB3  1 
ATOM   1186 H HG   . SER A 1 74  ? 5.617   8.634   -9.747  1.00 0.00 ? 74  SER A HG   1 
ATOM   1187 N N    . ILE A 1 75  ? 2.542   7.874   -7.397  1.00 0.00 ? 75  ILE A N    1 
ATOM   1188 C CA   . ILE A 1 75  ? 1.144   7.659   -7.714  1.00 0.00 ? 75  ILE A CA   1 
ATOM   1189 C C    . ILE A 1 75  ? 0.674   8.812   -8.603  1.00 0.00 ? 75  ILE A C    1 
ATOM   1190 O O    . ILE A 1 75  ? 1.061   9.959   -8.421  1.00 0.00 ? 75  ILE A O    1 
ATOM   1191 C CB   . ILE A 1 75  ? 0.338   7.625   -6.416  1.00 0.00 ? 75  ILE A CB   1 
ATOM   1192 C CG1  . ILE A 1 75  ? 0.718   6.406   -5.576  1.00 0.00 ? 75  ILE A CG1  1 
ATOM   1193 C CG2  . ILE A 1 75  ? -1.165  7.616   -6.699  1.00 0.00 ? 75  ILE A CG2  1 
ATOM   1194 C CD1  . ILE A 1 75  ? -0.179  6.282   -4.342  1.00 0.00 ? 75  ILE A CD1  1 
ATOM   1195 H H    . ILE A 1 75  ? 2.891   8.800   -7.252  1.00 0.00 ? 75  ILE A H    1 
ATOM   1196 H HA   . ILE A 1 75  ? 1.068   6.715   -8.258  1.00 0.00 ? 75  ILE A HA   1 
ATOM   1197 H HB   . ILE A 1 75  ? 0.577   8.523   -5.848  1.00 0.00 ? 75  ILE A HB   1 
ATOM   1198 H HG12 . ILE A 1 75  ? 0.637   5.503   -6.181  1.00 0.00 ? 75  ILE A HG12 1 
ATOM   1199 H HG13 . ILE A 1 75  ? 1.760   6.484   -5.266  1.00 0.00 ? 75  ILE A HG13 1 
ATOM   1200 H HG21 . ILE A 1 75  ? -1.403  8.237   -7.562  1.00 0.00 ? 75  ILE A HG21 1 
ATOM   1201 H HG22 . ILE A 1 75  ? -1.516  6.606   -6.903  1.00 0.00 ? 75  ILE A HG22 1 
ATOM   1202 H HG23 . ILE A 1 75  ? -1.726  7.998   -5.847  1.00 0.00 ? 75  ILE A HG23 1 
ATOM   1203 H HD11 . ILE A 1 75  ? -0.172  7.204   -3.762  1.00 0.00 ? 75  ILE A HD11 1 
ATOM   1204 H HD12 . ILE A 1 75  ? -1.209  6.073   -4.631  1.00 0.00 ? 75  ILE A HD12 1 
ATOM   1205 H HD13 . ILE A 1 75  ? 0.159   5.474   -3.694  1.00 0.00 ? 75  ILE A HD13 1 
ATOM   1206 N N    . PRO A 1 76  ? -0.183  8.447   -9.581  1.00 0.00 ? 76  PRO A N    1 
ATOM   1207 C CA   . PRO A 1 76  ? -0.736  9.407   -10.514 1.00 0.00 ? 76  PRO A CA   1 
ATOM   1208 C C    . PRO A 1 76  ? -1.347  10.602  -9.785  1.00 0.00 ? 76  PRO A C    1 
ATOM   1209 O O    . PRO A 1 76  ? -0.861  11.725  -9.856  1.00 0.00 ? 76  PRO A O    1 
ATOM   1210 C CB   . PRO A 1 76  ? -1.809  8.646   -11.298 1.00 0.00 ? 76  PRO A CB   1 
ATOM   1211 C CG   . PRO A 1 76  ? -1.725  7.173   -10.865 1.00 0.00 ? 76  PRO A CG   1 
ATOM   1212 C CD   . PRO A 1 76  ? -0.660  7.089   -9.767  1.00 0.00 ? 76  PRO A CD   1 
ATOM   1213 H HA   . PRO A 1 76  ? 0.049   9.761   -11.179 1.00 0.00 ? 76  PRO A HA   1 
ATOM   1214 H HB2  . PRO A 1 76  ? -2.798  9.051   -11.084 1.00 0.00 ? 76  PRO A HB2  1 
ATOM   1215 H HB3  . PRO A 1 76  ? -1.639  8.741   -12.370 1.00 0.00 ? 76  PRO A HB3  1 
ATOM   1216 H HG2  . PRO A 1 76  ? -2.689  6.827   -10.491 1.00 0.00 ? 76  PRO A HG2  1 
ATOM   1217 H HG3  . PRO A 1 76  ? -1.452  6.540   -11.710 1.00 0.00 ? 76  PRO A HG3  1 
ATOM   1218 H HD2  . PRO A 1 76  ? -1.081  6.708   -8.838  1.00 0.00 ? 76  PRO A HD2  1 
ATOM   1219 H HD3  . PRO A 1 76  ? 0.164   6.441   -10.062 1.00 0.00 ? 76  PRO A HD3  1 
ATOM   1220 N N    . GLU A 1 77  ? -2.442  10.275  -9.085  1.00 0.00 ? 77  GLU A N    1 
ATOM   1221 C CA   . GLU A 1 77  ? -3.122  11.312  -8.327  1.00 0.00 ? 77  GLU A CA   1 
ATOM   1222 C C    . GLU A 1 77  ? -2.415  11.532  -6.981  1.00 0.00 ? 77  GLU A C    1 
ATOM   1223 O O    . GLU A 1 77  ? -2.353  12.640  -6.462  1.00 0.00 ? 77  GLU A O    1 
ATOM   1224 C CB   . GLU A 1 77  ? -4.573  10.897  -8.105  1.00 0.00 ? 77  GLU A CB   1 
ATOM   1225 C CG   . GLU A 1 77  ? -5.232  10.450  -9.410  1.00 0.00 ? 77  GLU A CG   1 
ATOM   1226 C CD   . GLU A 1 77  ? -5.329  11.636  -10.373 1.00 0.00 ? 77  GLU A CD   1 
ATOM   1227 O OE1  . GLU A 1 77  ? -5.806  12.691  -9.958  1.00 0.00 ? 77  GLU A OE1  1 
ATOM   1228 O OE2  . GLU A 1 77  ? -4.927  11.489  -11.526 1.00 0.00 ? 77  GLU A OE2  1 
ATOM   1229 H H    . GLU A 1 77  ? -2.786  9.337   -9.092  1.00 0.00 ? 77  GLU A H    1 
ATOM   1230 H HA   . GLU A 1 77  ? -3.068  12.232  -8.914  1.00 0.00 ? 77  GLU A HA   1 
ATOM   1231 H HB2  . GLU A 1 77  ? -4.614  10.084  -7.379  1.00 0.00 ? 77  GLU A HB2  1 
ATOM   1232 H HB3  . GLU A 1 77  ? -5.132  11.729  -7.677  1.00 0.00 ? 77  GLU A HB3  1 
ATOM   1233 H HG2  . GLU A 1 77  ? -4.652  9.658   -9.882  1.00 0.00 ? 77  GLU A HG2  1 
ATOM   1234 H HG3  . GLU A 1 77  ? -6.232  10.063  -9.222  1.00 0.00 ? 77  GLU A HG3  1 
ATOM   1235 N N    . GLY A 1 78  ? -1.890  10.405  -6.458  1.00 0.00 ? 78  GLY A N    1 
ATOM   1236 C CA   . GLY A 1 78  ? -1.203  10.479  -5.180  1.00 0.00 ? 78  GLY A CA   1 
ATOM   1237 C C    . GLY A 1 78  ? -0.060  11.498  -5.216  1.00 0.00 ? 78  GLY A C    1 
ATOM   1238 O O    . GLY A 1 78  ? -0.255  12.681  -5.468  1.00 0.00 ? 78  GLY A O    1 
ATOM   1239 H H    . GLY A 1 78  ? -1.978  9.534   -6.939  1.00 0.00 ? 78  GLY A H    1 
ATOM   1240 H HA2  . GLY A 1 78  ? -1.941  10.751  -4.426  1.00 0.00 ? 78  GLY A HA2  1 
ATOM   1241 H HA3  . GLY A 1 78  ? -0.820  9.488   -4.953  1.00 0.00 ? 78  GLY A HA3  1 
ATOM   1242 N N    . LYS A 1 79  ? 1.143   10.952  -4.947  1.00 0.00 ? 79  LYS A N    1 
ATOM   1243 C CA   . LYS A 1 79  ? 2.313   11.811  -4.939  1.00 0.00 ? 79  LYS A CA   1 
ATOM   1244 C C    . LYS A 1 79  ? 3.476   11.121  -5.655  1.00 0.00 ? 79  LYS A C    1 
ATOM   1245 O O    . LYS A 1 79  ? 3.320   10.463  -6.675  1.00 0.00 ? 79  LYS A O    1 
ATOM   1246 C CB   . LYS A 1 79  ? 2.685   12.118  -3.489  1.00 0.00 ? 79  LYS A CB   1 
ATOM   1247 C CG   . LYS A 1 79  ? 3.403   13.459  -3.356  1.00 0.00 ? 79  LYS A CG   1 
ATOM   1248 C CD   . LYS A 1 79  ? 2.413   14.587  -3.066  1.00 0.00 ? 79  LYS A CD   1 
ATOM   1249 C CE   . LYS A 1 79  ? 3.128   15.872  -2.644  1.00 0.00 ? 79  LYS A CE   1 
ATOM   1250 N NZ   . LYS A 1 79  ? 2.196   16.948  -2.333  1.00 0.00 ? 79  LYS A NZ   1 
ATOM   1251 H H    . LYS A 1 79  ? 1.228   9.976   -4.746  1.00 0.00 ? 79  LYS A H    1 
ATOM   1252 H HA   . LYS A 1 79  ? 2.057   12.726  -5.473  1.00 0.00 ? 79  LYS A HA   1 
ATOM   1253 H HB2  . LYS A 1 79  ? 1.796   12.124  -2.880  1.00 0.00 ? 79  LYS A HB2  1 
ATOM   1254 H HB3  . LYS A 1 79  ? 3.315   11.319  -3.103  1.00 0.00 ? 79  LYS A HB3  1 
ATOM   1255 H HG2  . LYS A 1 79  ? 4.137   13.401  -2.553  1.00 0.00 ? 79  LYS A HG2  1 
ATOM   1256 H HG3  . LYS A 1 79  ? 3.953   13.676  -4.271  1.00 0.00 ? 79  LYS A HG3  1 
ATOM   1257 H HD2  . LYS A 1 79  ? 1.808   14.779  -3.951  1.00 0.00 ? 79  LYS A HD2  1 
ATOM   1258 H HD3  . LYS A 1 79  ? 1.727   14.275  -2.277  1.00 0.00 ? 79  LYS A HD3  1 
ATOM   1259 H HE2  . LYS A 1 79  ? 3.740   15.695  -1.758  1.00 0.00 ? 79  LYS A HE2  1 
ATOM   1260 H HE3  . LYS A 1 79  ? 3.788   16.222  -3.437  1.00 0.00 ? 79  LYS A HE3  1 
ATOM   1261 H HZ1  . LYS A 1 79  ? 1.619   17.160  -3.171  1.00 0.00 ? 79  LYS A HZ1  1 
ATOM   1262 H HZ2  . LYS A 1 79  ? 1.577   16.655  -1.550  1.00 0.00 ? 79  LYS A HZ2  1 
ATOM   1263 H HZ3  . LYS A 1 79  ? 2.728   17.797  -2.054  1.00 0.00 ? 79  LYS A HZ3  1 
ATOM   1264 N N    . LYS A 1 80  ? 4.644   11.330  -5.031  1.00 0.00 ? 80  LYS A N    1 
ATOM   1265 C CA   . LYS A 1 80  ? 5.868   10.746  -5.567  1.00 0.00 ? 80  LYS A CA   1 
ATOM   1266 C C    . LYS A 1 80  ? 6.840   10.485  -4.414  1.00 0.00 ? 80  LYS A C    1 
ATOM   1267 O O    . LYS A 1 80  ? 7.145   11.367  -3.621  1.00 0.00 ? 80  LYS A O    1 
ATOM   1268 C CB   . LYS A 1 80  ? 6.490   11.698  -6.587  1.00 0.00 ? 80  LYS A CB   1 
ATOM   1269 C CG   . LYS A 1 80  ? 5.781   11.618  -7.939  1.00 0.00 ? 80  LYS A CG   1 
ATOM   1270 C CD   . LYS A 1 80  ? 6.390   12.586  -8.953  1.00 0.00 ? 80  LYS A CD   1 
ATOM   1271 C CE   . LYS A 1 80  ? 5.722   12.458  -10.322 1.00 0.00 ? 80  LYS A CE   1 
ATOM   1272 N NZ   . LYS A 1 80  ? 6.356   13.298  -11.331 1.00 0.00 ? 80  LYS A NZ   1 
ATOM   1273 H H    . LYS A 1 80  ? 4.657   11.881  -4.193  1.00 0.00 ? 80  LYS A H    1 
ATOM   1274 H HA   . LYS A 1 80  ? 5.599   9.795   -6.033  1.00 0.00 ? 80  LYS A HA   1 
ATOM   1275 H HB2  . LYS A 1 80  ? 6.446   12.719  -6.210  1.00 0.00 ? 80  LYS A HB2  1 
ATOM   1276 H HB3  . LYS A 1 80  ? 7.545   11.455  -6.716  1.00 0.00 ? 80  LYS A HB3  1 
ATOM   1277 H HG2  . LYS A 1 80  ? 5.845   10.601  -8.326  1.00 0.00 ? 80  LYS A HG2  1 
ATOM   1278 H HG3  . LYS A 1 80  ? 4.721   11.840  -7.812  1.00 0.00 ? 80  LYS A HG3  1 
ATOM   1279 H HD2  . LYS A 1 80  ? 6.287   13.610  -8.590  1.00 0.00 ? 80  LYS A HD2  1 
ATOM   1280 H HD3  . LYS A 1 80  ? 7.458   12.393  -9.048  1.00 0.00 ? 80  LYS A HD3  1 
ATOM   1281 H HE2  . LYS A 1 80  ? 5.765   11.428  -10.674 1.00 0.00 ? 80  LYS A HE2  1 
ATOM   1282 H HE3  . LYS A 1 80  ? 4.671   12.745  -10.265 1.00 0.00 ? 80  LYS A HE3  1 
ATOM   1283 H HZ1  . LYS A 1 80  ? 6.308   14.294  -11.035 1.00 0.00 ? 80  LYS A HZ1  1 
ATOM   1284 H HZ2  . LYS A 1 80  ? 7.351   13.018  -11.440 1.00 0.00 ? 80  LYS A HZ2  1 
ATOM   1285 H HZ3  . LYS A 1 80  ? 5.862   13.184  -12.239 1.00 0.00 ? 80  LYS A HZ3  1 
ATOM   1286 N N    . PHE A 1 81  ? 7.302   9.218   -4.373  1.00 0.00 ? 81  PHE A N    1 
ATOM   1287 C CA   . PHE A 1 81  ? 8.211   8.853   -3.311  1.00 0.00 ? 81  PHE A CA   1 
ATOM   1288 C C    . PHE A 1 81  ? 9.345   7.967   -3.832  1.00 0.00 ? 81  PHE A C    1 
ATOM   1289 O O    . PHE A 1 81  ? 9.376   7.540   -4.983  1.00 0.00 ? 81  PHE A O    1 
ATOM   1290 C CB   . PHE A 1 81  ? 7.418   8.100   -2.265  1.00 0.00 ? 81  PHE A CB   1 
ATOM   1291 C CG   . PHE A 1 81  ? 6.509   9.022   -1.510  1.00 0.00 ? 81  PHE A CG   1 
ATOM   1292 C CD1  . PHE A 1 81  ? 6.999   9.763   -0.408  1.00 0.00 ? 81  PHE A CD1  1 
ATOM   1293 C CD2  . PHE A 1 81  ? 5.152   9.164   -1.894  1.00 0.00 ? 81  PHE A CD2  1 
ATOM   1294 C CE1  . PHE A 1 81  ? 6.143   10.634  0.304   1.00 0.00 ? 81  PHE A CE1  1 
ATOM   1295 C CE2  . PHE A 1 81  ? 4.297   10.035  -1.180  1.00 0.00 ? 81  PHE A CE2  1 
ATOM   1296 C CZ   . PHE A 1 81  ? 4.793   10.770  -0.081  1.00 0.00 ? 81  PHE A CZ   1 
ATOM   1297 H H    . PHE A 1 81  ? 7.007   8.540   -5.034  1.00 0.00 ? 81  PHE A H    1 
ATOM   1298 H HA   . PHE A 1 81  ? 8.629   9.776   -2.900  1.00 0.00 ? 81  PHE A HA   1 
ATOM   1299 H HB2  . PHE A 1 81  ? 6.824   7.323   -2.739  1.00 0.00 ? 81  PHE A HB2  1 
ATOM   1300 H HB3  . PHE A 1 81  ? 8.089   7.615   -1.575  1.00 0.00 ? 81  PHE A HB3  1 
ATOM   1301 H HD1  . PHE A 1 81  ? 8.031   9.662   -0.110  1.00 0.00 ? 81  PHE A HD1  1 
ATOM   1302 H HD2  . PHE A 1 81  ? 4.768   8.602   -2.734  1.00 0.00 ? 81  PHE A HD2  1 
ATOM   1303 H HE1  . PHE A 1 81  ? 6.525   11.198  1.142   1.00 0.00 ? 81  PHE A HE1  1 
ATOM   1304 H HE2  . PHE A 1 81  ? 3.264   10.138  -1.476  1.00 0.00 ? 81  PHE A HE2  1 
ATOM   1305 H HZ   . PHE A 1 81  ? 4.140   11.435  0.462   1.00 0.00 ? 81  PHE A HZ   1 
ATOM   1306 N N    . ASP A 1 82  ? 10.264  7.709   -2.881  1.00 0.00 ? 82  ASP A N    1 
ATOM   1307 C CA   . ASP A 1 82  ? 11.405  6.877   -3.213  1.00 0.00 ? 82  ASP A CA   1 
ATOM   1308 C C    . ASP A 1 82  ? 10.973  5.414   -3.256  1.00 0.00 ? 82  ASP A C    1 
ATOM   1309 O O    . ASP A 1 82  ? 11.206  4.701   -4.225  1.00 0.00 ? 82  ASP A O    1 
ATOM   1310 C CB   . ASP A 1 82  ? 12.504  7.077   -2.173  1.00 0.00 ? 82  ASP A CB   1 
ATOM   1311 C CG   . ASP A 1 82  ? 13.653  6.102   -2.436  1.00 0.00 ? 82  ASP A CG   1 
ATOM   1312 O OD1  . ASP A 1 82  ? 14.025  5.933   -3.596  1.00 0.00 ? 82  ASP A OD1  1 
ATOM   1313 O OD2  . ASP A 1 82  ? 14.161  5.520   -1.478  1.00 0.00 ? 82  ASP A OD2  1 
ATOM   1314 H H    . ASP A 1 82  ? 10.160  8.085   -1.960  1.00 0.00 ? 82  ASP A H    1 
ATOM   1315 H HA   . ASP A 1 82  ? 11.751  7.177   -4.207  1.00 0.00 ? 82  ASP A HA   1 
ATOM   1316 H HB2  . ASP A 1 82  ? 12.888  8.096   -2.209  1.00 0.00 ? 82  ASP A HB2  1 
ATOM   1317 H HB3  . ASP A 1 82  ? 12.117  6.904   -1.168  1.00 0.00 ? 82  ASP A HB3  1 
ATOM   1318 N N    . THR A 1 83  ? 10.328  5.014   -2.142  1.00 0.00 ? 83  THR A N    1 
ATOM   1319 C CA   . THR A 1 83  ? 9.872   3.648   -2.069  1.00 0.00 ? 83  THR A CA   1 
ATOM   1320 C C    . THR A 1 83  ? 8.551   3.626   -1.321  1.00 0.00 ? 83  THR A C    1 
ATOM   1321 O O    . THR A 1 83  ? 8.090   4.629   -0.789  1.00 0.00 ? 83  THR A O    1 
ATOM   1322 C CB   . THR A 1 83  ? 10.916  2.796   -1.349  1.00 0.00 ? 83  THR A CB   1 
ATOM   1323 O OG1  . THR A 1 83  ? 11.104  3.291   -0.046  1.00 0.00 ? 83  THR A OG1  1 
ATOM   1324 C CG2  . THR A 1 83  ? 12.252  2.786   -2.092  1.00 0.00 ? 83  THR A CG2  1 
ATOM   1325 H H    . THR A 1 83  ? 10.153  5.644   -1.383  1.00 0.00 ? 83  THR A H    1 
ATOM   1326 H HA   . THR A 1 83  ? 9.716   3.299   -3.093  1.00 0.00 ? 83  THR A HA   1 
ATOM   1327 H HB   . THR A 1 83  ? 10.549  1.776   -1.253  1.00 0.00 ? 83  THR A HB   1 
ATOM   1328 H HG1  . THR A 1 83  ? 11.857  3.867   -0.079  1.00 0.00 ? 83  THR A HG1  1 
ATOM   1329 H HG21 . THR A 1 83  ? 12.125  2.432   -3.115  1.00 0.00 ? 83  THR A HG21 1 
ATOM   1330 H HG22 . THR A 1 83  ? 12.681  3.786   -2.133  1.00 0.00 ? 83  THR A HG22 1 
ATOM   1331 H HG23 . THR A 1 83  ? 12.968  2.131   -1.594  1.00 0.00 ? 83  THR A HG23 1 
ATOM   1332 N N    . LEU A 1 84  ? 7.976   2.421   -1.314  1.00 0.00 ? 84  LEU A N    1 
ATOM   1333 C CA   . LEU A 1 84  ? 6.728   2.247   -0.645  1.00 0.00 ? 84  LEU A CA   1 
ATOM   1334 C C    . LEU A 1 84  ? 6.839   2.502   0.856   1.00 0.00 ? 84  LEU A C    1 
ATOM   1335 O O    . LEU A 1 84  ? 5.861   2.467   1.583   1.00 0.00 ? 84  LEU A O    1 
ATOM   1336 C CB   . LEU A 1 84  ? 6.339   0.811   -0.883  1.00 0.00 ? 84  LEU A CB   1 
ATOM   1337 C CG   . LEU A 1 84  ? 5.282   0.659   -1.966  1.00 0.00 ? 84  LEU A CG   1 
ATOM   1338 C CD1  . LEU A 1 84  ? 4.791   -0.783  -2.000  1.00 0.00 ? 84  LEU A CD1  1 
ATOM   1339 C CD2  . LEU A 1 84  ? 4.124   1.625   -1.725  1.00 0.00 ? 84  LEU A CD2  1 
ATOM   1340 H H    . LEU A 1 84  ? 8.393   1.638   -1.766  1.00 0.00 ? 84  LEU A H    1 
ATOM   1341 H HA   . LEU A 1 84  ? 6.022   2.956   -1.070  1.00 0.00 ? 84  LEU A HA   1 
ATOM   1342 H HB2  . LEU A 1 84  ? 7.221   0.236   -1.166  1.00 0.00 ? 84  LEU A HB2  1 
ATOM   1343 H HB3  . LEU A 1 84  ? 5.999   0.395   0.043   1.00 0.00 ? 84  LEU A HB3  1 
ATOM   1344 H HG   . LEU A 1 84  ? 5.738   0.891   -2.929  1.00 0.00 ? 84  LEU A HG   1 
ATOM   1345 H HD11 . LEU A 1 84  ? 4.529   -1.126  -0.999  1.00 0.00 ? 84  LEU A HD11 1 
ATOM   1346 H HD12 . LEU A 1 84  ? 3.914   -0.882  -2.634  1.00 0.00 ? 84  LEU A HD12 1 
ATOM   1347 H HD13 . LEU A 1 84  ? 5.567   -1.444  -2.388  1.00 0.00 ? 84  LEU A HD13 1 
ATOM   1348 H HD21 . LEU A 1 84  ? 3.885   1.688   -0.665  1.00 0.00 ? 84  LEU A HD21 1 
ATOM   1349 H HD22 . LEU A 1 84  ? 4.375   2.627   -2.075  1.00 0.00 ? 84  LEU A HD22 1 
ATOM   1350 H HD23 . LEU A 1 84  ? 3.232   1.299   -2.256  1.00 0.00 ? 84  LEU A HD23 1 
ATOM   1351 N N    . TRP A 1 85  ? 8.078   2.758   1.256   1.00 0.00 ? 85  TRP A N    1 
ATOM   1352 C CA   . TRP A 1 85  ? 8.322   3.016   2.662   1.00 0.00 ? 85  TRP A CA   1 
ATOM   1353 C C    . TRP A 1 85  ? 8.103   4.482   2.958   1.00 0.00 ? 85  TRP A C    1 
ATOM   1354 O O    . TRP A 1 85  ? 7.730   4.880   4.054   1.00 0.00 ? 85  TRP A O    1 
ATOM   1355 C CB   . TRP A 1 85  ? 9.765   2.658   2.975   1.00 0.00 ? 85  TRP A CB   1 
ATOM   1356 C CG   . TRP A 1 85  ? 9.808   1.570   4.018   1.00 0.00 ? 85  TRP A CG   1 
ATOM   1357 C CD1  . TRP A 1 85  ? 9.447   1.722   5.355   1.00 0.00 ? 85  TRP A CD1  1 
ATOM   1358 C CD2  . TRP A 1 85  ? 10.212  0.213   3.836   1.00 0.00 ? 85  TRP A CD2  1 
ATOM   1359 N NE1  . TRP A 1 85  ? 9.608   0.530   6.005   1.00 0.00 ? 85  TRP A NE1  1 
ATOM   1360 C CE2  . TRP A 1 85  ? 10.079  -0.432  5.105   1.00 0.00 ? 85  TRP A CE2  1 
ATOM   1361 C CE3  . TRP A 1 85  ? 10.664  -0.495  2.730   1.00 0.00 ? 85  TRP A CE3  1 
ATOM   1362 C CZ2  . TRP A 1 85  ? 10.402  -1.776  5.248   1.00 0.00 ? 85  TRP A CZ2  1 
ATOM   1363 C CZ3  . TRP A 1 85  ? 10.997  -1.867  2.865   1.00 0.00 ? 85  TRP A CZ3  1 
ATOM   1364 C CH2  . TRP A 1 85  ? 10.865  -2.507  4.126   1.00 0.00 ? 85  TRP A CH2  1 
ATOM   1365 H H    . TRP A 1 85  ? 8.816   2.809   0.585   1.00 0.00 ? 85  TRP A H    1 
ATOM   1366 H HA   . TRP A 1 85  ? 7.608   2.423   3.242   1.00 0.00 ? 85  TRP A HA   1 
ATOM   1367 H HB2  . TRP A 1 85  ? 10.268  2.334   2.068   1.00 0.00 ? 85  TRP A HB2  1 
ATOM   1368 H HB3  . TRP A 1 85  ? 10.298  3.532   3.350   1.00 0.00 ? 85  TRP A HB3  1 
ATOM   1369 H HD1  . TRP A 1 85  ? 9.094   2.641   5.803   1.00 0.00 ? 85  TRP A HD1  1 
ATOM   1370 H HE1  . TRP A 1 85  ? 9.422   0.375   6.954   1.00 0.00 ? 85  TRP A HE1  1 
ATOM   1371 H HE3  . TRP A 1 85  ? 10.763  -0.004  1.773   1.00 0.00 ? 85  TRP A HE3  1 
ATOM   1372 H HZ2  . TRP A 1 85  ? 10.300  -2.259  6.209   1.00 0.00 ? 85  TRP A HZ2  1 
ATOM   1373 H HZ3  . TRP A 1 85  ? 11.349  -2.424  2.010   1.00 0.00 ? 85  TRP A HZ3  1 
ATOM   1374 H HH2  . TRP A 1 85  ? 11.118  -3.552  4.229   1.00 0.00 ? 85  TRP A HH2  1 
ATOM   1375 N N    . GLN A 1 86  ? 8.363   5.251   1.903   1.00 0.00 ? 86  GLN A N    1 
ATOM   1376 C CA   . GLN A 1 86  ? 8.208   6.674   2.061   1.00 0.00 ? 86  GLN A CA   1 
ATOM   1377 C C    . GLN A 1 86  ? 6.795   7.065   1.712   1.00 0.00 ? 86  GLN A C    1 
ATOM   1378 O O    . GLN A 1 86  ? 6.166   7.856   2.387   1.00 0.00 ? 86  GLN A O    1 
ATOM   1379 C CB   . GLN A 1 86  ? 9.222   7.415   1.192   1.00 0.00 ? 86  GLN A CB   1 
ATOM   1380 C CG   . GLN A 1 86  ? 10.654  6.982   1.506   1.00 0.00 ? 86  GLN A CG   1 
ATOM   1381 C CD   . GLN A 1 86  ? 10.940  7.173   2.997   1.00 0.00 ? 86  GLN A CD   1 
ATOM   1382 O OE1  . GLN A 1 86  ? 10.300  7.961   3.683   1.00 0.00 ? 86  GLN A OE1  1 
ATOM   1383 N NE2  . GLN A 1 86  ? 11.943  6.396   3.443   1.00 0.00 ? 86  GLN A NE2  1 
ATOM   1384 H H    . GLN A 1 86  ? 8.621   4.833   1.020   1.00 0.00 ? 86  GLN A H    1 
ATOM   1385 H HA   . GLN A 1 86  ? 8.356   6.888   3.117   1.00 0.00 ? 86  GLN A HA   1 
ATOM   1386 H HB2  . GLN A 1 86  ? 9.007   7.229   0.141   1.00 0.00 ? 86  GLN A HB2  1 
ATOM   1387 H HB3  . GLN A 1 86  ? 9.123   8.489   1.349   1.00 0.00 ? 86  GLN A HB3  1 
ATOM   1388 H HG2  . GLN A 1 86  ? 10.802  5.933   1.250   1.00 0.00 ? 86  GLN A HG2  1 
ATOM   1389 H HG3  . GLN A 1 86  ? 11.369  7.569   0.931   1.00 0.00 ? 86  GLN A HG3  1 
ATOM   1390 H HE21 . GLN A 1 86  ? 12.421  5.774   2.824   1.00 0.00 ? 86  GLN A HE21 1 
ATOM   1391 H HE22 . GLN A 1 86  ? 12.227  6.429   4.401   1.00 0.00 ? 86  GLN A HE22 1 
ATOM   1392 N N    . LEU A 1 87  ? 6.320   6.461   0.629   1.00 0.00 ? 87  LEU A N    1 
ATOM   1393 C CA   . LEU A 1 87  ? 4.962   6.785   0.261   1.00 0.00 ? 87  LEU A CA   1 
ATOM   1394 C C    . LEU A 1 87  ? 3.998   6.285   1.334   1.00 0.00 ? 87  LEU A C    1 
ATOM   1395 O O    . LEU A 1 87  ? 2.922   6.830   1.517   1.00 0.00 ? 87  LEU A O    1 
ATOM   1396 C CB   . LEU A 1 87  ? 4.627   6.179   -1.097  1.00 0.00 ? 87  LEU A CB   1 
ATOM   1397 C CG   . LEU A 1 87  ? 3.153   6.370   -1.448  1.00 0.00 ? 87  LEU A CG   1 
ATOM   1398 C CD1  . LEU A 1 87  ? 2.932   6.161   -2.944  1.00 0.00 ? 87  LEU A CD1  1 
ATOM   1399 C CD2  . LEU A 1 87  ? 2.287   5.403   -0.640  1.00 0.00 ? 87  LEU A CD2  1 
ATOM   1400 H H    . LEU A 1 87  ? 6.879   5.810   0.101   1.00 0.00 ? 87  LEU A H    1 
ATOM   1401 H HA   . LEU A 1 87  ? 4.896   7.876   0.241   1.00 0.00 ? 87  LEU A HA   1 
ATOM   1402 H HB2  . LEU A 1 87  ? 5.245   6.639   -1.863  1.00 0.00 ? 87  LEU A HB2  1 
ATOM   1403 H HB3  . LEU A 1 87  ? 4.868   5.116   -1.093  1.00 0.00 ? 87  LEU A HB3  1 
ATOM   1404 H HG   . LEU A 1 87  ? 2.867   7.392   -1.196  1.00 0.00 ? 87  LEU A HG   1 
ATOM   1405 H HD11 . LEU A 1 87  ? 3.550   6.843   -3.528  1.00 0.00 ? 87  LEU A HD11 1 
ATOM   1406 H HD12 . LEU A 1 87  ? 3.186   5.142   -3.236  1.00 0.00 ? 87  LEU A HD12 1 
ATOM   1407 H HD13 . LEU A 1 87  ? 1.890   6.337   -3.211  1.00 0.00 ? 87  LEU A HD13 1 
ATOM   1408 H HD21 . LEU A 1 87  ? 2.907   4.708   -0.072  1.00 0.00 ? 87  LEU A HD21 1 
ATOM   1409 H HD22 . LEU A 1 87  ? 1.653   5.942   0.063   1.00 0.00 ? 87  LEU A HD22 1 
ATOM   1410 H HD23 . LEU A 1 87  ? 1.643   4.820   -1.295  1.00 0.00 ? 87  LEU A HD23 1 
ATOM   1411 N N    . VAL A 1 88  ? 4.452   5.233   2.044   1.00 0.00 ? 88  VAL A N    1 
ATOM   1412 C CA   . VAL A 1 88  ? 3.612   4.698   3.068   1.00 0.00 ? 88  VAL A CA   1 
ATOM   1413 C C    . VAL A 1 88  ? 3.737   5.526   4.325   1.00 0.00 ? 88  VAL A C    1 
ATOM   1414 O O    . VAL A 1 88  ? 2.757   5.927   4.918   1.00 0.00 ? 88  VAL A O    1 
ATOM   1415 C CB   . VAL A 1 88  ? 4.035   3.283   3.379   1.00 0.00 ? 88  VAL A CB   1 
ATOM   1416 C CG1  . VAL A 1 88  ? 3.553   2.923   4.770   1.00 0.00 ? 88  VAL A CG1  1 
ATOM   1417 C CG2  . VAL A 1 88  ? 3.480   2.314   2.340   1.00 0.00 ? 88  VAL A CG2  1 
ATOM   1418 H H    . VAL A 1 88  ? 5.346   4.838   1.878   1.00 0.00 ? 88  VAL A H    1 
ATOM   1419 H HA   . VAL A 1 88  ? 2.583   4.736   2.711   1.00 0.00 ? 88  VAL A HA   1 
ATOM   1420 H HB   . VAL A 1 88  ? 5.123   3.235   3.372   1.00 0.00 ? 88  VAL A HB   1 
ATOM   1421 H HG11 . VAL A 1 88  ? 2.494   3.157   4.878   1.00 0.00 ? 88  VAL A HG11 1 
ATOM   1422 H HG12 . VAL A 1 88  ? 3.698   1.870   4.971   1.00 0.00 ? 88  VAL A HG12 1 
ATOM   1423 H HG13 . VAL A 1 88  ? 4.101   3.497   5.520   1.00 0.00 ? 88  VAL A HG13 1 
ATOM   1424 H HG21 . VAL A 1 88  ? 3.734   2.642   1.332   1.00 0.00 ? 88  VAL A HG21 1 
ATOM   1425 H HG22 . VAL A 1 88  ? 3.888   1.316   2.485   1.00 0.00 ? 88  VAL A HG22 1 
ATOM   1426 H HG23 . VAL A 1 88  ? 2.395   2.251   2.410   1.00 0.00 ? 88  VAL A HG23 1 
ATOM   1427 N N    . GLU A 1 89  ? 5.007   5.720   4.714   1.00 0.00 ? 89  GLU A N    1 
ATOM   1428 C CA   . GLU A 1 89  ? 5.210   6.465   5.937   1.00 0.00 ? 89  GLU A CA   1 
ATOM   1429 C C    . GLU A 1 89  ? 4.648   7.861   5.792   1.00 0.00 ? 89  GLU A C    1 
ATOM   1430 O O    . GLU A 1 89  ? 3.990   8.393   6.677   1.00 0.00 ? 89  GLU A O    1 
ATOM   1431 C CB   . GLU A 1 89  ? 6.678   6.512   6.274   1.00 0.00 ? 89  GLU A CB   1 
ATOM   1432 C CG   . GLU A 1 89  ? 7.493   7.248   5.228   1.00 0.00 ? 89  GLU A CG   1 
ATOM   1433 C CD   . GLU A 1 89  ? 7.858   8.645   5.734   1.00 0.00 ? 89  GLU A CD   1 
ATOM   1434 O OE1  . GLU A 1 89  ? 8.734   8.748   6.590   1.00 0.00 ? 89  GLU A OE1  1 
ATOM   1435 O OE2  . GLU A 1 89  ? 7.263   9.613   5.265   1.00 0.00 ? 89  GLU A OE2  1 
ATOM   1436 H H    . GLU A 1 89  ? 5.789   5.384   4.163   1.00 0.00 ? 89  GLU A H    1 
ATOM   1437 H HA   . GLU A 1 89  ? 4.662   5.943   6.718   1.00 0.00 ? 89  GLU A HA   1 
ATOM   1438 H HB2  . GLU A 1 89  ? 6.815   6.988   7.238   1.00 0.00 ? 89  GLU A HB2  1 
ATOM   1439 H HB3  . GLU A 1 89  ? 7.040   5.504   6.360   1.00 0.00 ? 89  GLU A HB3  1 
ATOM   1440 H HG2  . GLU A 1 89  ? 8.402   6.697   5.012   1.00 0.00 ? 89  GLU A HG2  1 
ATOM   1441 H HG3  . GLU A 1 89  ? 6.935   7.339   4.304   1.00 0.00 ? 89  GLU A HG3  1 
ATOM   1442 N N    . HIS A 1 90  ? 4.951   8.414   4.619   1.00 0.00 ? 90  HIS A N    1 
ATOM   1443 C CA   . HIS A 1 90  ? 4.465   9.758   4.376   1.00 0.00 ? 90  HIS A CA   1 
ATOM   1444 C C    . HIS A 1 90  ? 2.977   9.784   4.565   1.00 0.00 ? 90  HIS A C    1 
ATOM   1445 O O    . HIS A 1 90  ? 2.425   10.534  5.349   1.00 0.00 ? 90  HIS A O    1 
ATOM   1446 C CB   . HIS A 1 90  ? 4.795   10.198  2.960   1.00 0.00 ? 90  HIS A CB   1 
ATOM   1447 C CG   . HIS A 1 90  ? 4.784   11.706  2.894   1.00 0.00 ? 90  HIS A CG   1 
ATOM   1448 N ND1  . HIS A 1 90  ? 5.885   12.475  3.031   1.00 0.00 ? 90  HIS A ND1  1 
ATOM   1449 C CD2  . HIS A 1 90  ? 3.680   12.553  2.691   1.00 0.00 ? 90  HIS A CD2  1 
ATOM   1450 C CE1  . HIS A 1 90  ? 5.474   13.750  2.918   1.00 0.00 ? 90  HIS A CE1  1 
ATOM   1451 N NE2  . HIS A 1 90  ? 4.146   13.823  2.712   1.00 0.00 ? 90  HIS A NE2  1 
ATOM   1452 H H    . HIS A 1 90  ? 5.506   7.902   3.936   1.00 0.00 ? 90  HIS A H    1 
ATOM   1453 H HA   . HIS A 1 90  ? 4.918   10.399  5.116   1.00 0.00 ? 90  HIS A HA   1 
ATOM   1454 H HB2  . HIS A 1 90  ? 5.759   9.828   2.666   1.00 0.00 ? 90  HIS A HB2  1 
ATOM   1455 H HB3  . HIS A 1 90  ? 4.063   9.800   2.257   1.00 0.00 ? 90  HIS A HB3  1 
ATOM   1456 H HD1  . HIS A 1 90  ? 6.803   12.167  3.183   1.00 0.00 ? 90  HIS A HD1  1 
ATOM   1457 H HD2  . HIS A 1 90  ? 2.654   12.246  2.546   1.00 0.00 ? 90  HIS A HD2  1 
ATOM   1458 H HE1  . HIS A 1 90  ? 6.127   14.608  2.984   1.00 0.00 ? 90  HIS A HE1  1 
ATOM   1459 N N    . TYR A 1 91  ? 2.383   8.918   3.768   1.00 0.00 ? 91  TYR A N    1 
ATOM   1460 C CA   . TYR A 1 91  ? 0.945   8.812   3.815   1.00 0.00 ? 91  TYR A CA   1 
ATOM   1461 C C    . TYR A 1 91  ? 0.499   8.406   5.219   1.00 0.00 ? 91  TYR A C    1 
ATOM   1462 O O    . TYR A 1 91  ? -0.625  8.664   5.629   1.00 0.00 ? 91  TYR A O    1 
ATOM   1463 C CB   . TYR A 1 91  ? 0.469   7.825   2.771   1.00 0.00 ? 91  TYR A CB   1 
ATOM   1464 C CG   . TYR A 1 91  ? 0.292   8.514   1.441   1.00 0.00 ? 91  TYR A CG   1 
ATOM   1465 C CD1  . TYR A 1 91  ? 1.156   9.577   1.066   1.00 0.00 ? 91  TYR A CD1  1 
ATOM   1466 C CD2  . TYR A 1 91  ? -0.729  8.113   0.546   1.00 0.00 ? 91  TYR A CD2  1 
ATOM   1467 C CE1  . TYR A 1 91  ? 1.002   10.224  -0.178  1.00 0.00 ? 91  TYR A CE1  1 
ATOM   1468 C CE2  . TYR A 1 91  ? -0.881  8.765   -0.703  1.00 0.00 ? 91  TYR A CE2  1 
ATOM   1469 C CZ   . TYR A 1 91  ? -0.014  9.815   -1.063  1.00 0.00 ? 91  TYR A CZ   1 
ATOM   1470 O OH   . TYR A 1 91  ? -0.164  10.446  -2.282  1.00 0.00 ? 91  TYR A OH   1 
ATOM   1471 H H    . TYR A 1 91  ? 2.926   8.362   3.155   1.00 0.00 ? 91  TYR A H    1 
ATOM   1472 H HA   . TYR A 1 91  ? 0.550   9.807   3.599   1.00 0.00 ? 91  TYR A HA   1 
ATOM   1473 H HB2  . TYR A 1 91  ? 1.182   7.011   2.665   1.00 0.00 ? 91  TYR A HB2  1 
ATOM   1474 H HB3  . TYR A 1 91  ? -0.469  7.389   3.085   1.00 0.00 ? 91  TYR A HB3  1 
ATOM   1475 H HD1  . TYR A 1 91  ? 1.918   9.912   1.746   1.00 0.00 ? 91  TYR A HD1  1 
ATOM   1476 H HD2  . TYR A 1 91  ? -1.402  7.314   0.819   1.00 0.00 ? 91  TYR A HD2  1 
ATOM   1477 H HE1  . TYR A 1 91  ? 1.655   11.045  -0.444  1.00 0.00 ? 91  TYR A HE1  1 
ATOM   1478 H HE2  . TYR A 1 91  ? -1.670  8.473   -1.372  1.00 0.00 ? 91  TYR A HE2  1 
ATOM   1479 H HH   . TYR A 1 91  ? 0.493   11.123  -2.370  1.00 0.00 ? 91  TYR A HH   1 
ATOM   1480 N N    . SER A 1 92  ? 1.442   7.758   5.938   1.00 0.00 ? 92  SER A N    1 
ATOM   1481 C CA   . SER A 1 92  ? 1.108   7.397   7.304   1.00 0.00 ? 92  SER A CA   1 
ATOM   1482 C C    . SER A 1 92  ? 0.793   8.671   8.097   1.00 0.00 ? 92  SER A C    1 
ATOM   1483 O O    . SER A 1 92  ? 0.248   8.646   9.194   1.00 0.00 ? 92  SER A O    1 
ATOM   1484 C CB   . SER A 1 92  ? 2.302   6.703   7.909   1.00 0.00 ? 92  SER A CB   1 
ATOM   1485 O OG   . SER A 1 92  ? 1.914   5.576   8.653   1.00 0.00 ? 92  SER A OG   1 
ATOM   1486 H H    . SER A 1 92  ? 2.356   7.526   5.543   1.00 0.00 ? 92  SER A H    1 
ATOM   1487 H HA   . SER A 1 92  ? 0.235   6.747   7.278   1.00 0.00 ? 92  SER A HA   1 
ATOM   1488 H HB2  . SER A 1 92  ? 2.971   6.388   7.126   1.00 0.00 ? 92  SER A HB2  1 
ATOM   1489 H HB3  . SER A 1 92  ? 2.850   7.378   8.557   1.00 0.00 ? 92  SER A HB3  1 
ATOM   1490 H HG   . SER A 1 92  ? 2.711   5.174   8.974   1.00 0.00 ? 92  SER A HG   1 
ATOM   1491 N N    . TYR A 1 93  ? 1.183   9.777   7.442   1.00 0.00 ? 93  TYR A N    1 
ATOM   1492 C CA   . TYR A 1 93  ? 0.982   11.076  8.033   1.00 0.00 ? 93  TYR A CA   1 
ATOM   1493 C C    . TYR A 1 93  ? -0.375  11.594  7.614   1.00 0.00 ? 93  TYR A C    1 
ATOM   1494 O O    . TYR A 1 93  ? -1.238  11.907  8.420   1.00 0.00 ? 93  TYR A O    1 
ATOM   1495 C CB   . TYR A 1 93  ? 2.047   12.032  7.505   1.00 0.00 ? 93  TYR A CB   1 
ATOM   1496 C CG   . TYR A 1 93  ? 3.444   11.510  7.704   1.00 0.00 ? 93  TYR A CG   1 
ATOM   1497 C CD1  . TYR A 1 93  ? 3.705   10.468  8.629   1.00 0.00 ? 93  TYR A CD1  1 
ATOM   1498 C CD2  . TYR A 1 93  ? 4.515   12.058  6.959   1.00 0.00 ? 93  TYR A CD2  1 
ATOM   1499 C CE1  . TYR A 1 93  ? 5.021   9.983   8.807   1.00 0.00 ? 93  TYR A CE1  1 
ATOM   1500 C CE2  . TYR A 1 93  ? 5.832   11.574  7.136   1.00 0.00 ? 93  TYR A CE2  1 
ATOM   1501 C CZ   . TYR A 1 93  ? 6.084   10.537  8.061   1.00 0.00 ? 93  TYR A CZ   1 
ATOM   1502 O OH   . TYR A 1 93  ? 7.369   10.065  8.235   1.00 0.00 ? 93  TYR A OH   1 
ATOM   1503 H H    . TYR A 1 93  ? 1.597   9.693   6.531   1.00 0.00 ? 93  TYR A H    1 
ATOM   1504 H HA   . TYR A 1 93  ? 1.032   10.970  9.118   1.00 0.00 ? 93  TYR A HA   1 
ATOM   1505 H HB2  . TYR A 1 93  ? 1.888   12.213  6.443   1.00 0.00 ? 93  TYR A HB2  1 
ATOM   1506 H HB3  . TYR A 1 93  ? 1.950   12.986  7.994   1.00 0.00 ? 93  TYR A HB3  1 
ATOM   1507 H HD1  . TYR A 1 93  ? 2.890   10.030  9.186   1.00 0.00 ? 93  TYR A HD1  1 
ATOM   1508 H HD2  . TYR A 1 93  ? 4.321   12.840  6.237   1.00 0.00 ? 93  TYR A HD2  1 
ATOM   1509 H HE1  . TYR A 1 93  ? 5.211   9.185   9.508   1.00 0.00 ? 93  TYR A HE1  1 
ATOM   1510 H HE2  . TYR A 1 93  ? 6.644   11.993  6.561   1.00 0.00 ? 93  TYR A HE2  1 
ATOM   1511 H HH   . TYR A 1 93  ? 7.368   9.385   8.896   1.00 0.00 ? 93  TYR A HH   1 
ATOM   1512 N N    . LYS A 1 94  ? -0.447  11.703  6.281   1.00 0.00 ? 94  LYS A N    1 
ATOM   1513 C CA   . LYS A 1 94  ? -1.641  12.175  5.653   1.00 0.00 ? 94  LYS A CA   1 
ATOM   1514 C C    . LYS A 1 94  ? -2.057  11.275  4.511   1.00 0.00 ? 94  LYS A C    1 
ATOM   1515 O O    . LYS A 1 94  ? -1.453  10.260  4.198   1.00 0.00 ? 94  LYS A O    1 
ATOM   1516 C CB   . LYS A 1 94  ? -1.325  13.520  5.063   1.00 0.00 ? 94  LYS A CB   1 
ATOM   1517 C CG   . LYS A 1 94  ? -0.032  13.465  4.236   1.00 0.00 ? 94  LYS A CG   1 
ATOM   1518 C CD   . LYS A 1 94  ? 0.382   14.848  3.740   1.00 0.00 ? 94  LYS A CD   1 
ATOM   1519 C CE   . LYS A 1 94  ? 1.261   15.566  4.766   1.00 0.00 ? 94  LYS A CE   1 
ATOM   1520 N NZ   . LYS A 1 94  ? 1.613   16.917  4.348   1.00 0.00 ? 94  LYS A NZ   1 
ATOM   1521 H H    . LYS A 1 94  ? 0.347   11.522  5.732   1.00 0.00 ? 94  LYS A H    1 
ATOM   1522 H HA   . LYS A 1 94  ? -2.430  12.233  6.403   1.00 0.00 ? 94  LYS A HA   1 
ATOM   1523 H HB2  . LYS A 1 94  ? -2.147  13.845  4.436   1.00 0.00 ? 94  LYS A HB2  1 
ATOM   1524 H HB3  . LYS A 1 94  ? -1.232  14.235  5.854   1.00 0.00 ? 94  LYS A HB3  1 
ATOM   1525 H HG2  . LYS A 1 94  ? 0.775   13.038  4.835   1.00 0.00 ? 94  LYS A HG2  1 
ATOM   1526 H HG3  . LYS A 1 94  ? -0.172  12.795  3.385   1.00 0.00 ? 94  LYS A HG3  1 
ATOM   1527 H HD2  . LYS A 1 94  ? 0.923   14.752  2.798   1.00 0.00 ? 94  LYS A HD2  1 
ATOM   1528 H HD3  . LYS A 1 94  ? -0.506  15.446  3.533   1.00 0.00 ? 94  LYS A HD3  1 
ATOM   1529 H HE2  . LYS A 1 94  ? 0.750   15.638  5.726   1.00 0.00 ? 94  LYS A HE2  1 
ATOM   1530 H HE3  . LYS A 1 94  ? 2.190   15.016  4.926   1.00 0.00 ? 94  LYS A HE3  1 
ATOM   1531 H HZ1  . LYS A 1 94  ? 0.745   17.475  4.213   1.00 0.00 ? 94  LYS A HZ1  1 
ATOM   1532 H HZ2  . LYS A 1 94  ? 2.203   17.364  5.079   1.00 0.00 ? 94  LYS A HZ2  1 
ATOM   1533 H HZ3  . LYS A 1 94  ? 2.141   16.877  3.453   1.00 0.00 ? 94  LYS A HZ3  1 
ATOM   1534 N N    . ALA A 1 95  ? -3.142  11.759  3.921   1.00 0.00 ? 95  ALA A N    1 
ATOM   1535 C CA   . ALA A 1 95  ? -3.686  11.077  2.764   1.00 0.00 ? 95  ALA A CA   1 
ATOM   1536 C C    . ALA A 1 95  ? -2.898  11.518  1.528   1.00 0.00 ? 95  ALA A C    1 
ATOM   1537 O O    . ALA A 1 95  ? -2.498  10.718  0.694   1.00 0.00 ? 95  ALA A O    1 
ATOM   1538 C CB   . ALA A 1 95  ? -5.165  11.425  2.614   1.00 0.00 ? 95  ALA A CB   1 
ATOM   1539 H H    . ALA A 1 95  ? -3.577  12.577  4.292   1.00 0.00 ? 95  ALA A H    1 
ATOM   1540 H HA   . ALA A 1 95  ? -3.547  10.004  2.918   1.00 0.00 ? 95  ALA A HA   1 
ATOM   1541 H HB1  . ALA A 1 95  ? -5.308  12.505  2.578   1.00 0.00 ? 95  ALA A HB1  1 
ATOM   1542 H HB2  . ALA A 1 95  ? -5.573  11.001  1.697   1.00 0.00 ? 95  ALA A HB2  1 
ATOM   1543 H HB3  . ALA A 1 95  ? -5.744  11.036  3.452   1.00 0.00 ? 95  ALA A HB3  1 
ATOM   1544 N N    . ASP A 1 96  ? -2.692  12.850  1.480   1.00 0.00 ? 96  ASP A N    1 
ATOM   1545 C CA   . ASP A 1 96  ? -1.951  13.406  0.349   1.00 0.00 ? 96  ASP A CA   1 
ATOM   1546 C C    . ASP A 1 96  ? -2.789  13.378  -0.930  1.00 0.00 ? 96  ASP A C    1 
ATOM   1547 O O    . ASP A 1 96  ? -2.443  13.957  -1.953  1.00 0.00 ? 96  ASP A O    1 
ATOM   1548 C CB   . ASP A 1 96  ? -0.672  12.619  0.154   1.00 0.00 ? 96  ASP A CB   1 
ATOM   1549 C CG   . ASP A 1 96  ? 0.544   13.527  0.359   1.00 0.00 ? 96  ASP A CG   1 
ATOM   1550 O OD1  . ASP A 1 96  ? 0.424   14.731  0.137   1.00 0.00 ? 96  ASP A OD1  1 
ATOM   1551 O OD2  . ASP A 1 96  ? 1.598   13.018  0.735   1.00 0.00 ? 96  ASP A OD2  1 
ATOM   1552 H H    . ASP A 1 96  ? -3.039  13.445  2.205   1.00 0.00 ? 96  ASP A H    1 
ATOM   1553 H HA   . ASP A 1 96  ? -1.736  14.428  0.590   1.00 0.00 ? 96  ASP A HA   1 
ATOM   1554 H HB2  . ASP A 1 96  ? -0.625  11.794  0.861   1.00 0.00 ? 96  ASP A HB2  1 
ATOM   1555 H HB3  . ASP A 1 96  ? -0.639  12.204  -0.849  1.00 0.00 ? 96  ASP A HB3  1 
ATOM   1556 N N    . GLY A 1 97  ? -3.900  12.668  -0.785  1.00 0.00 ? 97  GLY A N    1 
ATOM   1557 C CA   . GLY A 1 97  ? -4.815  12.535  -1.902  1.00 0.00 ? 97  GLY A CA   1 
ATOM   1558 C C    . GLY A 1 97  ? -5.805  11.383  -1.684  1.00 0.00 ? 97  GLY A C    1 
ATOM   1559 O O    . GLY A 1 97  ? -6.910  11.380  -2.213  1.00 0.00 ? 97  GLY A O    1 
ATOM   1560 H H    . GLY A 1 97  ? -4.087  12.242  0.092   1.00 0.00 ? 97  GLY A H    1 
ATOM   1561 H HA2  . GLY A 1 97  ? -5.348  13.478  -2.002  1.00 0.00 ? 97  GLY A HA2  1 
ATOM   1562 H HA3  . GLY A 1 97  ? -4.219  12.366  -2.799  1.00 0.00 ? 97  GLY A HA3  1 
ATOM   1563 N N    . LEU A 1 98  ? -5.342  10.409  -0.871  1.00 0.00 ? 98  LEU A N    1 
ATOM   1564 C CA   . LEU A 1 98  ? -6.199  9.277   -0.596  1.00 0.00 ? 98  LEU A CA   1 
ATOM   1565 C C    . LEU A 1 98  ? -7.572  9.788   -0.191  1.00 0.00 ? 98  LEU A C    1 
ATOM   1566 O O    . LEU A 1 98  ? -7.824  10.985  -0.121  1.00 0.00 ? 98  LEU A O    1 
ATOM   1567 C CB   . LEU A 1 98  ? -5.626  8.474   0.567   1.00 0.00 ? 98  LEU A CB   1 
ATOM   1568 C CG   . LEU A 1 98  ? -4.161  8.138   0.364   1.00 0.00 ? 98  LEU A CG   1 
ATOM   1569 C CD1  . LEU A 1 98  ? -3.559  7.604   1.652   1.00 0.00 ? 98  LEU A CD1  1 
ATOM   1570 C CD2  . LEU A 1 98  ? -4.016  7.124   -0.768  1.00 0.00 ? 98  LEU A CD2  1 
ATOM   1571 H H    . LEU A 1 98  ? -4.433  10.469  -0.458  1.00 0.00 ? 98  LEU A H    1 
ATOM   1572 H HA   . LEU A 1 98  ? -6.264  8.671   -1.512  1.00 0.00 ? 98  LEU A HA   1 
ATOM   1573 H HB2  . LEU A 1 98  ? -5.744  9.039   1.491   1.00 0.00 ? 98  LEU A HB2  1 
ATOM   1574 H HB3  . LEU A 1 98  ? -6.195  7.558   0.687   1.00 0.00 ? 98  LEU A HB3  1 
ATOM   1575 H HG   . LEU A 1 98  ? -3.631  9.044   0.101   1.00 0.00 ? 98  LEU A HG   1 
ATOM   1576 H HD11 . LEU A 1 98  ? -4.324  7.487   2.420   1.00 0.00 ? 98  LEU A HD11 1 
ATOM   1577 H HD12 . LEU A 1 98  ? -3.094  6.636   1.484   1.00 0.00 ? 98  LEU A HD12 1 
ATOM   1578 H HD13 . LEU A 1 98  ? -2.797  8.284   2.036   1.00 0.00 ? 98  LEU A HD13 1 
ATOM   1579 H HD21 . LEU A 1 98  ? -4.665  7.386   -1.600  1.00 0.00 ? 98  LEU A HD21 1 
ATOM   1580 H HD22 . LEU A 1 98  ? -2.995  7.097   -1.140  1.00 0.00 ? 98  LEU A HD22 1 
ATOM   1581 H HD23 . LEU A 1 98  ? -4.286  6.127   -0.438  1.00 0.00 ? 98  LEU A HD23 1 
ATOM   1582 N N    . LEU A 1 99  ? -8.437  8.803   0.081   1.00 0.00 ? 99  LEU A N    1 
ATOM   1583 C CA   . LEU A 1 99  ? -9.759  9.168   0.545   1.00 0.00 ? 99  LEU A CA   1 
ATOM   1584 C C    . LEU A 1 99  ? -9.599  9.790   1.937   1.00 0.00 ? 99  LEU A C    1 
ATOM   1585 O O    . LEU A 1 99  ? -10.220 10.788  2.283   1.00 0.00 ? 99  LEU A O    1 
ATOM   1586 C CB   . LEU A 1 99  ? -10.641 7.926   0.601   1.00 0.00 ? 99  LEU A CB   1 
ATOM   1587 C CG   . LEU A 1 99  ? -12.106 8.250   0.311   1.00 0.00 ? 99  LEU A CG   1 
ATOM   1588 C CD1  . LEU A 1 99  ? -12.640 9.258   1.325   1.00 0.00 ? 99  LEU A CD1  1 
ATOM   1589 C CD2  . LEU A 1 99  ? -12.264 8.789   -1.113  1.00 0.00 ? 99  LEU A CD2  1 
ATOM   1590 H H    . LEU A 1 99  ? -8.176  7.843   -0.033  1.00 0.00 ? 99  LEU A H    1 
ATOM   1591 H HA   . LEU A 1 99  ? -10.157 9.911   -0.147  1.00 0.00 ? 99  LEU A HA   1 
ATOM   1592 H HB2  . LEU A 1 99  ? -10.282 7.196   -0.122  1.00 0.00 ? 99  LEU A HB2  1 
ATOM   1593 H HB3  . LEU A 1 99  ? -10.556 7.463   1.586   1.00 0.00 ? 99  LEU A HB3  1 
ATOM   1594 H HG   . LEU A 1 99  ? -12.685 7.330   0.403   1.00 0.00 ? 99  LEU A HG   1 
ATOM   1595 H HD11 . LEU A 1 99  ? -12.544 8.874   2.340   1.00 0.00 ? 99  LEU A HD11 1 
ATOM   1596 H HD12 . LEU A 1 99  ? -12.091 10.197  1.265   1.00 0.00 ? 99  LEU A HD12 1 
ATOM   1597 H HD13 . LEU A 1 99  ? -13.693 9.471   1.142   1.00 0.00 ? 99  LEU A HD13 1 
ATOM   1598 H HD21 . LEU A 1 99  ? -11.781 8.130   -1.834  1.00 0.00 ? 99  LEU A HD21 1 
ATOM   1599 H HD22 . LEU A 1 99  ? -13.317 8.869   -1.382  1.00 0.00 ? 99  LEU A HD22 1 
ATOM   1600 H HD23 . LEU A 1 99  ? -11.817 9.778   -1.207  1.00 0.00 ? 99  LEU A HD23 1 
ATOM   1601 N N    . ARG A 1 100 ? -8.708  9.116   2.697   1.00 0.00 ? 100 ARG A N    1 
ATOM   1602 C CA   . ARG A 1 100 ? -8.409  9.578   4.033   1.00 0.00 ? 100 ARG A CA   1 
ATOM   1603 C C    . ARG A 1 100 ? -7.012  9.082   4.416   1.00 0.00 ? 100 ARG A C    1 
ATOM   1604 O O    . ARG A 1 100 ? -6.509  8.101   3.884   1.00 0.00 ? 100 ARG A O    1 
ATOM   1605 C CB   . ARG A 1 100 ? -9.448  9.023   4.993   1.00 0.00 ? 100 ARG A CB   1 
ATOM   1606 C CG   . ARG A 1 100 ? -9.474  9.804   6.308   1.00 0.00 ? 100 ARG A CG   1 
ATOM   1607 C CD   . ARG A 1 100 ? -10.167 11.156  6.144   1.00 0.00 ? 100 ARG A CD   1 
ATOM   1608 N NE   . ARG A 1 100 ? -10.273 11.828  7.426   1.00 0.00 ? 100 ARG A NE   1 
ATOM   1609 C CZ   . ARG A 1 100 ? -10.899 13.019  7.482   1.00 0.00 ? 100 ARG A CZ   1 
ATOM   1610 N NH1  . ARG A 1 100 ? -11.402 13.560  6.376   1.00 0.00 ? 100 ARG A NH1  1 
ATOM   1611 N NH2  . ARG A 1 100 ? -11.013 13.656  8.645   1.00 0.00 ? 100 ARG A NH2  1 
ATOM   1612 H H    . ARG A 1 100 ? -8.271  8.292   2.345   1.00 0.00 ? 100 ARG A H    1 
ATOM   1613 H HA   . ARG A 1 100 ? -8.423  10.671  4.018   1.00 0.00 ? 100 ARG A HA   1 
ATOM   1614 H HB2  . ARG A 1 100 ? -10.433 9.052   4.526   1.00 0.00 ? 100 ARG A HB2  1 
ATOM   1615 H HB3  . ARG A 1 100 ? -9.222  7.978   5.190   1.00 0.00 ? 100 ARG A HB3  1 
ATOM   1616 H HG2  . ARG A 1 100 ? -9.990  9.220   7.069   1.00 0.00 ? 100 ARG A HG2  1 
ATOM   1617 H HG3  . ARG A 1 100 ? -8.456  9.955   6.666   1.00 0.00 ? 100 ARG A HG3  1 
ATOM   1618 H HD2  . ARG A 1 100 ? -9.610  11.818  5.485   1.00 0.00 ? 100 ARG A HD2  1 
ATOM   1619 H HD3  . ARG A 1 100 ? -11.179 11.044  5.750   1.00 0.00 ? 100 ARG A HD3  1 
ATOM   1620 H HE   . ARG A 1 100 ? -9.892  11.414  8.252   1.00 0.00 ? 100 ARG A HE   1 
ATOM   1621 H HH11 . ARG A 1 100 ? -11.317 13.083  5.502   1.00 0.00 ? 100 ARG A HH11 1 
ATOM   1622 H HH12 . ARG A 1 100 ? -11.866 14.446  6.419   1.00 0.00 ? 100 ARG A HH12 1 
ATOM   1623 H HH21 . ARG A 1 100 ? -10.635 13.249  9.477   1.00 0.00 ? 100 ARG A HH21 1 
ATOM   1624 H HH22 . ARG A 1 100 ? -11.477 14.540  8.687   1.00 0.00 ? 100 ARG A HH22 1 
ATOM   1625 N N    . VAL A 1 101 ? -6.426  9.825   5.368   1.00 0.00 ? 101 VAL A N    1 
ATOM   1626 C CA   . VAL A 1 101 ? -5.110  9.468   5.830   1.00 0.00 ? 101 VAL A CA   1 
ATOM   1627 C C    . VAL A 1 101 ? -5.084  7.995   6.239   1.00 0.00 ? 101 VAL A C    1 
ATOM   1628 O O    . VAL A 1 101 ? -6.085  7.290   6.218   1.00 0.00 ? 101 VAL A O    1 
ATOM   1629 C CB   . VAL A 1 101 ? -4.804  10.311  7.048   1.00 0.00 ? 101 VAL A CB   1 
ATOM   1630 C CG1  . VAL A 1 101 ? -3.330  10.268  7.357   1.00 0.00 ? 101 VAL A CG1  1 
ATOM   1631 C CG2  . VAL A 1 101 ? -5.266  11.756  6.846   1.00 0.00 ? 101 VAL A CG2  1 
ATOM   1632 H H    . VAL A 1 101 ? -6.885  10.612  5.762   1.00 0.00 ? 101 VAL A H    1 
ATOM   1633 H HA   . VAL A 1 101 ? -4.390  9.668   5.020   1.00 0.00 ? 101 VAL A HA   1 
ATOM   1634 H HB   . VAL A 1 101 ? -5.336  9.886   7.895   1.00 0.00 ? 101 VAL A HB   1 
ATOM   1635 H HG11 . VAL A 1 101 ? -2.746  10.239  6.445   1.00 0.00 ? 101 VAL A HG11 1 
ATOM   1636 H HG12 . VAL A 1 101 ? -3.042  11.145  7.920   1.00 0.00 ? 101 VAL A HG12 1 
ATOM   1637 H HG13 . VAL A 1 101 ? -3.082  9.387   7.943   1.00 0.00 ? 101 VAL A HG13 1 
ATOM   1638 H HG21 . VAL A 1 101 ? -4.775  12.203  5.981   1.00 0.00 ? 101 VAL A HG21 1 
ATOM   1639 H HG22 . VAL A 1 101 ? -6.342  11.801  6.682   1.00 0.00 ? 101 VAL A HG22 1 
ATOM   1640 H HG23 . VAL A 1 101 ? -5.032  12.366  7.719   1.00 0.00 ? 101 VAL A HG23 1 
ATOM   1641 N N    . LEU A 1 102 ? -3.861  7.601   6.616   1.00 0.00 ? 102 LEU A N    1 
ATOM   1642 C CA   . LEU A 1 102 ? -3.656  6.249   7.099   1.00 0.00 ? 102 LEU A CA   1 
ATOM   1643 C C    . LEU A 1 102 ? -3.559  6.311   8.606   1.00 0.00 ? 102 LEU A C    1 
ATOM   1644 O O    . LEU A 1 102 ? -3.333  7.356   9.204   1.00 0.00 ? 102 LEU A O    1 
ATOM   1645 C CB   . LEU A 1 102 ? -2.366  5.683   6.540   1.00 0.00 ? 102 LEU A CB   1 
ATOM   1646 C CG   . LEU A 1 102 ? -2.496  5.258   5.080   1.00 0.00 ? 102 LEU A CG   1 
ATOM   1647 C CD1  . LEU A 1 102 ? -3.281  6.278   4.265   1.00 0.00 ? 102 LEU A CD1  1 
ATOM   1648 C CD2  . LEU A 1 102 ? -1.110  5.060   4.472   1.00 0.00 ? 102 LEU A CD2  1 
ATOM   1649 H H    . LEU A 1 102 ? -3.094  8.231   6.549   1.00 0.00 ? 102 LEU A H    1 
ATOM   1650 H HA   . LEU A 1 102 ? -4.519  5.635   6.824   1.00 0.00 ? 102 LEU A HA   1 
ATOM   1651 H HB2  . LEU A 1 102 ? -1.585  6.421   6.641   1.00 0.00 ? 102 LEU A HB2  1 
ATOM   1652 H HB3  . LEU A 1 102 ? -2.062  4.832   7.137   1.00 0.00 ? 102 LEU A HB3  1 
ATOM   1653 H HG   . LEU A 1 102 ? -3.031  4.315   5.044   1.00 0.00 ? 102 LEU A HG   1 
ATOM   1654 H HD11 . LEU A 1 102 ? -4.286  6.405   4.659   1.00 0.00 ? 102 LEU A HD11 1 
ATOM   1655 H HD12 . LEU A 1 102 ? -2.785  7.250   4.265   1.00 0.00 ? 102 LEU A HD12 1 
ATOM   1656 H HD13 . LEU A 1 102 ? -3.371  5.945   3.237   1.00 0.00 ? 102 LEU A HD13 1 
ATOM   1657 H HD21 . LEU A 1 102 ? -0.536  4.336   5.045   1.00 0.00 ? 102 LEU A HD21 1 
ATOM   1658 H HD22 . LEU A 1 102 ? -1.182  4.703   3.446   1.00 0.00 ? 102 LEU A HD22 1 
ATOM   1659 H HD23 . LEU A 1 102 ? -0.553  5.997   4.466   1.00 0.00 ? 102 LEU A HD23 1 
ATOM   1660 N N    . THR A 1 103 ? -3.749  5.126   9.174   1.00 0.00 ? 103 THR A N    1 
ATOM   1661 C CA   . THR A 1 103 ? -3.702  5.056   10.611  1.00 0.00 ? 103 THR A CA   1 
ATOM   1662 C C    . THR A 1 103 ? -3.226  3.678   11.072  1.00 0.00 ? 103 THR A C    1 
ATOM   1663 O O    . THR A 1 103 ? -2.497  3.541   12.047  1.00 0.00 ? 103 THR A O    1 
ATOM   1664 C CB   . THR A 1 103 ? -5.113  5.353   11.119  1.00 0.00 ? 103 THR A CB   1 
ATOM   1665 O OG1  . THR A 1 103 ? -5.110  6.561   11.836  1.00 0.00 ? 103 THR A OG1  1 
ATOM   1666 C CG2  . THR A 1 103 ? -5.669  4.238   11.993  1.00 0.00 ? 103 THR A CG2  1 
ATOM   1667 H H    . THR A 1 103 ? -3.947  4.322   8.622   1.00 0.00 ? 103 THR A H    1 
ATOM   1668 H HA   . THR A 1 103 ? -2.994  5.815   10.952  1.00 0.00 ? 103 THR A HA   1 
ATOM   1669 H HB   . THR A 1 103 ? -5.772  5.487   10.265  1.00 0.00 ? 103 THR A HB   1 
ATOM   1670 H HG1  . THR A 1 103 ? -5.918  7.009   11.620  1.00 0.00 ? 103 THR A HG1  1 
ATOM   1671 H HG21 . THR A 1 103 ? -5.655  3.291   11.454  1.00 0.00 ? 103 THR A HG21 1 
ATOM   1672 H HG22 . THR A 1 103 ? -5.078  4.125   12.898  1.00 0.00 ? 103 THR A HG22 1 
ATOM   1673 H HG23 . THR A 1 103 ? -6.697  4.448   12.280  1.00 0.00 ? 103 THR A HG23 1 
ATOM   1674 N N    . VAL A 1 104 ? -3.686  2.673   10.307  1.00 0.00 ? 104 VAL A N    1 
ATOM   1675 C CA   . VAL A 1 104 ? -3.343  1.303   10.702  1.00 0.00 ? 104 VAL A CA   1 
ATOM   1676 C C    . VAL A 1 104 ? -3.119  0.385   9.505   1.00 0.00 ? 104 VAL A C    1 
ATOM   1677 O O    . VAL A 1 104 ? -3.740  0.529   8.466   1.00 0.00 ? 104 VAL A O    1 
ATOM   1678 C CB   . VAL A 1 104 ? -4.535  0.740   11.476  1.00 0.00 ? 104 VAL A CB   1 
ATOM   1679 C CG1  . VAL A 1 104 ? -4.326  -0.732  11.834  1.00 0.00 ? 104 VAL A CG1  1 
ATOM   1680 C CG2  . VAL A 1 104 ? -4.809  1.539   12.752  1.00 0.00 ? 104 VAL A CG2  1 
ATOM   1681 H H    . VAL A 1 104 ? -4.251  2.871   9.494   1.00 0.00 ? 104 VAL A H    1 
ATOM   1682 H HA   . VAL A 1 104 ? -2.446  1.344   11.319  1.00 0.00 ? 104 VAL A HA   1 
ATOM   1683 H HB   . VAL A 1 104 ? -5.406  0.809   10.814  1.00 0.00 ? 104 VAL A HB   1 
ATOM   1684 H HG11 . VAL A 1 104 ? -4.002  -1.304  10.969  1.00 0.00 ? 104 VAL A HG11 1 
ATOM   1685 H HG12 . VAL A 1 104 ? -3.574  -0.840  12.615  1.00 0.00 ? 104 VAL A HG12 1 
ATOM   1686 H HG13 . VAL A 1 104 ? -5.251  -1.176  12.201  1.00 0.00 ? 104 VAL A HG13 1 
ATOM   1687 H HG21 . VAL A 1 104 ? -4.158  2.405   12.819  1.00 0.00 ? 104 VAL A HG21 1 
ATOM   1688 H HG22 . VAL A 1 104 ? -5.841  1.884   12.785  1.00 0.00 ? 104 VAL A HG22 1 
ATOM   1689 H HG23 . VAL A 1 104 ? -4.635  0.924   13.636  1.00 0.00 ? 104 VAL A HG23 1 
ATOM   1690 N N    . PRO A 1 105 ? -2.182  -0.583  9.712   1.00 0.00 ? 105 PRO A N    1 
ATOM   1691 C CA   . PRO A 1 105 ? -1.923  -1.623  8.734   1.00 0.00 ? 105 PRO A CA   1 
ATOM   1692 C C    . PRO A 1 105 ? -3.107  -2.593  8.740   1.00 0.00 ? 105 PRO A C    1 
ATOM   1693 O O    . PRO A 1 105 ? -3.561  -3.034  9.788   1.00 0.00 ? 105 PRO A O    1 
ATOM   1694 C CB   . PRO A 1 105 ? -0.649  -2.326  9.192   1.00 0.00 ? 105 PRO A CB   1 
ATOM   1695 C CG   . PRO A 1 105 ? -0.296  -1.751  10.575  1.00 0.00 ? 105 PRO A CG   1 
ATOM   1696 C CD   . PRO A 1 105 ? -1.288  -0.614  10.856  1.00 0.00 ? 105 PRO A CD   1 
ATOM   1697 H HA   . PRO A 1 105 ? -1.813  -1.186  7.747   1.00 0.00 ? 105 PRO A HA   1 
ATOM   1698 H HB2  . PRO A 1 105 ? -0.789  -3.405  9.237   1.00 0.00 ? 105 PRO A HB2  1 
ATOM   1699 H HB3  . PRO A 1 105 ? 0.145   -2.137  8.488   1.00 0.00 ? 105 PRO A HB3  1 
ATOM   1700 H HG2  . PRO A 1 105 ? -0.372  -2.523  11.341  1.00 0.00 ? 105 PRO A HG2  1 
ATOM   1701 H HG3  . PRO A 1 105 ? 0.728   -1.376  10.584  1.00 0.00 ? 105 PRO A HG3  1 
ATOM   1702 H HD2  . PRO A 1 105 ? -1.849  -0.799  11.768  1.00 0.00 ? 105 PRO A HD2  1 
ATOM   1703 H HD3  . PRO A 1 105 ? -0.774  0.341   10.955  1.00 0.00 ? 105 PRO A HD3  1 
ATOM   1704 N N    . CYS A 1 106 ? -3.569  -2.902  7.528   1.00 0.00 ? 106 CYS A N    1 
ATOM   1705 C CA   . CYS A 1 106 ? -4.758  -3.734  7.456   1.00 0.00 ? 106 CYS A CA   1 
ATOM   1706 C C    . CYS A 1 106 ? -4.449  -5.215  7.389   1.00 0.00 ? 106 CYS A C    1 
ATOM   1707 O O    . CYS A 1 106 ? -4.820  -5.988  8.262   1.00 0.00 ? 106 CYS A O    1 
ATOM   1708 C CB   . CYS A 1 106 ? -5.574  -3.338  6.243   1.00 0.00 ? 106 CYS A CB   1 
ATOM   1709 S SG   . CYS A 1 106 ? -6.859  -4.553  5.865   1.00 0.00 ? 106 CYS A SG   1 
ATOM   1710 H H    . CYS A 1 106 ? -3.086  -2.608  6.703   1.00 0.00 ? 106 CYS A H    1 
ATOM   1711 H HA   . CYS A 1 106 ? -5.330  -3.546  8.366   1.00 0.00 ? 106 CYS A HA   1 
ATOM   1712 H HB2  . CYS A 1 106 ? -6.034  -2.374  6.409   1.00 0.00 ? 106 CYS A HB2  1 
ATOM   1713 H HB3  . CYS A 1 106 ? -4.931  -3.232  5.379   1.00 0.00 ? 106 CYS A HB3  1 
ATOM   1714 H HG   . CYS A 1 106 ? -6.779  -4.900  4.579   1.00 0.00 ? 106 CYS A HG   1 
ATOM   1715 N N    . GLN A 1 107 ? -3.787  -5.556  6.274   1.00 0.00 ? 107 GLN A N    1 
ATOM   1716 C CA   . GLN A 1 107 ? -3.476  -6.938  6.033   1.00 0.00 ? 107 GLN A CA   1 
ATOM   1717 C C    . GLN A 1 107 ? -3.205  -7.700  7.310   1.00 0.00 ? 107 GLN A C    1 
ATOM   1718 O O    . GLN A 1 107 ? -2.898  -7.168  8.370   1.00 0.00 ? 107 GLN A O    1 
ATOM   1719 C CB   . GLN A 1 107 ? -2.295  -7.031  5.112   1.00 0.00 ? 107 GLN A CB   1 
ATOM   1720 C CG   . GLN A 1 107 ? -2.535  -8.050  4.008   1.00 0.00 ? 107 GLN A CG   1 
ATOM   1721 C CD   . GLN A 1 107 ? -2.381  -9.474  4.544   1.00 0.00 ? 107 GLN A CD   1 
ATOM   1722 O OE1  . GLN A 1 107 ? -1.571  -9.752  5.418   1.00 0.00 ? 107 GLN A OE1  1 
ATOM   1723 N NE2  . GLN A 1 107 ? -3.214  -10.351 3.956   1.00 0.00 ? 107 GLN A NE2  1 
ATOM   1724 H H    . GLN A 1 107 ? -3.503  -4.866  5.620   1.00 0.00 ? 107 GLN A H    1 
ATOM   1725 H HA   . GLN A 1 107 ? -4.354  -7.375  5.550   1.00 0.00 ? 107 GLN A HA   1 
ATOM   1726 H HB2  . GLN A 1 107 ? -2.111  -6.068  4.675   1.00 0.00 ? 107 GLN A HB2  1 
ATOM   1727 H HB3  . GLN A 1 107 ? -1.419  -7.288  5.682   1.00 0.00 ? 107 GLN A HB3  1 
ATOM   1728 H HG2  . GLN A 1 107 ? -3.538  -7.925  3.600   1.00 0.00 ? 107 GLN A HG2  1 
ATOM   1729 H HG3  . GLN A 1 107 ? -1.829  -7.909  3.201   1.00 0.00 ? 107 GLN A HG3  1 
ATOM   1730 H HE21 . GLN A 1 107 ? -3.851  -10.051 3.245   1.00 0.00 ? 107 GLN A HE21 1 
ATOM   1731 H HE22 . GLN A 1 107 ? -3.210  -11.315 4.220   1.00 0.00 ? 107 GLN A HE22 1 
ATOM   1732 N N    . LYS A 1 108 ? -3.312  -8.998  7.082   1.00 0.00 ? 108 LYS A N    1 
ATOM   1733 C CA   . LYS A 1 108 ? -3.134  -9.942  8.150   1.00 0.00 ? 108 LYS A CA   1 
ATOM   1734 C C    . LYS A 1 108 ? -1.786  -9.807  8.826   1.00 0.00 ? 108 LYS A C    1 
ATOM   1735 O O    . LYS A 1 108 ? -0.966  -8.952  8.515   1.00 0.00 ? 108 LYS A O    1 
ATOM   1736 C CB   . LYS A 1 108 ? -3.295  -11.326 7.567   1.00 0.00 ? 108 LYS A CB   1 
ATOM   1737 C CG   . LYS A 1 108 ? -4.766  -11.652 7.476   1.00 0.00 ? 108 LYS A CG   1 
ATOM   1738 C CD   . LYS A 1 108 ? -5.041  -12.835 6.556   1.00 0.00 ? 108 LYS A CD   1 
ATOM   1739 C CE   . LYS A 1 108 ? -4.507  -14.145 7.138   1.00 0.00 ? 108 LYS A CE   1 
ATOM   1740 N NZ   . LYS A 1 108 ? -5.149  -14.496 8.399   1.00 0.00 ? 108 LYS A NZ   1 
ATOM   1741 H H    . LYS A 1 108 ? -3.512  -9.316  6.152   1.00 0.00 ? 108 LYS A H    1 
ATOM   1742 H HA   . LYS A 1 108 ? -3.917  -9.745  8.887   1.00 0.00 ? 108 LYS A HA   1 
ATOM   1743 H HB2  . LYS A 1 108 ? -2.837  -11.373 6.580   1.00 0.00 ? 108 LYS A HB2  1 
ATOM   1744 H HB3  . LYS A 1 108 ? -2.788  -12.061 8.194   1.00 0.00 ? 108 LYS A HB3  1 
ATOM   1745 H HG2  . LYS A 1 108 ? -5.126  -11.852 8.473   1.00 0.00 ? 108 LYS A HG2  1 
ATOM   1746 H HG3  . LYS A 1 108 ? -5.309  -10.778 7.117   1.00 0.00 ? 108 LYS A HG3  1 
ATOM   1747 H HD2  . LYS A 1 108 ? -6.116  -12.919 6.388   1.00 0.00 ? 108 LYS A HD2  1 
ATOM   1748 H HD3  . LYS A 1 108 ? -4.586  -12.650 5.582   1.00 0.00 ? 108 LYS A HD3  1 
ATOM   1749 H HE2  . LYS A 1 108 ? -4.672  -14.968 6.442   1.00 0.00 ? 108 LYS A HE2  1 
ATOM   1750 H HE3  . LYS A 1 108 ? -3.434  -14.075 7.319   1.00 0.00 ? 108 LYS A HE3  1 
ATOM   1751 H HZ1  . LYS A 1 108 ? -6.182  -14.492 8.275   1.00 0.00 ? 108 LYS A HZ1  1 
ATOM   1752 H HZ2  . LYS A 1 108 ? -4.839  -15.445 8.692   1.00 0.00 ? 108 LYS A HZ2  1 
ATOM   1753 H HZ3  . LYS A 1 108 ? -4.885  -13.803 9.128   1.00 0.00 ? 108 LYS A HZ3  1 
ATOM   1754 N N    . ILE A 1 109 ? -1.638  -10.735 9.784   1.00 0.00 ? 109 ILE A N    1 
ATOM   1755 C CA   . ILE A 1 109 ? -0.411  -10.764 10.553  1.00 0.00 ? 109 ILE A CA   1 
ATOM   1756 C C    . ILE A 1 109 ? 0.553   -11.783 9.941   1.00 0.00 ? 109 ILE A C    1 
ATOM   1757 O O    . ILE A 1 109 ? 0.928   -11.706 8.777   1.00 0.00 ? 109 ILE A O    1 
ATOM   1758 C CB   . ILE A 1 109 ? -0.723  -11.136 12.002  1.00 0.00 ? 109 ILE A CB   1 
ATOM   1759 C CG1  . ILE A 1 109 ? -1.834  -10.276 12.575  1.00 0.00 ? 109 ILE A CG1  1 
ATOM   1760 C CG2  . ILE A 1 109 ? 0.527   -10.996 12.871  1.00 0.00 ? 109 ILE A CG2  1 
ATOM   1761 C CD1  . ILE A 1 109 ? -3.204  -10.648 12.004  1.00 0.00 ? 109 ILE A CD1  1 
ATOM   1762 H H    . ILE A 1 109 ? -2.373  -11.399 9.956   1.00 0.00 ? 109 ILE A H    1 
ATOM   1763 H HA   . ILE A 1 109 ? 0.032   -9.767  10.494  1.00 0.00 ? 109 ILE A HA   1 
ATOM   1764 H HB   . ILE A 1 109 ? -1.048  -12.178 12.028  1.00 0.00 ? 109 ILE A HB   1 
ATOM   1765 H HG12 . ILE A 1 109 ? -1.840  -10.414 13.649  1.00 0.00 ? 109 ILE A HG12 1 
ATOM   1766 H HG13 . ILE A 1 109 ? -1.626  -9.223  12.388  1.00 0.00 ? 109 ILE A HG13 1 
ATOM   1767 H HG21 . ILE A 1 109 ? 1.255   -10.335 12.401  1.00 0.00 ? 109 ILE A HG21 1 
ATOM   1768 H HG22 . ILE A 1 109 ? 0.276   -10.578 13.846  1.00 0.00 ? 109 ILE A HG22 1 
ATOM   1769 H HG23 . ILE A 1 109 ? 1.004   -11.962 13.035  1.00 0.00 ? 109 ILE A HG23 1 
ATOM   1770 H HD11 . ILE A 1 109 ? -3.234  -11.699 11.715  1.00 0.00 ? 109 ILE A HD11 1 
ATOM   1771 H HD12 . ILE A 1 109 ? -3.989  -10.479 12.740  1.00 0.00 ? 109 ILE A HD12 1 
ATOM   1772 H HD13 . ILE A 1 109 ? -3.437  -10.049 11.124  1.00 0.00 ? 109 ILE A HD13 1 
ATOM   1773 N N    . GLY A 1 110 ? 0.920   -12.737 10.815  1.00 0.00 ? 110 GLY A N    1 
ATOM   1774 C CA   . GLY A 1 110 ? 1.833   -13.777 10.380  1.00 0.00 ? 110 GLY A CA   1 
ATOM   1775 C C    . GLY A 1 110 ? 1.297   -15.163 10.742  1.00 0.00 ? 110 GLY A C    1 
ATOM   1776 O O    . GLY A 1 110 ? 0.404   -15.700 10.100  1.00 0.00 ? 110 GLY A O    1 
ATOM   1777 H H    . GLY A 1 110 ? 0.563   -12.720 11.759  1.00 0.00 ? 110 GLY A H    1 
ATOM   1778 H HA2  . GLY A 1 110 ? 1.951   -13.682 9.301   1.00 0.00 ? 110 GLY A HA2  1 
ATOM   1779 H HA3  . GLY A 1 110 ? 2.793   -13.598 10.864  1.00 0.00 ? 110 GLY A HA3  1 
ATOM   1780 N N    . THR A 1 111 ? 1.907   -15.697 11.817  1.00 0.00 ? 111 THR A N    1 
ATOM   1781 C CA   . THR A 1 111 ? 1.507   -16.999 12.272  1.00 0.00 ? 111 THR A CA   1 
ATOM   1782 C C    . THR A 1 111 ? 0.352   -16.861 13.269  1.00 0.00 ? 111 THR A C    1 
ATOM   1783 O O    . THR A 1 111 ? -0.817  -16.983 12.923  1.00 0.00 ? 111 THR A O    1 
ATOM   1784 C CB   . THR A 1 111 ? 2.730   -17.664 12.910  1.00 0.00 ? 111 THR A CB   1 
ATOM   1785 O OG1  . THR A 1 111 ? 3.885   -16.896 12.659  1.00 0.00 ? 111 THR A OG1  1 
ATOM   1786 C CG2  . THR A 1 111 ? 2.939   -19.056 12.363  1.00 0.00 ? 111 THR A CG2  1 
ATOM   1787 H H    . THR A 1 111 ? 2.650   -15.227 12.276  1.00 0.00 ? 111 THR A H    1 
ATOM   1788 H HA   . THR A 1 111 ? 1.167   -17.559 11.400  1.00 0.00 ? 111 THR A HA   1 
ATOM   1789 H HB   . THR A 1 111 ? 2.615   -17.713 13.983  1.00 0.00 ? 111 THR A HB   1 
ATOM   1790 H HG1  . THR A 1 111 ? 3.719   -16.407 11.865  1.00 0.00 ? 111 THR A HG1  1 
ATOM   1791 H HG21 . THR A 1 111 ? 3.094   -19.022 11.286  1.00 0.00 ? 111 THR A HG21 1 
ATOM   1792 H HG22 . THR A 1 111 ? 3.809   -19.520 12.821  1.00 0.00 ? 111 THR A HG22 1 
ATOM   1793 H HG23 . THR A 1 111 ? 2.071   -19.680 12.564  1.00 0.00 ? 111 THR A HG23 1 
ATOM   1794 N N    . GLN A 1 112 ? 0.760   -16.601 14.518  1.00 0.00 ? 112 GLN A N    1 
ATOM   1795 C CA   . GLN A 1 112 ? -0.225  -16.443 15.557  1.00 0.00 ? 112 GLN A CA   1 
ATOM   1796 C C    . GLN A 1 112 ? -0.319  -14.969 15.954  1.00 0.00 ? 112 GLN A C    1 
ATOM   1797 O O    . GLN A 1 112 ? 0.088   -14.634 17.066  1.00 0.00 ? 112 GLN A O    1 
ATOM   1798 C CB   . GLN A 1 112 ? 0.173   -17.294 16.760  1.00 0.00 ? 112 GLN A CB   1 
ATOM   1799 C CG   . GLN A 1 112 ? -0.054  -18.782 16.492  1.00 0.00 ? 112 GLN A CG   1 
ATOM   1800 C CD   . GLN A 1 112 ? 0.370   -19.602 17.713  1.00 0.00 ? 112 GLN A CD   1 
ATOM   1801 O OE1  . GLN A 1 112 ? 0.481   -19.098 18.824  1.00 0.00 ? 112 GLN A OE1  1 
ATOM   1802 N NE2  . GLN A 1 112 ? 0.596   -20.896 17.425  1.00 0.00 ? 112 GLN A NE2  1 
ATOM   1803 O OXT  . GLN A 1 112 ? -0.797  -14.173 15.149  1.00 0.00 ? 112 GLN A OXT  1 
ATOM   1804 H H    . GLN A 1 112 ? 1.732   -16.542 14.728  1.00 0.00 ? 112 GLN A H    1 
ATOM   1805 H HA   . GLN A 1 112 ? -1.176  -16.772 15.140  1.00 0.00 ? 112 GLN A HA   1 
ATOM   1806 H HB2  . GLN A 1 112 ? 1.222   -17.121 16.999  1.00 0.00 ? 112 GLN A HB2  1 
ATOM   1807 H HB3  . GLN A 1 112 ? -0.399  -16.986 17.627  1.00 0.00 ? 112 GLN A HB3  1 
ATOM   1808 H HG2  . GLN A 1 112 ? -1.105  -18.979 16.280  1.00 0.00 ? 112 GLN A HG2  1 
ATOM   1809 H HG3  . GLN A 1 112 ? 0.526   -19.110 15.629  1.00 0.00 ? 112 GLN A HG3  1 
ATOM   1810 H HE21 . GLN A 1 112 ? 0.485   -21.238 16.492  1.00 0.00 ? 112 GLN A HE21 1 
ATOM   1811 H HE22 . GLN A 1 112 ? 0.879   -21.536 18.139  1.00 0.00 ? 112 GLN A HE22 1 
HETATM 1812 C C    . ACE B 2 1   ? -8.997  0.139   -12.021 1.00 0.00 ? 0   ACE B C    1 
HETATM 1813 O O    . ACE B 2 1   ? -9.503  1.247   -11.893 1.00 0.00 ? 0   ACE B O    1 
HETATM 1814 C CH3  . ACE B 2 1   ? -8.180  -0.240  -13.252 1.00 0.00 ? 0   ACE B CH3  1 
HETATM 1815 H H1   . ACE B 2 1   ? -7.351  -0.885  -12.963 1.00 0.00 ? 0   ACE B H1   1 
HETATM 1816 H H2   . ACE B 2 1   ? -8.808  -0.771  -13.967 1.00 0.00 ? 0   ACE B H2   1 
HETATM 1817 H H3   . ACE B 2 1   ? -7.783  0.656   -13.725 1.00 0.00 ? 0   ACE B H3   1 
ATOM   1818 N N    . THR B 2 2   ? -9.080  -0.857  -11.127 1.00 0.00 ? 1   THR B N    1 
ATOM   1819 C CA   . THR B 2 2   ? -9.701  -0.585  -9.848  1.00 0.00 ? 1   THR B CA   1 
ATOM   1820 C C    . THR B 2 2   ? -8.753  0.259   -9.003  1.00 0.00 ? 1   THR B C    1 
ATOM   1821 O O    . THR B 2 2   ? -7.973  -0.245  -8.204  1.00 0.00 ? 1   THR B O    1 
ATOM   1822 C CB   . THR B 2 2   ? -10.009 -1.903  -9.147  1.00 0.00 ? 1   THR B CB   1 
ATOM   1823 O OG1  . THR B 2 2   ? -11.332 -2.291  -9.427  1.00 0.00 ? 1   THR B OG1  1 
ATOM   1824 C CG2  . THR B 2 2   ? -9.816  -1.803  -7.633  1.00 0.00 ? 1   THR B CG2  1 
ATOM   1825 H H    . THR B 2 2   ? -8.716  -1.765  -11.337 1.00 0.00 ? 1   THR B H    1 
ATOM   1826 H HA   . THR B 2 2   ? -10.614 -0.018  -10.045 1.00 0.00 ? 1   THR B HA   1 
ATOM   1827 H HB   . THR B 2 2   ? -9.354  -2.673  -9.541  1.00 0.00 ? 1   THR B HB   1 
ATOM   1828 H HG1  . THR B 2 2   ? -11.282 -3.125  -9.875  1.00 0.00 ? 1   THR B HG1  1 
ATOM   1829 H HG21 . THR B 2 2   ? -10.048 -0.796  -7.281  1.00 0.00 ? 1   THR B HG21 1 
ATOM   1830 H HG22 . THR B 2 2   ? -10.461 -2.502  -7.111  1.00 0.00 ? 1   THR B HG22 1 
ATOM   1831 H HG23 . THR B 2 2   ? -8.783  -2.022  -7.359  1.00 0.00 ? 1   THR B HG23 1 
HETATM 1832 N N    . PTR B 2 3   ? -8.847  1.570   -9.245  1.00 0.00 ? 2   PTR B N    1 
HETATM 1833 C CA   . PTR B 2 3   ? -7.975  2.452   -8.492  1.00 0.00 ? 2   PTR B CA   1 
HETATM 1834 C C    . PTR B 2 3   ? -8.620  3.794   -8.234  1.00 0.00 ? 2   PTR B C    1 
HETATM 1835 O O    . PTR B 2 3   ? -8.758  4.642   -9.108  1.00 0.00 ? 2   PTR B O    1 
HETATM 1836 C CB   . PTR B 2 3   ? -6.658  2.616   -9.230  1.00 0.00 ? 2   PTR B CB   1 
HETATM 1837 C CG   . PTR B 2 3   ? -6.043  1.276   -9.343  1.00 0.00 ? 2   PTR B CG   1 
HETATM 1838 C CD1  . PTR B 2 3   ? -5.354  0.722   -8.240  1.00 0.00 ? 2   PTR B CD1  1 
HETATM 1839 C CD2  . PTR B 2 3   ? -6.292  0.485   -10.489 1.00 0.00 ? 2   PTR B CD2  1 
HETATM 1840 C CE1  . PTR B 2 3   ? -4.925  -0.609  -8.273  1.00 0.00 ? 2   PTR B CE1  1 
HETATM 1841 C CE2  . PTR B 2 3   ? -5.868  -0.849  -10.530 1.00 0.00 ? 2   PTR B CE2  1 
HETATM 1842 C CZ   . PTR B 2 3   ? -5.183  -1.392  -9.422  1.00 0.00 ? 2   PTR B CZ   1 
HETATM 1843 O OH   . PTR B 2 3   ? -4.754  -2.731  -9.472  1.00 0.00 ? 2   PTR B OH   1 
HETATM 1844 P P    . PTR B 2 3   ? -4.380  -3.458  -8.140  1.00 0.00 ? 2   PTR B P    1 
HETATM 1845 O O1P  . PTR B 2 3   ? -2.874  -3.151  -7.934  1.00 0.00 ? 2   PTR B O1P  1 
HETATM 1846 O O2P  . PTR B 2 3   ? -4.551  -4.966  -8.455  1.00 0.00 ? 2   PTR B O2P  1 
HETATM 1847 O O3P  . PTR B 2 3   ? -5.223  -3.011  -6.982  1.00 0.00 ? 2   PTR B O3P  1 
HETATM 1848 H H    . PTR B 2 3   ? -9.462  1.915   -9.936  1.00 0.00 ? 2   PTR B H    1 
HETATM 1849 H HA   . PTR B 2 3   ? -7.804  1.961   -7.533  1.00 0.00 ? 2   PTR B HA   1 
HETATM 1850 H HB2  . PTR B 2 3   ? -6.818  3.030   -10.225 1.00 0.00 ? 2   PTR B HB2  1 
HETATM 1851 H HB3  . PTR B 2 3   ? -5.989  3.284   -8.689  1.00 0.00 ? 2   PTR B HB3  1 
HETATM 1852 H HD1  . PTR B 2 3   ? -5.181  1.316   -7.356  1.00 0.00 ? 2   PTR B HD1  1 
HETATM 1853 H HD2  . PTR B 2 3   ? -6.839  0.899   -11.320 1.00 0.00 ? 2   PTR B HD2  1 
HETATM 1854 H HE1  . PTR B 2 3   ? -4.438  -1.026  -7.414  1.00 0.00 ? 2   PTR B HE1  1 
HETATM 1855 H HE2  . PTR B 2 3   ? -6.114  -1.454  -11.380 1.00 0.00 ? 2   PTR B HE2  1 
ATOM   1856 N N    . GLU B 2 4   ? -8.997  3.912   -6.960  1.00 0.00 ? 3   GLU B N    1 
ATOM   1857 C CA   . GLU B 2 4   ? -9.592  5.156   -6.536  1.00 0.00 ? 3   GLU B CA   1 
ATOM   1858 C C    . GLU B 2 4   ? -8.665  6.285   -6.953  1.00 0.00 ? 3   GLU B C    1 
ATOM   1859 O O    . GLU B 2 4   ? -7.530  6.066   -7.356  1.00 0.00 ? 3   GLU B O    1 
ATOM   1860 C CB   . GLU B 2 4   ? -9.809  5.134   -5.042  1.00 0.00 ? 3   GLU B CB   1 
ATOM   1861 C CG   . GLU B 2 4   ? -10.822 4.063   -4.662  1.00 0.00 ? 3   GLU B CG   1 
ATOM   1862 C CD   . GLU B 2 4   ? -11.903 3.920   -5.738  1.00 0.00 ? 3   GLU B CD   1 
ATOM   1863 O OE1  . GLU B 2 4   ? -11.678 3.188   -6.701  1.00 0.00 ? 3   GLU B OE1  1 
ATOM   1864 O OE2  . GLU B 2 4   ? -12.955 4.541   -5.600  1.00 0.00 ? 3   GLU B OE2  1 
ATOM   1865 H H    . GLU B 2 4   ? -8.866  3.146   -6.319  1.00 0.00 ? 3   GLU B H    1 
ATOM   1866 H HA   . GLU B 2 4   ? -10.533 5.262   -7.044  1.00 0.00 ? 3   GLU B HA   1 
ATOM   1867 H HB2  . GLU B 2 4   ? -8.868  4.943   -4.536  1.00 0.00 ? 3   GLU B HB2  1 
ATOM   1868 H HB3  . GLU B 2 4   ? -10.159 6.110   -4.707  1.00 0.00 ? 3   GLU B HB3  1 
ATOM   1869 H HG2  . GLU B 2 4   ? -10.332 3.103   -4.523  1.00 0.00 ? 3   GLU B HG2  1 
ATOM   1870 H HG3  . GLU B 2 4   ? -11.292 4.326   -3.740  1.00 0.00 ? 3   GLU B HG3  1 
ATOM   1871 N N    . THR B 2 5   ? -9.213  7.501   -6.840  1.00 0.00 ? 4   THR B N    1 
ATOM   1872 C CA   . THR B 2 5   ? -8.405  8.628   -7.241  1.00 0.00 ? 4   THR B CA   1 
ATOM   1873 C C    . THR B 2 5   ? -7.881  9.362   -6.024  1.00 0.00 ? 4   THR B C    1 
ATOM   1874 O O    . THR B 2 5   ? -8.604  9.976   -5.250  1.00 0.00 ? 4   THR B O    1 
ATOM   1875 C CB   . THR B 2 5   ? -9.218  9.556   -8.131  1.00 0.00 ? 4   THR B CB   1 
ATOM   1876 O OG1  . THR B 2 5   ? -10.565 9.546   -7.720  1.00 0.00 ? 4   THR B OG1  1 
ATOM   1877 C CG2  . THR B 2 5   ? -9.131  9.153   -9.604  1.00 0.00 ? 4   THR B CG2  1 
ATOM   1878 H H    . THR B 2 5   ? -10.139 7.624   -6.490  1.00 0.00 ? 4   THR B H    1 
ATOM   1879 H HA   . THR B 2 5   ? -7.539  8.215   -7.778  1.00 0.00 ? 4   THR B HA   1 
ATOM   1880 H HB   . THR B 2 5   ? -8.854  10.569  -8.011  1.00 0.00 ? 4   THR B HB   1 
ATOM   1881 H HG1  . THR B 2 5   ? -10.844 10.451  -7.676  1.00 0.00 ? 4   THR B HG1  1 
ATOM   1882 H HG21 . THR B 2 5   ? -8.096  9.165   -9.948  1.00 0.00 ? 4   THR B HG21 1 
ATOM   1883 H HG22 . THR B 2 5   ? -9.526  8.150   -9.757  1.00 0.00 ? 4   THR B HG22 1 
ATOM   1884 H HG23 . THR B 2 5   ? -9.701  9.839   -10.230 1.00 0.00 ? 4   THR B HG23 1 
ATOM   1885 N N    . LEU B 2 6   ? -6.558  9.227   -5.938  1.00 0.00 ? 5   LEU B N    1 
ATOM   1886 C CA   . LEU B 2 6   ? -5.836  9.831   -4.867  1.00 0.00 ? 5   LEU B CA   1 
ATOM   1887 C C    . LEU B 2 6   ? -5.874  11.353  -5.013  1.00 0.00 ? 5   LEU B C    1 
ATOM   1888 O O    . LEU B 2 6   ? -4.902  11.990  -5.397  1.00 0.00 ? 5   LEU B O    1 
ATOM   1889 C CB   . LEU B 2 6   ? -4.412  9.317   -4.940  1.00 0.00 ? 5   LEU B CB   1 
ATOM   1890 C CG   . LEU B 2 6   ? -4.087  8.539   -3.693  1.00 0.00 ? 5   LEU B CG   1 
ATOM   1891 C CD1  . LEU B 2 6   ? -3.165  7.373   -3.986  1.00 0.00 ? 5   LEU B CD1  1 
ATOM   1892 C CD2  . LEU B 2 6   ? -3.443  9.463   -2.702  1.00 0.00 ? 5   LEU B CD2  1 
ATOM   1893 H H    . LEU B 2 6   ? -6.067  8.696   -6.626  1.00 0.00 ? 5   LEU B H    1 
ATOM   1894 H HA   . LEU B 2 6   ? -6.309  9.519   -3.925  1.00 0.00 ? 5   LEU B HA   1 
ATOM   1895 H HB2  . LEU B 2 6   ? -4.288  8.681   -5.818  1.00 0.00 ? 5   LEU B HB2  1 
ATOM   1896 H HB3  . LEU B 2 6   ? -3.727  10.151  -5.048  1.00 0.00 ? 5   LEU B HB3  1 
ATOM   1897 H HG   . LEU B 2 6   ? -5.016  8.160   -3.276  1.00 0.00 ? 5   LEU B HG   1 
ATOM   1898 H HD11 . LEU B 2 6   ? -3.350  6.977   -4.980  1.00 0.00 ? 5   LEU B HD11 1 
ATOM   1899 H HD12 . LEU B 2 6   ? -2.124  7.686   -3.930  1.00 0.00 ? 5   LEU B HD12 1 
ATOM   1900 H HD13 . LEU B 2 6   ? -3.318  6.573   -3.263  1.00 0.00 ? 5   LEU B HD13 1 
ATOM   1901 H HD21 . LEU B 2 6   ? -3.892  10.448  -2.756  1.00 0.00 ? 5   LEU B HD21 1 
ATOM   1902 H HD22 . LEU B 2 6   ? -3.564  9.092   -1.705  1.00 0.00 ? 5   LEU B HD22 1 
ATOM   1903 H HD23 . LEU B 2 6   ? -2.381  9.558   -2.905  1.00 0.00 ? 5   LEU B HD23 1 
HETATM 1904 N N    . NH2 B 2 7   ? -7.065  11.887  -4.684  1.00 0.00 ? 6   NH2 B N    1 
HETATM 1905 H HN1  . NH2 B 2 7   ? -7.817  11.305  -4.373  1.00 0.00 ? 6   NH2 B HN1  1 
HETATM 1906 H HN2  . NH2 B 2 7   ? -7.217  12.873  -4.746  1.00 0.00 ? 6   NH2 B HN2  1 
# 
